data_1S78
#
_entry.id   1S78
#
_cell.length_a   139.412
_cell.length_b   139.412
_cell.length_c   356.873
_cell.angle_alpha   90.00
_cell.angle_beta   90.00
_cell.angle_gamma   90.00
#
_symmetry.space_group_name_H-M   'P 43 21 2'
#
loop_
_entity.id
_entity.type
_entity.pdbx_description
1 polymer 'Receptor protein-tyrosine kinase erbB-2'
2 polymer 'Pertuzumab Fab light chain'
3 polymer 'Pertuzumab Fab heavy chain'
4 branched 2-acetamido-2-deoxy-beta-D-glucopyranose-(1-4)-2-acetamido-2-deoxy-beta-D-glucopyranose
5 branched beta-D-mannopyranose-(1-4)-2-acetamido-2-deoxy-beta-D-glucopyranose-(1-4)-2-acetamido-2-deoxy-beta-D-glucopyranose
6 non-polymer 2-acetamido-2-deoxy-beta-D-glucopyranose
#
loop_
_entity_poly.entity_id
_entity_poly.type
_entity_poly.pdbx_seq_one_letter_code
_entity_poly.pdbx_strand_id
1 'polypeptide(L)'
;TQVCTGTDMKLRLPASPETHLDMLRHLYQGCQVVQGNLELTYLPTNASLSFLQDIQEVQGYVLIAHNQVRQVPLQRLRIV
RGTQLFEDNYALAVLDNGDPLNNTTPVTGASPGGLRELQLRSLTEILKGGVLIQRNPQLCYQDTILWKDIFHKNNQLALT
LIDTNRSRACHPCSPMCKGSRCWGESSEDCQSLTRTVCAGGCARCKGPLPTDCCHEQCAAGCTGPKHSDCLACLHFNHSG
ICELHCPALVTYNTDTFESMPNPEGRYTFGASCVTACPYNYLSTDVGSCTLVCPLHNQEVTAEDGTQRCEKCSKPCARVC
YGLGMEHLREVRAVTSANIQEFAGCKKIFGSLAFLPESFDGDPASNTAPLQPEQLQVFETLEEITGYLYISAWPDSLPDL
SVFQNLQVIRGRILHNGAYSLTLQGLGISWLGLRSLRELGSGLALIHHNTHLCFVHTVPWDQLFRNPHQALLHTANRPED
ECVGEGLACHQLCARGHCWGPGPTQCVNCSQFLRGQECVEECRVLQGLPREYVNARHCLPCHPECQPQNGSVTCFGPEAD
QCVACAHYKDPPFCVARCPSGVKPDLSYMPIWKFPDEEGACQPCPINCTHSCVDLDDKGCPAEQ
;
A,B
2 'polypeptide(L)'
;DIQMTQSPSSLSASVGDRVTITCKASQDVSIGVAWYQQKPGKAPKLLIYSASYRYTGVPSRFSGSGSGTDFTLTISSLQP
EDFATYYCQQYYIYPYTFGQGTKVEIKRTVAAPSVFIFPPSDEQLKSGTASVVCLLNNFYPREAKVQWKVDNALQSGNSQ
ESVTEQDSKDSTYSLSSTLTLSKADYEKHKVYACEVTHQGLSSPVTKSFNRGEC
;
C,E
3 'polypeptide(L)'
;EVQLVESGGGLVQPGGSLRLSCAASGFTFTDYTMDWVRQAPGKGLEWVADVNPNSGGSIYNQRFKGRFTLSVDRSKNTLY
LQMNSLRAEDTAVYYCARNLGPSFYFDYWGQGTLVTVSSASTKGPSVFPLAPSSKSTSGGTAALGCLVKDYFPEPVTVSW
NSGALTSGVHTFPAVLQSSGLYSLSSVVTVPSSSLGTQTYICNVNHKPSNTKVDKKVEPKSCDKTH
;
D,F
#
# COMPACT_ATOMS: atom_id res chain seq x y z
N THR A 1 -3.39 -42.01 -7.99
CA THR A 1 -3.70 -40.95 -8.98
C THR A 1 -2.88 -39.70 -8.68
N GLN A 2 -1.94 -39.41 -9.58
CA GLN A 2 -0.92 -38.39 -9.34
C GLN A 2 -1.30 -36.95 -9.72
N VAL A 3 -2.25 -36.77 -10.65
CA VAL A 3 -2.54 -35.44 -11.21
C VAL A 3 -3.91 -34.87 -10.81
N CYS A 4 -3.95 -33.60 -10.41
CA CYS A 4 -5.20 -32.95 -9.96
C CYS A 4 -5.29 -31.47 -10.33
N THR A 5 -6.52 -30.93 -10.38
CA THR A 5 -6.73 -29.52 -10.68
C THR A 5 -6.78 -28.69 -9.43
N GLY A 6 -6.01 -27.62 -9.41
CA GLY A 6 -6.02 -26.67 -8.31
C GLY A 6 -7.17 -25.69 -8.42
N THR A 7 -7.21 -24.75 -7.48
CA THR A 7 -8.30 -23.79 -7.36
C THR A 7 -8.01 -22.45 -8.05
N ASP A 8 -9.03 -21.58 -8.06
CA ASP A 8 -8.91 -20.22 -8.54
C ASP A 8 -9.84 -19.29 -7.77
N MET A 9 -9.50 -19.05 -6.51
CA MET A 9 -10.31 -18.24 -5.62
C MET A 9 -9.55 -17.06 -5.04
N LYS A 10 -8.22 -17.11 -5.14
CA LYS A 10 -7.39 -16.03 -4.63
C LYS A 10 -7.72 -15.76 -3.16
N LEU A 11 -7.77 -14.48 -2.81
CA LEU A 11 -8.01 -14.06 -1.43
C LEU A 11 -9.50 -13.98 -1.06
N ARG A 12 -10.37 -14.24 -2.03
CA ARG A 12 -11.80 -14.34 -1.74
C ARG A 12 -11.98 -15.33 -0.59
N LEU A 13 -12.94 -15.08 0.30
CA LEU A 13 -13.09 -15.99 1.43
C LEU A 13 -14.19 -17.04 1.24
N PRO A 14 -13.98 -18.24 1.80
CA PRO A 14 -14.75 -19.43 1.44
C PRO A 14 -16.23 -19.26 1.66
N ALA A 15 -17.01 -19.57 0.65
CA ALA A 15 -18.44 -19.29 0.64
C ALA A 15 -19.13 -20.08 1.73
N SER A 16 -18.54 -21.24 2.05
CA SER A 16 -19.02 -22.08 3.13
C SER A 16 -17.79 -22.57 3.91
N PRO A 17 -17.53 -21.92 5.04
CA PRO A 17 -16.30 -22.14 5.81
C PRO A 17 -16.26 -23.52 6.46
N GLU A 18 -17.42 -24.04 6.84
CA GLU A 18 -17.48 -25.32 7.54
C GLU A 18 -17.00 -26.48 6.69
N THR A 19 -17.15 -26.36 5.37
CA THR A 19 -16.68 -27.40 4.45
C THR A 19 -15.43 -27.00 3.64
N HIS A 20 -14.73 -25.97 4.09
CA HIS A 20 -13.61 -25.45 3.32
C HIS A 20 -12.41 -26.38 3.34
N LEU A 21 -12.09 -26.89 4.52
CA LEU A 21 -10.95 -27.79 4.70
C LEU A 21 -11.24 -29.12 4.02
N ASP A 22 -12.49 -29.58 4.12
CA ASP A 22 -12.92 -30.80 3.46
C ASP A 22 -12.78 -30.73 1.93
N MET A 23 -13.09 -29.57 1.34
CA MET A 23 -12.86 -29.34 -0.08
C MET A 23 -11.39 -29.54 -0.42
N LEU A 24 -10.52 -28.95 0.39
CA LEU A 24 -9.09 -28.98 0.18
C LEU A 24 -8.55 -30.40 0.29
N ARG A 25 -9.03 -31.13 1.28
CA ARG A 25 -8.65 -32.51 1.48
C ARG A 25 -8.95 -33.29 0.21
N HIS A 26 -10.19 -33.24 -0.24
CA HIS A 26 -10.64 -33.99 -1.41
C HIS A 26 -9.85 -33.62 -2.65
N LEU A 27 -9.48 -32.36 -2.76
CA LEU A 27 -8.78 -31.88 -3.94
C LEU A 27 -7.40 -32.47 -4.06
N TYR A 28 -6.62 -32.40 -2.98
CA TYR A 28 -5.19 -32.64 -3.03
C TYR A 28 -4.74 -33.96 -2.42
N GLN A 29 -5.64 -34.65 -1.74
CA GLN A 29 -5.37 -35.95 -1.13
C GLN A 29 -4.66 -36.87 -2.11
N GLY A 30 -3.41 -37.19 -1.80
CA GLY A 30 -2.60 -38.08 -2.63
C GLY A 30 -2.29 -37.63 -4.04
N CYS A 31 -2.34 -36.32 -4.29
CA CYS A 31 -2.03 -35.75 -5.58
C CYS A 31 -0.62 -35.14 -5.55
N GLN A 32 0.12 -35.31 -6.66
CA GLN A 32 1.54 -34.94 -6.76
C GLN A 32 1.83 -33.82 -7.74
N VAL A 33 1.09 -33.81 -8.84
CA VAL A 33 1.14 -32.72 -9.82
C VAL A 33 -0.17 -31.94 -9.75
N VAL A 34 -0.07 -30.63 -9.56
CA VAL A 34 -1.24 -29.80 -9.39
C VAL A 34 -1.38 -28.88 -10.59
N GLN A 35 -2.23 -29.25 -11.54
CA GLN A 35 -2.56 -28.39 -12.68
C GLN A 35 -3.26 -27.16 -12.15
N GLY A 36 -2.75 -25.98 -12.44
CA GLY A 36 -3.35 -24.77 -11.91
C GLY A 36 -2.73 -24.37 -10.60
N ASN A 37 -3.46 -23.64 -9.76
CA ASN A 37 -2.86 -22.97 -8.60
C ASN A 37 -3.19 -23.58 -7.26
N LEU A 38 -2.16 -23.78 -6.44
CA LEU A 38 -2.33 -24.27 -5.09
C LEU A 38 -2.61 -23.06 -4.21
N GLU A 39 -3.87 -22.94 -3.81
CA GLU A 39 -4.32 -21.81 -3.01
C GLU A 39 -4.73 -22.38 -1.68
N LEU A 40 -3.94 -22.06 -0.66
CA LEU A 40 -4.23 -22.49 0.72
C LEU A 40 -4.53 -21.27 1.57
N THR A 41 -5.82 -20.96 1.72
CA THR A 41 -6.23 -19.77 2.47
C THR A 41 -7.27 -20.04 3.53
N TYR A 42 -7.20 -19.29 4.62
CA TYR A 42 -8.23 -19.28 5.67
C TYR A 42 -8.29 -20.57 6.49
N LEU A 43 -7.14 -21.22 6.62
CA LEU A 43 -7.05 -22.44 7.41
C LEU A 43 -6.84 -22.14 8.89
N PRO A 44 -7.77 -22.61 9.72
CA PRO A 44 -7.75 -22.34 11.17
C PRO A 44 -6.59 -22.98 11.91
N THR A 45 -6.43 -22.59 13.17
CA THR A 45 -5.20 -22.78 13.95
C THR A 45 -4.74 -24.23 14.02
N ASN A 46 -5.70 -25.15 13.95
CA ASN A 46 -5.51 -26.55 14.28
C ASN A 46 -5.50 -27.47 13.06
N ALA A 47 -6.13 -27.00 11.99
CA ALA A 47 -6.24 -27.71 10.71
C ALA A 47 -5.13 -28.69 10.39
N SER A 48 -5.50 -29.96 10.25
CA SER A 48 -4.59 -31.01 9.78
C SER A 48 -4.45 -30.95 8.25
N LEU A 49 -3.28 -30.53 7.79
CA LEU A 49 -3.01 -30.41 6.37
C LEU A 49 -2.14 -31.56 5.84
N SER A 50 -2.16 -32.66 6.57
CA SER A 50 -1.40 -33.84 6.18
C SER A 50 -1.57 -34.17 4.70
N PHE A 51 -2.76 -33.94 4.12
CA PHE A 51 -3.05 -34.35 2.75
C PHE A 51 -2.17 -33.67 1.68
N LEU A 52 -1.43 -32.65 2.08
CA LEU A 52 -0.61 -31.92 1.13
C LEU A 52 0.77 -32.53 0.95
N GLN A 53 1.10 -33.52 1.77
CA GLN A 53 2.48 -34.03 1.84
C GLN A 53 2.97 -34.77 0.61
N ASP A 54 2.16 -34.78 -0.45
CA ASP A 54 2.49 -35.53 -1.67
C ASP A 54 2.69 -34.68 -2.93
N ILE A 55 2.52 -33.37 -2.81
CA ILE A 55 2.61 -32.46 -3.95
C ILE A 55 4.07 -32.21 -4.30
N GLN A 56 4.43 -32.53 -5.54
CA GLN A 56 5.79 -32.31 -6.03
C GLN A 56 5.85 -31.06 -6.88
N GLU A 57 4.77 -30.83 -7.60
CA GLU A 57 4.75 -29.85 -8.68
C GLU A 57 3.48 -29.04 -8.65
N VAL A 58 3.63 -27.72 -8.71
CA VAL A 58 2.48 -26.83 -8.89
C VAL A 58 2.63 -26.08 -10.22
N GLN A 59 1.66 -26.27 -11.11
CA GLN A 59 1.69 -25.73 -12.48
C GLN A 59 1.55 -24.21 -12.55
N GLY A 60 0.69 -23.67 -11.68
CA GLY A 60 0.38 -22.26 -11.63
C GLY A 60 1.22 -21.56 -10.61
N TYR A 61 0.57 -20.94 -9.62
CA TYR A 61 1.26 -20.28 -8.52
C TYR A 61 0.85 -20.91 -7.20
N VAL A 62 1.61 -20.62 -6.15
CA VAL A 62 1.27 -21.07 -4.82
C VAL A 62 0.90 -19.85 -4.02
N LEU A 63 -0.31 -19.87 -3.46
CA LEU A 63 -0.73 -18.82 -2.55
C LEU A 63 -1.02 -19.40 -1.18
N ILE A 64 -0.24 -18.98 -0.19
CA ILE A 64 -0.50 -19.35 1.21
C ILE A 64 -0.84 -18.06 1.94
N ALA A 65 -2.13 -17.85 2.23
CA ALA A 65 -2.54 -16.57 2.82
C ALA A 65 -3.71 -16.66 3.80
N HIS A 66 -3.73 -15.73 4.76
CA HIS A 66 -4.78 -15.64 5.77
C HIS A 66 -4.96 -16.88 6.64
N ASN A 67 -3.87 -17.58 6.91
CA ASN A 67 -3.94 -18.80 7.73
C ASN A 67 -3.44 -18.65 9.14
N GLN A 68 -4.02 -19.41 10.07
CA GLN A 68 -3.50 -19.47 11.43
C GLN A 68 -2.69 -20.71 11.74
N VAL A 69 -2.71 -21.70 10.86
CA VAL A 69 -1.88 -22.90 11.04
C VAL A 69 -0.43 -22.51 11.18
N ARG A 70 0.28 -23.20 12.09
CA ARG A 70 1.67 -22.92 12.37
C ARG A 70 2.57 -23.44 11.25
N GLN A 71 2.11 -24.52 10.61
CA GLN A 71 2.87 -25.21 9.58
C GLN A 71 1.99 -25.68 8.41
N VAL A 72 2.40 -25.39 7.19
CA VAL A 72 1.81 -26.11 6.05
C VAL A 72 2.88 -27.01 5.44
N PRO A 73 2.57 -28.31 5.34
CA PRO A 73 3.60 -29.34 5.16
C PRO A 73 3.97 -29.62 3.70
N LEU A 74 4.48 -28.61 3.01
CA LEU A 74 4.82 -28.73 1.60
C LEU A 74 6.28 -29.15 1.35
N GLN A 75 6.80 -30.05 2.19
CA GLN A 75 8.21 -30.45 2.14
C GLN A 75 8.63 -31.15 0.85
N ARG A 76 7.70 -31.71 0.10
CA ARG A 76 8.02 -32.43 -1.13
C ARG A 76 7.82 -31.59 -2.40
N LEU A 77 7.32 -30.36 -2.26
CA LEU A 77 7.16 -29.44 -3.38
C LEU A 77 8.52 -29.14 -3.96
N ARG A 78 8.70 -29.44 -5.25
CA ARG A 78 9.98 -29.27 -5.92
C ARG A 78 10.02 -28.13 -6.95
N ILE A 79 9.01 -28.09 -7.81
CA ILE A 79 8.95 -27.12 -8.90
C ILE A 79 7.58 -26.43 -8.89
N VAL A 80 7.59 -25.11 -9.09
CA VAL A 80 6.38 -24.37 -9.41
C VAL A 80 6.64 -23.62 -10.72
N ARG A 81 5.77 -23.88 -11.69
CA ARG A 81 6.01 -23.53 -13.08
C ARG A 81 5.62 -22.10 -13.41
N GLY A 82 4.65 -21.56 -12.70
CA GLY A 82 4.25 -20.18 -12.88
C GLY A 82 3.54 -19.90 -14.20
N THR A 83 2.75 -20.86 -14.66
CA THR A 83 1.97 -20.73 -15.88
C THR A 83 1.07 -19.52 -15.73
N GLN A 84 0.43 -19.43 -14.57
CA GLN A 84 -0.28 -18.23 -14.16
C GLN A 84 0.38 -17.78 -12.88
N LEU A 85 0.38 -16.46 -12.67
CA LEU A 85 1.04 -15.89 -11.51
C LEU A 85 0.07 -15.09 -10.66
N PHE A 86 0.14 -15.28 -9.36
CA PHE A 86 -0.61 -14.44 -8.43
C PHE A 86 -0.25 -12.99 -8.70
N GLU A 87 -1.28 -12.16 -8.82
CA GLU A 87 -1.14 -10.74 -9.12
C GLU A 87 -0.31 -10.49 -10.38
N ASP A 88 -0.34 -11.45 -11.31
CA ASP A 88 0.45 -11.44 -12.55
C ASP A 88 1.97 -11.35 -12.34
N ASN A 89 2.42 -11.60 -11.12
CA ASN A 89 3.82 -11.40 -10.81
C ASN A 89 4.44 -12.48 -9.96
N TYR A 90 3.65 -13.10 -9.11
CA TYR A 90 4.25 -13.97 -8.13
C TYR A 90 3.93 -15.44 -8.31
N ALA A 91 4.97 -16.25 -8.33
CA ALA A 91 4.84 -17.69 -8.42
C ALA A 91 4.57 -18.25 -7.04
N LEU A 92 5.14 -17.59 -6.03
CA LEU A 92 4.91 -17.96 -4.64
C LEU A 92 4.48 -16.72 -3.86
N ALA A 93 3.41 -16.83 -3.09
CA ALA A 93 2.91 -15.68 -2.34
C ALA A 93 2.44 -16.10 -0.98
N VAL A 94 3.13 -15.62 0.04
CA VAL A 94 2.81 -15.92 1.43
C VAL A 94 2.38 -14.61 2.15
N LEU A 95 1.11 -14.53 2.53
CA LEU A 95 0.54 -13.25 2.99
C LEU A 95 -0.35 -13.36 4.21
N ASP A 96 -0.31 -12.33 5.06
CA ASP A 96 -1.17 -12.21 6.25
C ASP A 96 -1.48 -13.54 6.98
N ASN A 97 -0.43 -14.30 7.29
CA ASN A 97 -0.59 -15.54 8.02
C ASN A 97 -0.33 -15.35 9.50
N GLY A 98 -1.21 -14.60 10.15
CA GLY A 98 -1.08 -14.34 11.57
C GLY A 98 -2.41 -14.42 12.27
N ASP A 99 -2.42 -14.12 13.55
CA ASP A 99 -3.69 -14.04 14.24
C ASP A 99 -4.40 -12.73 13.89
N PRO A 100 -5.70 -12.80 13.61
CA PRO A 100 -6.53 -11.60 13.45
C PRO A 100 -6.71 -10.82 14.77
N LEU A 101 -5.59 -10.36 15.34
CA LEU A 101 -5.56 -9.68 16.66
C LEU A 101 -6.68 -10.07 17.64
N SER A 111 2.13 -20.46 21.07
CA SER A 111 0.78 -20.18 21.53
C SER A 111 -0.02 -19.28 20.59
N PRO A 112 0.59 -18.22 20.04
CA PRO A 112 -0.12 -17.44 19.03
C PRO A 112 -0.14 -18.20 17.71
N GLY A 113 -1.26 -18.12 17.00
CA GLY A 113 -1.39 -18.73 15.70
C GLY A 113 -0.54 -18.04 14.65
N GLY A 114 -0.38 -18.71 13.52
CA GLY A 114 0.33 -18.15 12.40
C GLY A 114 1.51 -19.02 11.99
N LEU A 115 1.71 -19.12 10.68
CA LEU A 115 2.85 -19.77 10.05
C LEU A 115 4.18 -19.38 10.68
N ARG A 116 4.99 -20.41 11.01
CA ARG A 116 6.26 -20.23 11.72
C ARG A 116 7.52 -20.43 10.87
N GLU A 117 7.54 -21.50 10.07
CA GLU A 117 8.62 -21.74 9.12
C GLU A 117 8.03 -22.04 7.75
N LEU A 118 8.74 -21.69 6.68
CA LEU A 118 8.22 -21.98 5.34
C LEU A 118 8.35 -23.46 5.03
N GLN A 119 9.43 -24.08 5.48
CA GLN A 119 9.64 -25.53 5.35
C GLN A 119 9.50 -26.04 3.91
N LEU A 120 10.01 -25.25 2.95
CA LEU A 120 9.91 -25.60 1.52
C LEU A 120 11.20 -26.25 1.03
N ARG A 121 11.59 -27.34 1.69
CA ARG A 121 12.92 -27.91 1.54
C ARG A 121 13.23 -28.63 0.22
N SER A 122 12.22 -28.80 -0.63
CA SER A 122 12.48 -29.37 -1.96
C SER A 122 12.33 -28.34 -3.06
N LEU A 123 11.78 -27.17 -2.73
CA LEU A 123 11.59 -26.09 -3.69
C LEU A 123 12.91 -25.60 -4.25
N THR A 124 13.26 -26.15 -5.41
CA THR A 124 14.53 -25.91 -6.04
C THR A 124 14.37 -25.11 -7.33
N GLU A 125 13.15 -25.06 -7.85
CA GLU A 125 12.87 -24.44 -9.14
C GLU A 125 11.60 -23.60 -9.14
N ILE A 126 11.75 -22.33 -9.48
CA ILE A 126 10.62 -21.49 -9.86
C ILE A 126 10.87 -21.01 -11.31
N LEU A 127 10.05 -21.48 -12.24
CA LEU A 127 10.30 -21.28 -13.65
C LEU A 127 9.96 -19.89 -14.15
N LYS A 128 8.85 -19.34 -13.64
CA LYS A 128 8.31 -18.08 -14.13
C LYS A 128 7.67 -17.34 -12.98
N GLY A 129 7.94 -16.04 -12.89
CA GLY A 129 7.40 -15.23 -11.81
C GLY A 129 8.25 -15.23 -10.56
N GLY A 130 7.90 -14.36 -9.61
CA GLY A 130 8.73 -14.11 -8.45
C GLY A 130 8.13 -14.52 -7.13
N VAL A 131 8.72 -14.04 -6.03
CA VAL A 131 8.32 -14.44 -4.69
C VAL A 131 7.85 -13.24 -3.85
N LEU A 132 6.65 -13.33 -3.28
CA LEU A 132 6.07 -12.29 -2.42
C LEU A 132 5.85 -12.83 -1.01
N ILE A 133 6.51 -12.25 -0.04
CA ILE A 133 6.29 -12.64 1.36
C ILE A 133 6.04 -11.41 2.26
N GLN A 134 4.84 -11.32 2.83
CA GLN A 134 4.41 -10.12 3.54
C GLN A 134 3.39 -10.38 4.65
N ARG A 135 3.59 -9.66 5.75
CA ARG A 135 2.72 -9.73 6.92
C ARG A 135 2.51 -11.15 7.46
N ASN A 136 3.61 -11.78 7.91
CA ASN A 136 3.52 -13.07 8.59
C ASN A 136 4.32 -12.98 9.90
N PRO A 137 3.63 -12.67 10.99
CA PRO A 137 4.27 -12.17 12.21
C PRO A 137 5.04 -13.22 12.99
N GLN A 138 4.78 -14.50 12.74
CA GLN A 138 5.55 -15.55 13.40
C GLN A 138 6.50 -16.28 12.46
N LEU A 139 6.67 -15.78 11.24
CA LEU A 139 7.49 -16.46 10.25
C LEU A 139 8.98 -16.14 10.34
N CYS A 140 9.81 -17.18 10.30
CA CYS A 140 11.26 -17.06 10.43
C CYS A 140 12.01 -17.64 9.22
N TYR A 141 13.24 -17.18 9.01
CA TYR A 141 14.15 -17.76 8.02
C TYR A 141 13.88 -17.47 6.53
N GLN A 142 12.92 -16.62 6.21
CA GLN A 142 12.65 -16.31 4.79
C GLN A 142 13.70 -15.33 4.24
N ASP A 143 14.31 -14.56 5.13
CA ASP A 143 15.36 -13.61 4.73
C ASP A 143 16.70 -14.33 4.67
N THR A 144 16.64 -15.65 4.74
CA THR A 144 17.81 -16.50 4.86
C THR A 144 18.09 -17.21 3.54
N ILE A 145 17.02 -17.46 2.78
CA ILE A 145 17.07 -18.18 1.53
C ILE A 145 17.78 -17.37 0.43
N LEU A 146 18.64 -18.06 -0.33
CA LEU A 146 19.25 -17.54 -1.54
C LEU A 146 18.28 -17.69 -2.71
N TRP A 147 17.36 -16.74 -2.84
CA TRP A 147 16.27 -16.81 -3.84
C TRP A 147 16.76 -16.85 -5.30
N LYS A 148 17.88 -16.18 -5.57
CA LYS A 148 18.50 -16.21 -6.90
C LYS A 148 18.66 -17.64 -7.43
N ASP A 149 18.96 -18.58 -6.52
CA ASP A 149 19.23 -19.97 -6.88
C ASP A 149 17.97 -20.68 -7.32
N ILE A 150 16.85 -20.36 -6.69
CA ILE A 150 15.59 -21.05 -6.96
C ILE A 150 15.02 -20.66 -8.31
N PHE A 151 15.00 -19.37 -8.60
CA PHE A 151 14.52 -18.88 -9.87
C PHE A 151 15.35 -19.49 -10.99
N HIS A 152 14.69 -20.00 -12.03
CA HIS A 152 15.39 -20.52 -13.20
C HIS A 152 16.20 -19.46 -13.93
N LYS A 153 17.24 -19.91 -14.63
CA LYS A 153 18.06 -19.07 -15.49
C LYS A 153 17.22 -18.20 -16.43
N ASN A 154 16.08 -18.73 -16.86
CA ASN A 154 15.20 -18.09 -17.82
C ASN A 154 13.98 -17.37 -17.22
N ASN A 155 13.90 -17.29 -15.90
CA ASN A 155 12.78 -16.62 -15.25
C ASN A 155 12.90 -15.11 -15.38
N GLN A 156 12.06 -14.54 -16.24
CA GLN A 156 12.18 -13.13 -16.59
C GLN A 156 11.46 -12.20 -15.59
N LEU A 157 10.72 -12.81 -14.66
CA LEU A 157 10.08 -12.04 -13.61
C LEU A 157 10.58 -12.56 -12.26
N ALA A 158 11.88 -12.82 -12.22
CA ALA A 158 12.51 -13.36 -11.03
C ALA A 158 12.73 -12.24 -10.05
N LEU A 159 11.72 -11.92 -9.23
CA LEU A 159 11.89 -10.85 -8.27
C LEU A 159 11.43 -11.19 -6.86
N THR A 160 11.79 -10.34 -5.90
CA THR A 160 11.48 -10.61 -4.51
C THR A 160 10.81 -9.40 -3.90
N LEU A 161 9.79 -9.65 -3.08
CA LEU A 161 9.28 -8.64 -2.16
C LEU A 161 9.05 -9.31 -0.81
N ILE A 162 9.94 -9.03 0.13
CA ILE A 162 9.89 -9.75 1.41
C ILE A 162 9.89 -8.80 2.61
N ASP A 163 9.07 -9.16 3.59
CA ASP A 163 8.83 -8.41 4.80
C ASP A 163 9.41 -9.26 5.92
N THR A 164 10.16 -8.66 6.84
CA THR A 164 10.70 -9.43 7.97
C THR A 164 10.27 -8.84 9.29
N ASN A 165 9.08 -8.25 9.27
CA ASN A 165 8.40 -7.81 10.47
C ASN A 165 8.05 -9.07 11.23
N ARG A 166 8.35 -9.09 12.53
CA ARG A 166 8.22 -10.28 13.35
C ARG A 166 7.72 -9.97 14.76
N SER A 167 7.01 -10.91 15.36
CA SER A 167 6.58 -10.78 16.74
C SER A 167 7.25 -11.81 17.66
N ARG A 168 8.20 -12.56 17.12
CA ARG A 168 8.99 -13.49 17.91
C ARG A 168 10.47 -13.44 17.54
N ALA A 169 11.35 -13.79 18.48
CA ALA A 169 12.77 -13.90 18.18
C ALA A 169 13.04 -15.23 17.48
N CYS A 170 13.78 -15.18 16.38
CA CYS A 170 14.14 -16.40 15.64
C CYS A 170 15.31 -17.09 16.32
N HIS A 171 15.40 -18.40 16.16
CA HIS A 171 16.62 -19.12 16.52
C HIS A 171 17.49 -19.20 15.27
N PRO A 172 18.81 -19.42 15.40
CA PRO A 172 19.67 -19.56 14.22
C PRO A 172 19.34 -20.85 13.48
N CYS A 173 19.83 -21.01 12.26
CA CYS A 173 19.68 -22.27 11.54
C CYS A 173 20.44 -23.38 12.26
N SER A 174 20.12 -24.63 11.93
CA SER A 174 20.91 -25.74 12.45
C SER A 174 22.38 -25.47 12.15
N PRO A 175 23.24 -25.73 13.12
CA PRO A 175 24.70 -25.64 12.92
C PRO A 175 25.14 -26.44 11.68
N MET A 176 24.39 -27.48 11.35
CA MET A 176 24.66 -28.33 10.18
C MET A 176 24.50 -27.61 8.82
N CYS A 177 23.76 -26.50 8.80
CA CYS A 177 23.60 -25.71 7.59
C CYS A 177 24.86 -24.93 7.26
N LYS A 178 25.36 -25.09 6.03
CA LYS A 178 26.65 -24.50 5.62
C LYS A 178 26.69 -22.96 5.79
N GLY A 179 25.73 -22.26 5.20
CA GLY A 179 25.63 -20.81 5.31
C GLY A 179 24.54 -20.38 6.27
N SER A 180 24.12 -19.13 6.15
CA SER A 180 22.95 -18.64 6.88
C SER A 180 21.68 -19.41 6.52
N ARG A 181 21.76 -20.26 5.50
CA ARG A 181 20.60 -20.77 4.75
C ARG A 181 19.81 -21.94 5.35
N CYS A 182 18.48 -21.74 5.46
CA CYS A 182 17.60 -22.78 5.99
C CYS A 182 16.13 -22.40 5.82
N TRP A 183 15.30 -23.42 5.70
CA TRP A 183 13.86 -23.26 5.55
C TRP A 183 13.16 -23.47 6.89
N GLY A 184 13.95 -23.54 7.95
CA GLY A 184 13.42 -23.81 9.27
C GLY A 184 14.48 -24.18 10.27
N GLU A 185 14.07 -24.34 11.51
CA GLU A 185 14.98 -24.58 12.61
C GLU A 185 15.76 -25.88 12.45
N SER A 186 15.15 -26.84 11.76
CA SER A 186 15.67 -28.22 11.68
C SER A 186 16.95 -28.37 10.85
N SER A 187 17.64 -29.48 11.05
CA SER A 187 18.82 -29.82 10.25
C SER A 187 18.44 -30.22 8.82
N GLU A 188 17.33 -30.95 8.67
CA GLU A 188 16.87 -31.34 7.34
C GLU A 188 16.24 -30.17 6.60
N ASP A 189 16.48 -28.96 7.09
CA ASP A 189 15.85 -27.78 6.52
C ASP A 189 16.80 -26.86 5.78
N CYS A 190 18.09 -27.20 5.79
CA CYS A 190 19.10 -26.41 5.07
C CYS A 190 18.69 -26.25 3.62
N GLN A 191 18.84 -25.03 3.09
CA GLN A 191 18.53 -24.80 1.69
C GLN A 191 19.60 -25.49 0.85
N SER A 192 19.17 -26.32 -0.09
CA SER A 192 20.10 -26.98 -0.99
C SER A 192 20.20 -26.17 -2.27
N LEU A 193 21.42 -25.87 -2.67
CA LEU A 193 21.67 -24.99 -3.81
C LEU A 193 21.86 -25.81 -5.08
N THR A 194 21.43 -25.24 -6.20
CA THR A 194 21.30 -26.00 -7.45
C THR A 194 21.67 -25.20 -8.70
N ARG A 195 21.76 -23.88 -8.56
CA ARG A 195 22.12 -23.02 -9.67
C ARG A 195 23.45 -22.29 -9.46
N THR A 196 23.60 -21.62 -8.32
CA THR A 196 24.71 -20.68 -8.12
C THR A 196 26.07 -21.33 -7.92
N VAL A 197 26.08 -22.65 -7.88
CA VAL A 197 27.26 -23.42 -7.46
C VAL A 197 27.69 -24.44 -8.54
N CYS A 198 27.21 -24.23 -9.76
CA CYS A 198 27.46 -25.17 -10.86
C CYS A 198 28.71 -24.84 -11.66
N ALA A 199 29.37 -25.89 -12.16
CA ALA A 199 30.52 -25.72 -13.05
C ALA A 199 30.05 -25.43 -14.47
N GLY A 200 30.76 -24.52 -15.13
CA GLY A 200 30.44 -24.14 -16.50
C GLY A 200 29.12 -23.41 -16.66
N GLY A 201 28.52 -23.52 -17.83
CA GLY A 201 27.27 -22.84 -18.12
C GLY A 201 26.01 -23.42 -17.50
N CYS A 202 26.15 -24.59 -16.87
CA CYS A 202 25.04 -25.42 -16.39
C CYS A 202 23.87 -24.70 -15.75
N ALA A 203 22.67 -25.02 -16.23
CA ALA A 203 21.46 -24.44 -15.67
C ALA A 203 21.13 -25.00 -14.28
N ARG A 204 21.39 -26.30 -14.08
CA ARG A 204 21.16 -26.95 -12.79
C ARG A 204 22.20 -28.04 -12.56
N CYS A 205 22.51 -28.31 -11.28
CA CYS A 205 23.46 -29.38 -10.93
C CYS A 205 23.13 -30.05 -9.60
N LYS A 206 23.96 -31.04 -9.24
CA LYS A 206 23.83 -31.76 -7.97
C LYS A 206 25.10 -31.62 -7.14
N GLY A 207 25.97 -30.71 -7.56
CA GLY A 207 27.24 -30.47 -6.89
C GLY A 207 28.17 -29.61 -7.72
N PRO A 208 29.39 -29.39 -7.21
CA PRO A 208 30.33 -28.44 -7.82
C PRO A 208 30.98 -28.92 -9.13
N LEU A 209 31.20 -30.22 -9.29
CA LEU A 209 31.95 -30.79 -10.42
C LEU A 209 31.21 -30.72 -11.77
N PRO A 210 31.94 -30.62 -12.87
CA PRO A 210 31.35 -30.72 -14.22
C PRO A 210 30.52 -31.99 -14.43
N THR A 211 30.97 -33.12 -13.88
CA THR A 211 30.20 -34.38 -13.95
C THR A 211 28.91 -34.33 -13.09
N ASP A 212 28.84 -33.38 -12.16
CA ASP A 212 27.65 -33.22 -11.31
C ASP A 212 26.55 -32.42 -12.02
N CYS A 213 26.82 -32.05 -13.27
CA CYS A 213 25.88 -31.26 -14.05
C CYS A 213 24.68 -32.06 -14.47
N CYS A 214 23.53 -31.38 -14.55
CA CYS A 214 22.27 -32.00 -14.95
C CYS A 214 22.11 -31.94 -16.44
N HIS A 215 21.26 -32.81 -16.97
CA HIS A 215 20.92 -32.77 -18.38
C HIS A 215 20.26 -31.43 -18.68
N GLU A 216 20.50 -30.92 -19.88
CA GLU A 216 19.96 -29.63 -20.31
C GLU A 216 18.42 -29.59 -20.26
N GLN A 217 17.80 -30.76 -20.35
CA GLN A 217 16.35 -30.88 -20.35
C GLN A 217 15.73 -31.03 -18.96
N CYS A 218 16.58 -31.14 -17.93
CA CYS A 218 16.14 -31.26 -16.53
C CYS A 218 15.66 -29.93 -15.96
N ALA A 219 15.02 -29.97 -14.79
CA ALA A 219 14.47 -28.74 -14.25
C ALA A 219 14.75 -28.42 -12.78
N ALA A 220 14.78 -29.40 -11.90
CA ALA A 220 14.98 -28.99 -10.53
C ALA A 220 16.35 -29.36 -9.99
N GLY A 221 17.12 -30.09 -10.80
CA GLY A 221 18.34 -30.73 -10.35
C GLY A 221 18.27 -32.19 -10.75
N CYS A 222 19.23 -32.99 -10.31
CA CYS A 222 19.25 -34.37 -10.75
C CYS A 222 19.91 -35.34 -9.79
N THR A 223 19.81 -36.61 -10.15
CA THR A 223 20.41 -37.70 -9.40
C THR A 223 21.60 -38.25 -10.20
N GLY A 224 21.78 -37.71 -11.40
CA GLY A 224 22.86 -38.09 -12.31
C GLY A 224 22.77 -37.32 -13.62
N PRO A 225 23.67 -37.61 -14.57
CA PRO A 225 23.83 -36.79 -15.77
C PRO A 225 22.87 -37.08 -16.93
N LYS A 226 22.13 -38.18 -16.89
CA LYS A 226 21.21 -38.52 -17.97
C LYS A 226 19.94 -37.65 -17.97
N HIS A 227 19.11 -37.79 -19.01
CA HIS A 227 17.81 -37.13 -19.07
C HIS A 227 16.72 -37.99 -18.46
N SER A 228 17.11 -39.13 -17.89
CA SER A 228 16.19 -39.97 -17.11
C SER A 228 16.45 -39.83 -15.62
N ASP A 229 17.35 -38.90 -15.26
CA ASP A 229 17.72 -38.68 -13.87
C ASP A 229 17.21 -37.35 -13.33
N CYS A 230 16.30 -36.72 -14.06
CA CYS A 230 15.79 -35.41 -13.68
C CYS A 230 14.93 -35.49 -12.43
N LEU A 231 15.02 -34.46 -11.59
CA LEU A 231 14.08 -34.31 -10.49
C LEU A 231 12.77 -33.75 -11.02
N ALA A 232 12.83 -33.12 -12.19
CA ALA A 232 11.68 -32.47 -12.82
C ALA A 232 11.98 -32.22 -14.27
N CYS A 233 10.96 -32.22 -15.14
CA CYS A 233 11.20 -31.96 -16.55
C CYS A 233 11.04 -30.49 -16.87
N LEU A 234 11.97 -29.91 -17.65
CA LEU A 234 11.86 -28.50 -18.03
C LEU A 234 10.64 -28.29 -18.93
N HIS A 235 10.48 -29.20 -19.89
CA HIS A 235 9.41 -29.10 -20.87
C HIS A 235 8.39 -30.24 -20.77
N PHE A 236 8.73 -31.41 -21.28
CA PHE A 236 7.81 -32.54 -21.21
C PHE A 236 8.42 -33.79 -20.64
N ASN A 237 7.54 -34.61 -20.06
CA ASN A 237 7.91 -35.90 -19.51
C ASN A 237 7.40 -36.99 -20.45
N HIS A 238 8.27 -37.41 -21.36
CA HIS A 238 7.92 -38.45 -22.33
C HIS A 238 8.19 -39.79 -21.68
N SER A 239 7.20 -40.27 -20.92
CA SER A 239 7.25 -41.58 -20.28
C SER A 239 8.55 -41.90 -19.54
N GLY A 240 9.01 -40.94 -18.73
CA GLY A 240 10.22 -41.12 -17.93
C GLY A 240 11.44 -40.34 -18.41
N ILE A 241 11.42 -39.99 -19.70
CA ILE A 241 12.52 -39.23 -20.28
C ILE A 241 12.08 -37.77 -20.53
N CYS A 242 12.94 -36.83 -20.14
CA CYS A 242 12.65 -35.41 -20.30
C CYS A 242 13.05 -34.92 -21.68
N GLU A 243 12.10 -34.29 -22.37
CA GLU A 243 12.33 -33.80 -23.73
C GLU A 243 11.73 -32.41 -23.96
N LEU A 244 12.05 -31.83 -25.12
CA LEU A 244 11.61 -30.49 -25.48
C LEU A 244 10.18 -30.47 -26.03
N HIS A 245 9.84 -31.51 -26.78
CA HIS A 245 8.54 -31.61 -27.41
C HIS A 245 7.99 -33.02 -27.28
N CYS A 246 6.74 -33.23 -27.68
CA CYS A 246 6.18 -34.56 -27.73
C CYS A 246 6.24 -35.17 -29.13
N PRO A 247 6.52 -36.48 -29.22
CA PRO A 247 6.52 -37.19 -30.50
C PRO A 247 5.31 -36.85 -31.37
N ALA A 248 5.58 -36.47 -32.61
CA ALA A 248 4.54 -36.11 -33.57
C ALA A 248 3.44 -37.17 -33.71
N LEU A 249 2.22 -36.72 -33.96
CA LEU A 249 1.10 -37.62 -34.19
C LEU A 249 1.21 -38.29 -35.54
N VAL A 250 2.20 -37.86 -36.33
CA VAL A 250 2.26 -38.18 -37.76
C VAL A 250 3.70 -38.12 -38.29
N THR A 251 4.05 -39.09 -39.11
CA THR A 251 5.39 -39.18 -39.68
C THR A 251 5.37 -38.62 -41.12
N TYR A 252 6.36 -37.79 -41.46
CA TYR A 252 6.36 -37.11 -42.76
C TYR A 252 7.38 -37.67 -43.76
N ASN A 253 7.18 -37.35 -45.04
CA ASN A 253 8.05 -37.81 -46.11
C ASN A 253 9.27 -36.91 -46.37
N THR A 254 9.09 -35.60 -46.23
CA THR A 254 10.18 -34.61 -46.37
C THR A 254 10.44 -34.17 -47.82
N ASP A 255 9.92 -34.93 -48.78
CA ASP A 255 9.96 -34.53 -50.19
C ASP A 255 8.53 -34.32 -50.69
N THR A 256 7.66 -35.30 -50.41
CA THR A 256 6.25 -35.26 -50.79
C THR A 256 5.47 -34.55 -49.71
N PHE A 257 6.03 -34.61 -48.50
CA PHE A 257 5.34 -34.23 -47.26
C PHE A 257 3.98 -34.90 -47.11
N GLU A 258 3.92 -36.18 -47.44
CA GLU A 258 2.78 -37.02 -47.08
C GLU A 258 3.08 -37.82 -45.81
N SER A 259 2.03 -38.02 -45.02
CA SER A 259 2.14 -38.49 -43.65
C SER A 259 1.46 -39.84 -43.39
N MET A 260 2.21 -40.78 -42.82
CA MET A 260 1.64 -41.93 -42.15
C MET A 260 1.32 -41.52 -40.71
N PRO A 261 0.32 -42.12 -40.08
CA PRO A 261 0.11 -41.96 -38.64
C PRO A 261 1.28 -42.56 -37.83
N ASN A 262 1.67 -41.89 -36.76
CA ASN A 262 2.78 -42.35 -35.92
C ASN A 262 2.29 -43.04 -34.66
N PRO A 263 2.50 -44.36 -34.57
CA PRO A 263 2.07 -45.14 -33.41
C PRO A 263 2.76 -44.68 -32.11
N GLU A 264 3.94 -44.07 -32.25
CA GLU A 264 4.71 -43.57 -31.11
C GLU A 264 4.21 -42.20 -30.64
N GLY A 265 3.36 -41.59 -31.45
CA GLY A 265 2.86 -40.24 -31.22
C GLY A 265 2.08 -40.05 -29.94
N ARG A 266 2.22 -38.85 -29.37
CA ARG A 266 1.61 -38.49 -28.10
C ARG A 266 0.94 -37.13 -28.17
N TYR A 267 0.07 -36.85 -27.22
CA TYR A 267 -0.55 -35.53 -27.07
C TYR A 267 0.09 -34.79 -25.91
N THR A 268 0.19 -33.47 -26.03
CA THR A 268 0.68 -32.63 -24.94
C THR A 268 -0.44 -32.40 -23.94
N PHE A 269 -0.21 -32.84 -22.72
CA PHE A 269 -1.12 -32.55 -21.62
C PHE A 269 -0.29 -32.04 -20.46
N GLY A 270 -0.50 -30.77 -20.12
CA GLY A 270 0.29 -30.13 -19.10
C GLY A 270 1.77 -30.13 -19.44
N ALA A 271 2.55 -30.86 -18.64
CA ALA A 271 3.99 -30.93 -18.85
C ALA A 271 4.41 -32.35 -19.08
N SER A 272 3.53 -33.12 -19.73
CA SER A 272 3.82 -34.52 -20.02
C SER A 272 3.17 -34.96 -21.32
N CYS A 273 3.88 -35.81 -22.06
CA CYS A 273 3.36 -36.42 -23.28
C CYS A 273 2.41 -37.52 -22.87
N VAL A 274 1.33 -37.68 -23.63
CA VAL A 274 0.25 -38.55 -23.21
C VAL A 274 -0.32 -39.34 -24.39
N THR A 275 -0.54 -40.63 -24.19
CA THR A 275 -1.04 -41.50 -25.26
C THR A 275 -2.42 -41.05 -25.74
N ALA A 276 -3.28 -40.70 -24.79
CA ALA A 276 -4.61 -40.16 -25.07
C ALA A 276 -4.97 -39.19 -23.96
N CYS A 277 -5.60 -38.07 -24.33
CA CYS A 277 -5.97 -37.01 -23.39
C CYS A 277 -6.85 -37.51 -22.27
N PRO A 278 -6.60 -37.03 -21.05
CA PRO A 278 -7.35 -37.49 -19.88
C PRO A 278 -8.85 -37.23 -20.01
N TYR A 279 -9.64 -37.78 -19.09
CA TYR A 279 -11.08 -37.90 -19.25
C TYR A 279 -11.82 -36.68 -19.78
N ASN A 280 -11.78 -35.56 -19.06
CA ASN A 280 -12.66 -34.46 -19.43
C ASN A 280 -12.18 -33.59 -20.59
N TYR A 281 -11.00 -33.90 -21.12
CA TYR A 281 -10.32 -33.05 -22.11
C TYR A 281 -10.62 -33.47 -23.55
N LEU A 282 -10.26 -32.61 -24.51
CA LEU A 282 -10.49 -32.90 -25.92
C LEU A 282 -9.18 -32.90 -26.68
N SER A 283 -8.92 -34.02 -27.35
CA SER A 283 -7.77 -34.19 -28.22
C SER A 283 -7.95 -33.32 -29.46
N THR A 284 -6.82 -33.02 -30.10
CA THR A 284 -6.75 -31.98 -31.10
C THR A 284 -5.94 -32.46 -32.29
N ASP A 285 -6.43 -32.20 -33.51
CA ASP A 285 -5.74 -32.61 -34.74
C ASP A 285 -4.30 -32.12 -34.80
N VAL A 286 -3.96 -31.19 -33.94
CA VAL A 286 -2.68 -30.52 -33.95
C VAL A 286 -1.75 -31.09 -32.86
N GLY A 287 -2.27 -32.02 -32.08
CA GLY A 287 -1.46 -32.75 -31.10
C GLY A 287 -1.55 -32.29 -29.66
N SER A 288 -2.69 -31.68 -29.27
CA SER A 288 -2.86 -31.15 -27.91
C SER A 288 -4.12 -31.62 -27.22
N CYS A 289 -4.27 -31.27 -25.94
CA CYS A 289 -5.45 -31.58 -25.15
C CYS A 289 -6.04 -30.28 -24.63
N THR A 290 -7.30 -29.98 -24.96
CA THR A 290 -7.90 -28.73 -24.49
C THR A 290 -9.34 -28.85 -24.04
N LEU A 291 -9.89 -27.71 -23.62
CA LEU A 291 -11.24 -27.64 -23.10
C LEU A 291 -12.16 -26.83 -24.02
N VAL A 292 -11.55 -26.21 -25.03
CA VAL A 292 -12.26 -25.48 -26.07
C VAL A 292 -11.65 -25.81 -27.41
N CYS A 293 -12.44 -26.35 -28.33
CA CYS A 293 -11.94 -26.64 -29.67
C CYS A 293 -11.41 -25.37 -30.33
N PRO A 294 -10.27 -25.46 -31.01
CA PRO A 294 -9.74 -24.32 -31.74
C PRO A 294 -10.69 -23.93 -32.87
N LEU A 295 -10.46 -22.75 -33.44
CA LEU A 295 -11.35 -22.20 -34.45
C LEU A 295 -11.37 -23.08 -35.69
N HIS A 296 -12.55 -23.18 -36.29
CA HIS A 296 -12.77 -24.01 -37.48
C HIS A 296 -12.67 -25.51 -37.19
N ASN A 297 -12.61 -25.84 -35.89
CA ASN A 297 -12.79 -27.19 -35.39
C ASN A 297 -14.07 -27.30 -34.55
N GLN A 298 -14.47 -28.52 -34.22
CA GLN A 298 -15.77 -28.81 -33.63
C GLN A 298 -15.70 -30.00 -32.68
N GLU A 299 -16.51 -29.96 -31.63
CA GLU A 299 -16.62 -31.05 -30.68
C GLU A 299 -17.50 -32.11 -31.31
N VAL A 300 -16.97 -33.33 -31.44
CA VAL A 300 -17.78 -34.47 -31.89
C VAL A 300 -17.61 -35.69 -31.00
N THR A 301 -18.73 -36.34 -30.73
CA THR A 301 -18.75 -37.61 -30.03
C THR A 301 -18.28 -38.74 -30.96
N ALA A 302 -16.96 -38.95 -30.97
CA ALA A 302 -16.30 -39.90 -31.87
C ALA A 302 -16.73 -41.35 -31.64
N GLU A 303 -16.21 -42.27 -32.45
CA GLU A 303 -16.70 -43.66 -32.55
C GLU A 303 -16.51 -44.54 -31.30
N ASP A 304 -15.97 -43.96 -30.22
CA ASP A 304 -15.93 -44.58 -28.89
C ASP A 304 -17.12 -44.10 -28.04
N GLY A 305 -16.97 -42.89 -27.52
CA GLY A 305 -17.89 -42.22 -26.62
C GLY A 305 -17.14 -40.98 -26.18
N THR A 306 -15.83 -41.05 -26.38
CA THR A 306 -14.91 -39.96 -26.09
C THR A 306 -15.23 -38.72 -26.94
N GLN A 307 -15.07 -37.56 -26.34
CA GLN A 307 -15.20 -36.30 -27.05
C GLN A 307 -13.88 -36.01 -27.78
N ARG A 308 -13.96 -35.27 -28.88
CA ARG A 308 -12.83 -35.04 -29.77
C ARG A 308 -13.07 -33.81 -30.65
N CYS A 309 -12.00 -33.08 -30.96
CA CYS A 309 -12.09 -31.89 -31.81
C CYS A 309 -11.76 -32.19 -33.26
N GLU A 310 -12.77 -32.41 -34.09
CA GLU A 310 -12.52 -32.65 -35.50
C GLU A 310 -12.69 -31.37 -36.34
N LYS A 311 -12.04 -31.33 -37.49
CA LYS A 311 -12.19 -30.19 -38.41
C LYS A 311 -13.62 -30.14 -38.93
N CYS A 312 -14.08 -28.93 -39.27
CA CYS A 312 -15.38 -28.79 -39.92
C CYS A 312 -15.13 -28.57 -41.39
N SER A 313 -15.66 -29.44 -42.25
CA SER A 313 -15.60 -29.18 -43.69
C SER A 313 -16.32 -27.85 -43.96
N LYS A 314 -17.66 -27.96 -43.97
CA LYS A 314 -18.61 -26.85 -43.93
C LYS A 314 -18.25 -25.89 -42.79
N PRO A 315 -18.88 -24.71 -42.73
CA PRO A 315 -18.71 -23.87 -41.55
C PRO A 315 -19.22 -24.65 -40.34
N CYS A 316 -18.60 -24.48 -39.17
CA CYS A 316 -19.06 -25.20 -37.98
C CYS A 316 -20.49 -24.79 -37.65
N ALA A 317 -21.30 -25.75 -37.20
CA ALA A 317 -22.72 -25.51 -36.88
C ALA A 317 -22.80 -24.59 -35.68
N ARG A 318 -23.81 -23.73 -35.64
CA ARG A 318 -23.88 -22.76 -34.55
C ARG A 318 -24.18 -23.42 -33.22
N VAL A 319 -23.73 -22.77 -32.15
CA VAL A 319 -23.64 -23.38 -30.86
C VAL A 319 -24.07 -22.38 -29.80
N CYS A 320 -24.68 -22.85 -28.72
CA CYS A 320 -25.08 -21.94 -27.66
C CYS A 320 -23.96 -21.67 -26.70
N TYR A 321 -23.52 -20.43 -26.66
CA TYR A 321 -22.46 -20.09 -25.73
C TYR A 321 -23.03 -19.67 -24.40
N GLY A 322 -22.36 -20.04 -23.32
CA GLY A 322 -22.82 -19.69 -22.01
C GLY A 322 -21.98 -18.58 -21.42
N LEU A 323 -22.06 -18.41 -20.11
CA LEU A 323 -21.29 -17.38 -19.45
C LEU A 323 -19.84 -17.77 -19.46
N GLY A 324 -18.99 -16.76 -19.59
CA GLY A 324 -17.55 -16.95 -19.66
C GLY A 324 -17.09 -17.42 -21.02
N MET A 325 -17.98 -17.35 -22.00
CA MET A 325 -17.70 -17.88 -23.31
C MET A 325 -18.11 -16.89 -24.42
N GLU A 326 -17.23 -16.68 -25.39
CA GLU A 326 -17.49 -15.77 -26.49
C GLU A 326 -18.10 -14.45 -26.02
N HIS A 327 -19.21 -14.06 -26.64
CA HIS A 327 -19.86 -12.76 -26.38
C HIS A 327 -20.49 -12.64 -24.98
N LEU A 328 -20.38 -13.71 -24.20
CA LEU A 328 -20.78 -13.69 -22.81
C LEU A 328 -19.58 -13.97 -21.91
N ARG A 329 -18.38 -13.71 -22.41
CA ARG A 329 -17.13 -13.99 -21.70
C ARG A 329 -17.08 -13.28 -20.35
N GLU A 330 -17.58 -12.06 -20.30
CA GLU A 330 -17.44 -11.22 -19.13
C GLU A 330 -18.73 -11.07 -18.32
N VAL A 331 -19.77 -11.77 -18.74
CA VAL A 331 -21.09 -11.62 -18.16
C VAL A 331 -21.21 -12.41 -16.86
N ARG A 332 -21.61 -11.72 -15.79
CA ARG A 332 -21.60 -12.34 -14.44
C ARG A 332 -22.77 -13.30 -14.18
N ALA A 333 -23.95 -12.99 -14.71
CA ALA A 333 -25.15 -13.80 -14.43
C ALA A 333 -26.20 -13.79 -15.55
N VAL A 334 -27.08 -14.79 -15.53
CA VAL A 334 -28.24 -14.80 -16.39
C VAL A 334 -29.14 -13.64 -15.96
N THR A 335 -29.57 -12.83 -16.91
CA THR A 335 -30.57 -11.79 -16.63
C THR A 335 -31.64 -11.77 -17.71
N SER A 336 -32.68 -10.96 -17.51
CA SER A 336 -33.72 -10.76 -18.51
C SER A 336 -33.13 -10.25 -19.82
N ALA A 337 -31.90 -9.76 -19.74
CA ALA A 337 -31.20 -9.18 -20.88
C ALA A 337 -30.54 -10.22 -21.77
N ASN A 338 -30.40 -11.44 -21.25
CA ASN A 338 -29.72 -12.50 -21.99
C ASN A 338 -30.39 -13.87 -21.96
N ILE A 339 -31.49 -13.99 -21.22
CA ILE A 339 -32.16 -15.27 -21.00
C ILE A 339 -32.71 -15.88 -22.30
N GLN A 340 -33.34 -15.07 -23.15
CA GLN A 340 -33.86 -15.54 -24.42
C GLN A 340 -32.77 -16.17 -25.30
N GLU A 341 -31.53 -15.77 -25.06
CA GLU A 341 -30.38 -16.31 -25.77
C GLU A 341 -30.24 -17.82 -25.70
N PHE A 342 -30.82 -18.44 -24.68
CA PHE A 342 -30.66 -19.87 -24.48
C PHE A 342 -31.87 -20.63 -25.00
N ALA A 343 -32.86 -19.89 -25.48
CA ALA A 343 -34.06 -20.48 -26.06
C ALA A 343 -33.75 -21.58 -27.06
N GLY A 344 -34.20 -22.78 -26.74
CA GLY A 344 -34.08 -23.91 -27.65
C GLY A 344 -32.78 -24.68 -27.51
N CYS A 345 -31.85 -24.16 -26.72
CA CYS A 345 -30.53 -24.75 -26.61
C CYS A 345 -30.60 -26.09 -25.91
N LYS A 346 -30.03 -27.11 -26.55
CA LYS A 346 -29.92 -28.43 -25.94
C LYS A 346 -28.59 -28.59 -25.20
N LYS A 347 -27.54 -27.93 -25.67
CA LYS A 347 -26.23 -27.99 -25.02
C LYS A 347 -25.62 -26.59 -24.95
N ILE A 348 -25.21 -26.16 -23.76
CA ILE A 348 -24.59 -24.85 -23.61
C ILE A 348 -23.09 -24.98 -23.43
N PHE A 349 -22.34 -24.35 -24.33
CA PHE A 349 -20.90 -24.24 -24.22
C PHE A 349 -20.56 -23.04 -23.34
N GLY A 350 -20.29 -23.31 -22.07
CA GLY A 350 -20.10 -22.26 -21.10
C GLY A 350 -20.81 -22.67 -19.82
N SER A 351 -21.11 -21.69 -18.97
CA SER A 351 -21.76 -21.96 -17.69
C SER A 351 -23.00 -21.08 -17.54
N LEU A 352 -23.85 -21.42 -16.58
CA LEU A 352 -24.93 -20.56 -16.18
C LEU A 352 -24.86 -20.28 -14.68
N ALA A 353 -24.95 -18.99 -14.35
CA ALA A 353 -24.95 -18.54 -12.97
C ALA A 353 -26.20 -17.71 -12.71
N PHE A 354 -26.95 -18.09 -11.68
CA PHE A 354 -28.09 -17.31 -11.22
C PHE A 354 -27.75 -16.64 -9.89
N LEU A 355 -27.67 -15.32 -9.90
CA LEU A 355 -27.32 -14.58 -8.71
C LEU A 355 -28.56 -13.82 -8.26
N PRO A 356 -28.51 -13.19 -7.06
CA PRO A 356 -29.60 -12.32 -6.60
C PRO A 356 -29.92 -11.20 -7.60
N GLU A 357 -28.89 -10.66 -8.23
CA GLU A 357 -29.09 -9.61 -9.21
C GLU A 357 -29.87 -10.10 -10.43
N SER A 358 -29.92 -11.42 -10.64
CA SER A 358 -30.76 -12.00 -11.69
C SER A 358 -32.23 -11.70 -11.46
N PHE A 359 -32.66 -11.80 -10.20
CA PHE A 359 -34.08 -11.85 -9.86
C PHE A 359 -34.63 -10.61 -9.20
N ASP A 360 -33.82 -9.92 -8.41
CA ASP A 360 -34.10 -8.49 -8.23
C ASP A 360 -33.37 -7.89 -9.39
N GLY A 361 -33.96 -6.91 -10.07
CA GLY A 361 -33.35 -6.41 -11.29
C GLY A 361 -32.11 -5.61 -11.01
N ASP A 362 -31.50 -5.05 -12.04
CA ASP A 362 -30.60 -3.93 -11.84
C ASP A 362 -31.31 -2.71 -12.38
N PRO A 363 -31.70 -1.81 -11.48
CA PRO A 363 -32.21 -0.49 -11.91
C PRO A 363 -31.11 0.14 -12.78
N ALA A 364 -30.11 0.78 -12.16
CA ALA A 364 -28.90 1.28 -12.83
C ALA A 364 -28.93 1.24 -14.36
N SER A 365 -28.69 0.05 -14.93
CA SER A 365 -28.79 -0.13 -16.38
C SER A 365 -30.02 -0.94 -16.77
N ASN A 366 -31.13 -0.21 -16.93
CA ASN A 366 -32.48 -0.76 -17.15
C ASN A 366 -32.55 -2.24 -17.52
N THR A 367 -32.47 -3.10 -16.51
CA THR A 367 -32.55 -4.54 -16.70
C THR A 367 -33.62 -5.11 -15.79
N ALA A 368 -34.74 -5.47 -16.40
CA ALA A 368 -35.91 -5.90 -15.66
C ALA A 368 -35.59 -7.14 -14.89
N PRO A 369 -36.14 -7.26 -13.67
CA PRO A 369 -36.04 -8.52 -12.93
C PRO A 369 -36.51 -9.69 -13.78
N LEU A 370 -35.70 -10.74 -13.79
CA LEU A 370 -36.04 -12.00 -14.44
C LEU A 370 -37.28 -12.61 -13.78
N GLN A 371 -38.37 -12.70 -14.52
CA GLN A 371 -39.59 -13.30 -14.01
C GLN A 371 -39.46 -14.81 -14.09
N PRO A 372 -40.09 -15.54 -13.15
CA PRO A 372 -39.83 -16.97 -13.01
C PRO A 372 -40.24 -17.77 -14.23
N GLU A 373 -41.35 -17.41 -14.88
CA GLU A 373 -41.79 -18.16 -16.07
C GLU A 373 -40.77 -18.17 -17.18
N GLN A 374 -39.87 -17.19 -17.16
CA GLN A 374 -38.84 -17.08 -18.17
C GLN A 374 -37.80 -18.16 -18.05
N LEU A 375 -37.73 -18.80 -16.89
CA LEU A 375 -36.74 -19.85 -16.64
C LEU A 375 -37.08 -21.11 -17.42
N GLN A 376 -38.31 -21.19 -17.91
CA GLN A 376 -38.77 -22.31 -18.73
C GLN A 376 -37.95 -22.54 -20.01
N VAL A 377 -37.13 -21.58 -20.40
CA VAL A 377 -36.28 -21.76 -21.57
C VAL A 377 -35.34 -22.94 -21.38
N PHE A 378 -34.91 -23.16 -20.14
CA PHE A 378 -33.92 -24.20 -19.85
C PHE A 378 -34.47 -25.63 -19.88
N GLU A 379 -35.75 -25.75 -20.22
CA GLU A 379 -36.40 -27.05 -20.24
C GLU A 379 -35.97 -27.94 -21.40
N THR A 380 -35.27 -27.39 -22.37
CA THR A 380 -34.77 -28.19 -23.48
C THR A 380 -33.31 -28.59 -23.22
N LEU A 381 -32.66 -27.85 -22.33
CA LEU A 381 -31.25 -28.03 -21.97
C LEU A 381 -30.91 -29.43 -21.44
N GLU A 382 -29.92 -30.06 -22.09
CA GLU A 382 -29.46 -31.40 -21.77
C GLU A 382 -28.04 -31.44 -21.21
N GLU A 383 -27.19 -30.49 -21.62
CA GLU A 383 -25.77 -30.47 -21.26
C GLU A 383 -25.23 -29.07 -21.00
N ILE A 384 -24.43 -28.91 -19.95
CA ILE A 384 -23.65 -27.69 -19.70
C ILE A 384 -22.16 -28.08 -19.63
N THR A 385 -21.29 -27.37 -20.36
CA THR A 385 -19.87 -27.73 -20.38
C THR A 385 -19.08 -27.10 -19.27
N GLY A 386 -19.49 -25.90 -18.84
CA GLY A 386 -18.92 -25.25 -17.67
C GLY A 386 -19.60 -25.75 -16.40
N TYR A 387 -20.14 -24.80 -15.62
CA TYR A 387 -20.71 -25.11 -14.29
C TYR A 387 -22.07 -24.47 -14.05
N LEU A 388 -22.84 -25.03 -13.13
CA LEU A 388 -24.09 -24.42 -12.72
C LEU A 388 -23.93 -23.77 -11.35
N TYR A 389 -24.30 -22.50 -11.24
CA TYR A 389 -24.19 -21.78 -9.98
C TYR A 389 -25.49 -21.09 -9.63
N ILE A 390 -26.16 -21.53 -8.57
CA ILE A 390 -27.41 -20.88 -8.16
C ILE A 390 -27.37 -20.33 -6.73
N SER A 391 -27.22 -19.01 -6.61
CA SER A 391 -27.21 -18.37 -5.29
C SER A 391 -28.52 -17.62 -5.04
N ALA A 392 -29.40 -17.67 -6.03
CA ALA A 392 -30.75 -17.13 -5.90
C ALA A 392 -31.69 -17.85 -6.87
N TRP A 393 -32.96 -17.91 -6.50
CA TRP A 393 -33.97 -18.66 -7.23
C TRP A 393 -35.34 -18.21 -6.75
N PRO A 394 -36.28 -18.00 -7.66
CA PRO A 394 -37.59 -17.44 -7.31
C PRO A 394 -38.27 -18.24 -6.20
N ASP A 395 -38.77 -17.54 -5.20
CA ASP A 395 -39.38 -18.22 -4.04
C ASP A 395 -40.57 -19.10 -4.44
N SER A 396 -41.35 -18.64 -5.40
CA SER A 396 -42.51 -19.38 -5.87
C SER A 396 -42.19 -20.75 -6.50
N LEU A 397 -40.92 -21.02 -6.80
CA LEU A 397 -40.56 -22.30 -7.39
C LEU A 397 -39.85 -23.17 -6.36
N PRO A 398 -40.40 -24.35 -6.05
CA PRO A 398 -39.87 -25.17 -4.97
C PRO A 398 -38.77 -26.11 -5.39
N ASP A 399 -38.34 -26.06 -6.65
CA ASP A 399 -37.29 -26.97 -7.14
C ASP A 399 -36.63 -26.44 -8.39
N LEU A 400 -35.59 -27.14 -8.82
CA LEU A 400 -34.83 -26.75 -10.00
C LEU A 400 -35.33 -27.51 -11.22
N SER A 401 -36.63 -27.78 -11.24
CA SER A 401 -37.17 -28.68 -12.25
C SER A 401 -37.29 -28.05 -13.65
N VAL A 402 -36.84 -26.81 -13.81
CA VAL A 402 -36.68 -26.26 -15.16
C VAL A 402 -35.43 -26.86 -15.79
N PHE A 403 -34.56 -27.42 -14.96
CA PHE A 403 -33.39 -28.14 -15.47
C PHE A 403 -33.70 -29.64 -15.57
N GLN A 404 -34.94 -29.98 -15.25
CA GLN A 404 -35.60 -31.21 -15.66
C GLN A 404 -34.87 -32.18 -16.60
N ASN A 405 -34.30 -31.68 -17.69
CA ASN A 405 -33.70 -32.54 -18.72
C ASN A 405 -32.16 -32.48 -18.82
N LEU A 406 -31.56 -31.68 -17.95
CA LEU A 406 -30.10 -31.60 -17.79
C LEU A 406 -29.56 -32.97 -17.42
N GLN A 407 -28.71 -33.53 -18.27
CA GLN A 407 -28.15 -34.86 -18.09
C GLN A 407 -26.73 -34.85 -17.57
N VAL A 408 -25.95 -33.85 -18.00
CA VAL A 408 -24.56 -33.69 -17.57
C VAL A 408 -24.18 -32.24 -17.33
N ILE A 409 -23.35 -32.02 -16.32
CA ILE A 409 -22.62 -30.77 -16.16
C ILE A 409 -21.18 -31.18 -16.19
N ARG A 410 -20.48 -30.79 -17.24
CA ARG A 410 -19.15 -31.30 -17.52
C ARG A 410 -18.07 -30.80 -16.58
N GLY A 411 -18.18 -29.53 -16.18
CA GLY A 411 -17.20 -28.93 -15.29
C GLY A 411 -15.87 -28.60 -15.93
N ARG A 412 -15.87 -28.42 -17.26
CA ARG A 412 -14.66 -28.04 -17.98
C ARG A 412 -14.23 -26.66 -17.51
N ILE A 413 -15.21 -25.88 -17.03
CA ILE A 413 -14.93 -24.66 -16.28
C ILE A 413 -15.51 -24.85 -14.88
N LEU A 414 -14.77 -24.48 -13.86
CA LEU A 414 -15.31 -24.61 -12.51
C LEU A 414 -15.40 -23.27 -11.83
N HIS A 415 -16.42 -23.12 -10.99
CA HIS A 415 -16.60 -21.92 -10.21
C HIS A 415 -15.59 -21.86 -9.08
N ASN A 416 -14.90 -20.72 -8.98
CA ASN A 416 -13.73 -20.55 -8.12
C ASN A 416 -12.67 -21.61 -8.38
N GLY A 417 -12.80 -22.27 -9.52
CA GLY A 417 -11.87 -23.31 -9.94
C GLY A 417 -12.07 -24.63 -9.23
N ALA A 418 -13.15 -24.74 -8.47
CA ALA A 418 -13.34 -25.89 -7.62
C ALA A 418 -14.68 -26.57 -7.84
N TYR A 419 -15.76 -25.79 -7.89
CA TYR A 419 -17.11 -26.37 -7.84
C TYR A 419 -17.85 -26.37 -9.16
N SER A 420 -18.39 -27.53 -9.53
CA SER A 420 -19.16 -27.66 -10.77
C SER A 420 -20.66 -27.48 -10.53
N LEU A 421 -21.12 -27.78 -9.31
CA LEU A 421 -22.50 -27.52 -8.92
C LEU A 421 -22.56 -26.83 -7.56
N THR A 422 -23.19 -25.66 -7.52
CA THR A 422 -23.30 -24.90 -6.29
C THR A 422 -24.73 -24.43 -6.10
N LEU A 423 -25.30 -24.81 -4.98
CA LEU A 423 -26.65 -24.40 -4.67
C LEU A 423 -26.63 -23.84 -3.27
N GLN A 424 -26.72 -22.53 -3.15
CA GLN A 424 -26.67 -21.93 -1.83
C GLN A 424 -27.72 -20.84 -1.57
N GLY A 425 -28.32 -20.92 -0.38
CA GLY A 425 -29.22 -19.88 0.11
C GLY A 425 -30.58 -19.84 -0.55
N LEU A 426 -31.14 -20.99 -0.90
CA LEU A 426 -32.29 -21.03 -1.80
C LEU A 426 -33.71 -21.20 -1.20
N GLY A 427 -33.90 -22.19 -0.37
CA GLY A 427 -35.25 -22.45 0.10
C GLY A 427 -36.19 -23.09 -0.91
N ILE A 428 -35.62 -23.61 -1.99
CA ILE A 428 -36.22 -24.76 -2.67
C ILE A 428 -36.36 -25.91 -1.65
N SER A 429 -37.30 -26.82 -1.89
CA SER A 429 -37.59 -27.91 -0.97
C SER A 429 -37.06 -29.26 -1.40
N TRP A 430 -36.74 -29.38 -2.69
CA TRP A 430 -36.03 -30.54 -3.25
C TRP A 430 -35.33 -30.10 -4.55
N LEU A 431 -34.47 -30.96 -5.08
CA LEU A 431 -33.67 -30.57 -6.23
C LEU A 431 -34.41 -30.71 -7.57
N GLY A 432 -35.08 -31.84 -7.77
CA GLY A 432 -35.80 -32.09 -9.00
C GLY A 432 -34.99 -32.23 -10.29
N LEU A 433 -33.66 -32.20 -10.22
CA LEU A 433 -32.80 -32.45 -11.38
C LEU A 433 -32.82 -33.93 -11.77
N ARG A 434 -33.98 -34.38 -12.23
CA ARG A 434 -34.27 -35.81 -12.40
C ARG A 434 -33.58 -36.51 -13.58
N SER A 435 -32.76 -35.78 -14.33
CA SER A 435 -32.06 -36.37 -15.47
C SER A 435 -30.55 -36.31 -15.31
N LEU A 436 -30.10 -35.56 -14.31
CA LEU A 436 -28.67 -35.38 -14.03
C LEU A 436 -27.98 -36.69 -13.68
N ARG A 437 -27.23 -37.21 -14.64
CA ARG A 437 -26.57 -38.48 -14.45
C ARG A 437 -25.07 -38.32 -14.19
N GLU A 438 -24.49 -37.19 -14.62
CA GLU A 438 -23.04 -37.02 -14.53
C GLU A 438 -22.53 -35.61 -14.23
N LEU A 439 -21.76 -35.48 -13.15
CA LEU A 439 -20.93 -34.31 -12.90
C LEU A 439 -19.51 -34.67 -13.35
N GLY A 440 -19.12 -34.15 -14.50
CA GLY A 440 -17.88 -34.54 -15.17
C GLY A 440 -16.59 -34.33 -14.40
N SER A 441 -16.53 -33.27 -13.61
CA SER A 441 -15.40 -32.98 -12.73
C SER A 441 -15.79 -31.91 -11.73
N GLY A 442 -14.95 -31.73 -10.70
CA GLY A 442 -15.19 -30.70 -9.70
C GLY A 442 -16.24 -31.08 -8.68
N LEU A 443 -16.33 -30.29 -7.62
CA LEU A 443 -17.16 -30.66 -6.49
C LEU A 443 -18.56 -30.13 -6.65
N ALA A 444 -19.49 -30.74 -5.92
CA ALA A 444 -20.83 -30.18 -5.71
C ALA A 444 -20.86 -29.61 -4.31
N LEU A 445 -21.29 -28.36 -4.22
CA LEU A 445 -21.44 -27.67 -2.94
C LEU A 445 -22.88 -27.20 -2.80
N ILE A 446 -23.58 -27.79 -1.82
CA ILE A 446 -24.98 -27.48 -1.54
C ILE A 446 -25.08 -27.08 -0.07
N HIS A 447 -25.07 -25.78 0.19
CA HIS A 447 -25.19 -25.29 1.58
C HIS A 447 -26.24 -24.21 1.76
N HIS A 448 -26.75 -24.13 2.99
CA HIS A 448 -27.63 -23.06 3.44
C HIS A 448 -28.94 -22.93 2.65
N ASN A 449 -29.42 -24.05 2.15
CA ASN A 449 -30.76 -24.12 1.62
C ASN A 449 -31.67 -24.70 2.69
N THR A 450 -32.39 -23.81 3.35
CA THR A 450 -33.06 -24.11 4.61
C THR A 450 -34.19 -25.12 4.54
N HIS A 451 -34.88 -25.17 3.41
CA HIS A 451 -36.03 -26.07 3.28
C HIS A 451 -35.68 -27.28 2.45
N LEU A 452 -34.44 -27.32 1.95
CA LEU A 452 -33.98 -28.39 1.08
C LEU A 452 -33.98 -29.80 1.66
N CYS A 453 -34.77 -30.68 1.03
CA CYS A 453 -34.71 -32.10 1.30
C CYS A 453 -34.30 -32.87 0.05
N PHE A 454 -34.41 -34.20 0.09
CA PHE A 454 -34.03 -35.05 -1.04
C PHE A 454 -32.59 -34.80 -1.49
N VAL A 455 -31.70 -34.60 -0.52
CA VAL A 455 -30.29 -34.46 -0.81
C VAL A 455 -29.62 -35.77 -0.52
N HIS A 456 -29.90 -36.32 0.65
CA HIS A 456 -29.36 -37.62 1.03
C HIS A 456 -29.89 -38.74 0.14
N THR A 457 -31.00 -38.50 -0.56
CA THR A 457 -31.58 -39.50 -1.45
C THR A 457 -30.86 -39.59 -2.79
N VAL A 458 -30.13 -38.54 -3.17
CA VAL A 458 -29.33 -38.56 -4.39
C VAL A 458 -28.09 -39.41 -4.14
N PRO A 459 -27.80 -40.36 -5.03
CA PRO A 459 -26.58 -41.16 -4.95
C PRO A 459 -25.38 -40.46 -5.60
N TRP A 460 -24.98 -39.32 -5.05
CA TRP A 460 -23.89 -38.47 -5.60
C TRP A 460 -22.69 -39.28 -6.06
N ASP A 461 -22.37 -40.26 -5.21
CA ASP A 461 -21.45 -41.36 -5.47
C ASP A 461 -21.43 -41.77 -6.95
N GLN A 462 -22.59 -41.76 -7.61
CA GLN A 462 -22.78 -42.26 -8.97
C GLN A 462 -22.62 -41.18 -10.05
N LEU A 463 -22.71 -39.92 -9.65
CA LEU A 463 -22.63 -38.81 -10.59
C LEU A 463 -21.18 -38.50 -10.94
N PHE A 464 -20.29 -38.79 -10.00
CA PHE A 464 -18.89 -38.40 -10.12
C PHE A 464 -18.13 -39.27 -11.11
N ARG A 465 -16.92 -38.85 -11.45
CA ARG A 465 -16.09 -39.52 -12.45
C ARG A 465 -14.62 -39.60 -12.05
N ASN A 466 -14.27 -39.07 -10.88
CA ASN A 466 -12.89 -39.16 -10.36
C ASN A 466 -12.82 -39.04 -8.83
N PRO A 467 -11.81 -39.67 -8.23
CA PRO A 467 -11.76 -39.84 -6.77
C PRO A 467 -11.71 -38.53 -5.96
N HIS A 468 -11.35 -37.43 -6.62
CA HIS A 468 -11.25 -36.13 -5.96
C HIS A 468 -12.60 -35.43 -5.84
N GLN A 469 -13.66 -36.04 -6.34
CA GLN A 469 -14.97 -35.40 -6.31
C GLN A 469 -15.74 -35.76 -5.05
N ALA A 470 -16.66 -34.88 -4.65
CA ALA A 470 -17.51 -35.08 -3.47
C ALA A 470 -18.65 -34.07 -3.43
N LEU A 471 -19.68 -34.42 -2.66
CA LEU A 471 -20.72 -33.46 -2.33
C LEU A 471 -20.35 -32.87 -0.99
N LEU A 472 -20.04 -31.57 -0.95
CA LEU A 472 -19.85 -30.89 0.32
C LEU A 472 -21.17 -30.22 0.62
N HIS A 473 -21.64 -30.33 1.86
CA HIS A 473 -22.98 -29.85 2.20
C HIS A 473 -23.12 -29.59 3.68
N THR A 474 -23.74 -28.46 4.01
CA THR A 474 -24.03 -28.10 5.38
C THR A 474 -25.21 -27.15 5.42
N ALA A 475 -25.80 -26.98 6.60
CA ALA A 475 -26.83 -25.96 6.82
C ALA A 475 -28.07 -26.10 5.94
N ASN A 476 -28.37 -27.31 5.50
CA ASN A 476 -29.64 -27.59 4.84
C ASN A 476 -30.66 -28.12 5.86
N ARG A 477 -31.82 -28.56 5.39
CA ARG A 477 -32.81 -29.13 6.28
C ARG A 477 -32.36 -30.52 6.69
N PRO A 478 -32.27 -30.76 8.00
CA PRO A 478 -31.77 -32.03 8.54
C PRO A 478 -32.61 -33.19 8.05
N GLU A 479 -31.97 -34.27 7.60
CA GLU A 479 -32.72 -35.36 6.97
C GLU A 479 -33.78 -35.92 7.89
N ASP A 480 -33.46 -36.07 9.18
CA ASP A 480 -34.44 -36.60 10.13
C ASP A 480 -35.67 -35.71 10.23
N GLU A 481 -35.48 -34.39 10.08
CA GLU A 481 -36.60 -33.46 10.03
C GLU A 481 -37.48 -33.67 8.81
N CYS A 482 -36.88 -34.03 7.67
CA CYS A 482 -37.62 -34.33 6.43
C CYS A 482 -38.44 -35.62 6.53
N VAL A 483 -37.80 -36.72 6.90
CA VAL A 483 -38.52 -37.99 6.99
C VAL A 483 -39.63 -37.76 7.97
N GLY A 484 -39.30 -37.05 9.06
CA GLY A 484 -40.23 -36.78 10.16
C GLY A 484 -41.45 -35.98 9.74
N GLU A 485 -41.33 -35.30 8.61
CA GLU A 485 -42.43 -34.57 8.01
C GLU A 485 -43.09 -35.41 6.92
N GLY A 486 -42.85 -36.73 6.97
CA GLY A 486 -43.42 -37.68 6.01
C GLY A 486 -43.02 -37.42 4.56
N LEU A 487 -41.72 -37.51 4.28
CA LEU A 487 -41.20 -37.27 2.94
C LEU A 487 -40.28 -38.39 2.50
N ALA A 488 -40.46 -38.86 1.27
CA ALA A 488 -39.80 -40.09 0.85
C ALA A 488 -39.80 -40.26 -0.65
N CYS A 489 -38.82 -41.03 -1.12
CA CYS A 489 -38.86 -41.53 -2.49
C CYS A 489 -40.14 -42.31 -2.68
N HIS A 490 -40.70 -42.19 -3.88
CA HIS A 490 -41.86 -42.98 -4.27
C HIS A 490 -41.54 -44.45 -4.18
N GLN A 491 -42.49 -45.25 -3.72
CA GLN A 491 -42.31 -46.70 -3.59
C GLN A 491 -41.62 -47.36 -4.80
N LEU A 492 -41.78 -46.75 -5.98
CA LEU A 492 -41.31 -47.31 -7.26
C LEU A 492 -39.86 -46.97 -7.63
N CYS A 493 -39.13 -46.29 -6.75
CA CYS A 493 -37.74 -45.96 -7.00
C CYS A 493 -36.77 -47.01 -6.44
N ALA A 494 -36.04 -47.64 -7.36
CA ALA A 494 -35.08 -48.69 -7.02
C ALA A 494 -34.04 -48.17 -6.04
N ARG A 495 -33.63 -49.03 -5.11
CA ARG A 495 -32.57 -48.75 -4.13
C ARG A 495 -32.82 -47.49 -3.29
N GLY A 496 -34.05 -46.99 -3.33
CA GLY A 496 -34.47 -45.89 -2.49
C GLY A 496 -34.08 -44.50 -2.89
N HIS A 497 -33.45 -44.34 -4.06
CA HIS A 497 -32.90 -43.06 -4.53
C HIS A 497 -33.84 -42.21 -5.41
N CYS A 498 -33.90 -40.90 -5.13
CA CYS A 498 -34.69 -39.99 -5.94
C CYS A 498 -34.28 -38.53 -5.82
N TRP A 499 -34.71 -37.71 -6.78
CA TRP A 499 -34.35 -36.32 -6.82
C TRP A 499 -35.46 -35.43 -6.27
N GLY A 500 -36.56 -36.04 -5.82
CA GLY A 500 -37.76 -35.32 -5.40
C GLY A 500 -38.91 -36.26 -5.11
N PRO A 501 -40.09 -35.76 -4.78
CA PRO A 501 -41.26 -36.61 -4.61
C PRO A 501 -41.88 -37.02 -5.95
N GLY A 502 -42.60 -38.13 -5.97
CA GLY A 502 -43.25 -38.58 -7.19
C GLY A 502 -42.50 -39.69 -7.89
N PRO A 503 -43.22 -40.50 -8.68
CA PRO A 503 -42.61 -41.56 -9.49
C PRO A 503 -41.79 -41.03 -10.68
N THR A 504 -41.80 -39.71 -10.87
CA THR A 504 -41.11 -39.07 -11.99
C THR A 504 -39.63 -38.81 -11.66
N GLN A 505 -39.33 -38.92 -10.36
CA GLN A 505 -38.09 -38.42 -9.79
C GLN A 505 -37.07 -39.50 -9.44
N CYS A 506 -37.36 -40.75 -9.81
CA CYS A 506 -36.46 -41.85 -9.50
C CYS A 506 -35.18 -41.79 -10.33
N VAL A 507 -34.07 -42.23 -9.73
CA VAL A 507 -32.79 -42.29 -10.44
C VAL A 507 -32.83 -43.44 -11.43
N ASN A 508 -33.41 -44.56 -11.00
CA ASN A 508 -33.64 -45.72 -11.87
C ASN A 508 -35.01 -46.38 -11.59
N CYS A 509 -35.85 -46.40 -12.62
CA CYS A 509 -37.24 -46.85 -12.50
C CYS A 509 -37.30 -48.33 -12.17
N SER A 510 -37.94 -48.67 -11.06
CA SER A 510 -38.04 -50.07 -10.63
C SER A 510 -38.74 -50.99 -11.64
N GLN A 511 -39.91 -50.57 -12.13
CA GLN A 511 -40.71 -51.36 -13.08
C GLN A 511 -40.60 -50.86 -14.53
N PHE A 512 -41.61 -50.08 -14.96
CA PHE A 512 -41.71 -49.61 -16.35
C PHE A 512 -41.91 -48.09 -16.50
N LEU A 513 -41.39 -47.55 -17.60
CA LEU A 513 -41.42 -46.12 -17.88
C LEU A 513 -42.49 -45.77 -18.89
N ARG A 514 -43.51 -45.03 -18.45
CA ARG A 514 -44.51 -44.47 -19.36
C ARG A 514 -44.33 -42.97 -19.41
N GLY A 515 -43.70 -42.51 -20.47
CA GLY A 515 -43.14 -41.16 -20.50
C GLY A 515 -41.99 -41.15 -19.52
N GLN A 516 -41.96 -40.15 -18.65
CA GLN A 516 -40.93 -40.08 -17.62
C GLN A 516 -41.49 -40.63 -16.31
N GLU A 517 -42.64 -41.29 -16.39
CA GLU A 517 -43.32 -41.78 -15.20
C GLU A 517 -43.07 -43.26 -14.96
N CYS A 518 -42.72 -43.57 -13.73
CA CYS A 518 -42.62 -44.93 -13.25
C CYS A 518 -44.03 -45.46 -13.02
N VAL A 519 -44.37 -46.53 -13.74
CA VAL A 519 -45.63 -47.21 -13.47
C VAL A 519 -45.37 -48.66 -13.09
N GLU A 520 -46.22 -49.18 -12.22
CA GLU A 520 -46.16 -50.57 -11.78
C GLU A 520 -46.42 -51.49 -12.98
N GLU A 521 -47.47 -51.15 -13.74
CA GLU A 521 -47.90 -51.94 -14.89
C GLU A 521 -48.01 -51.07 -16.13
N CYS A 522 -47.59 -51.63 -17.26
CA CYS A 522 -47.91 -51.05 -18.56
C CYS A 522 -49.37 -51.34 -18.87
N ARG A 523 -49.83 -50.92 -20.05
CA ARG A 523 -51.21 -51.19 -20.46
C ARG A 523 -51.30 -52.28 -21.52
N VAL A 524 -50.97 -53.51 -21.12
CA VAL A 524 -50.83 -54.64 -22.04
C VAL A 524 -52.13 -55.42 -22.27
N LEU A 525 -52.93 -55.58 -21.21
CA LEU A 525 -54.12 -56.44 -21.26
C LEU A 525 -55.40 -55.71 -20.85
N GLN A 526 -55.27 -54.70 -19.99
CA GLN A 526 -56.42 -54.04 -19.37
C GLN A 526 -56.20 -52.54 -19.21
N GLY A 527 -55.97 -51.85 -20.32
CA GLY A 527 -55.68 -50.43 -20.31
C GLY A 527 -56.55 -49.59 -21.23
N LEU A 528 -56.45 -48.28 -21.10
CA LEU A 528 -57.23 -47.35 -21.93
C LEU A 528 -56.64 -47.27 -23.36
N PRO A 529 -55.49 -46.61 -23.54
CA PRO A 529 -54.69 -46.81 -24.76
C PRO A 529 -53.76 -48.00 -24.56
N ARG A 530 -54.03 -49.10 -25.25
CA ARG A 530 -53.25 -50.33 -25.09
C ARG A 530 -51.82 -50.15 -25.59
N GLU A 531 -50.87 -50.74 -24.87
CA GLU A 531 -49.45 -50.48 -25.08
C GLU A 531 -48.61 -51.76 -25.18
N TYR A 532 -47.44 -51.64 -25.82
CA TYR A 532 -46.45 -52.72 -25.86
C TYR A 532 -45.21 -52.32 -25.04
N VAL A 533 -44.44 -53.33 -24.61
CA VAL A 533 -43.23 -53.10 -23.82
C VAL A 533 -41.99 -53.32 -24.67
N ASN A 534 -41.13 -52.30 -24.72
CA ASN A 534 -39.84 -52.40 -25.40
C ASN A 534 -38.70 -51.96 -24.49
N ALA A 535 -37.98 -52.94 -23.93
CA ALA A 535 -36.88 -52.71 -22.98
C ALA A 535 -37.28 -51.78 -21.84
N ARG A 536 -38.25 -52.24 -21.04
CA ARG A 536 -38.77 -51.50 -19.88
C ARG A 536 -39.24 -50.08 -20.24
N HIS A 537 -40.24 -50.01 -21.13
CA HIS A 537 -40.84 -48.77 -21.60
C HIS A 537 -42.26 -49.05 -22.11
N CYS A 538 -43.21 -48.21 -21.70
CA CYS A 538 -44.59 -48.32 -22.20
C CYS A 538 -44.75 -47.50 -23.47
N LEU A 539 -45.09 -48.17 -24.57
CA LEU A 539 -45.25 -47.50 -25.86
C LEU A 539 -46.58 -47.87 -26.54
N PRO A 540 -47.32 -46.88 -27.03
CA PRO A 540 -48.67 -47.11 -27.59
C PRO A 540 -48.63 -47.77 -28.96
N CYS A 541 -49.70 -48.46 -29.29
CA CYS A 541 -49.91 -48.98 -30.63
C CYS A 541 -50.42 -47.85 -31.54
N HIS A 542 -50.68 -48.19 -32.80
CA HIS A 542 -51.38 -47.28 -33.70
C HIS A 542 -52.79 -47.08 -33.15
N PRO A 543 -53.24 -45.82 -33.06
CA PRO A 543 -54.60 -45.51 -32.59
C PRO A 543 -55.72 -46.32 -33.26
N GLU A 544 -55.42 -46.99 -34.37
CA GLU A 544 -56.40 -47.84 -35.07
C GLU A 544 -56.10 -49.34 -34.94
N CYS A 545 -55.70 -49.77 -33.75
CA CYS A 545 -55.57 -51.20 -33.45
C CYS A 545 -56.65 -51.64 -32.48
N GLN A 546 -57.42 -52.66 -32.86
CA GLN A 546 -58.52 -53.19 -32.06
C GLN A 546 -58.05 -53.72 -30.70
N PRO A 547 -58.55 -53.11 -29.61
CA PRO A 547 -58.17 -53.54 -28.26
C PRO A 547 -58.68 -54.94 -27.95
N GLN A 548 -57.87 -55.74 -27.27
CA GLN A 548 -58.23 -57.12 -26.98
C GLN A 548 -58.61 -57.34 -25.53
N ASN A 549 -59.57 -58.24 -25.31
CA ASN A 549 -60.05 -58.58 -23.98
C ASN A 549 -59.11 -59.55 -23.27
N GLY A 550 -58.23 -59.01 -22.42
CA GLY A 550 -57.27 -59.78 -21.65
C GLY A 550 -56.26 -60.52 -22.51
N SER A 551 -55.75 -59.83 -23.53
CA SER A 551 -54.78 -60.40 -24.47
C SER A 551 -53.93 -59.29 -25.10
N VAL A 552 -52.85 -59.69 -25.77
CA VAL A 552 -51.95 -58.76 -26.45
C VAL A 552 -52.67 -58.04 -27.60
N THR A 553 -52.61 -56.71 -27.58
CA THR A 553 -53.27 -55.88 -28.59
C THR A 553 -52.37 -55.67 -29.81
N CYS A 554 -51.07 -55.47 -29.57
CA CYS A 554 -50.10 -55.31 -30.65
C CYS A 554 -48.72 -55.83 -30.27
N PHE A 555 -47.85 -55.95 -31.28
CA PHE A 555 -46.47 -56.36 -31.09
C PHE A 555 -45.52 -55.18 -31.25
N GLY A 556 -46.00 -54.12 -31.93
CA GLY A 556 -45.22 -52.93 -32.17
C GLY A 556 -46.06 -51.68 -32.42
N PRO A 557 -45.40 -50.57 -32.76
CA PRO A 557 -46.08 -49.27 -32.89
C PRO A 557 -46.87 -49.09 -34.19
N GLU A 558 -46.45 -49.73 -35.27
CA GLU A 558 -47.06 -49.54 -36.59
C GLU A 558 -48.35 -50.35 -36.78
N ALA A 559 -49.01 -50.13 -37.91
CA ALA A 559 -50.31 -50.73 -38.21
C ALA A 559 -50.24 -52.21 -38.63
N ASP A 560 -49.08 -52.63 -39.13
CA ASP A 560 -48.87 -54.02 -39.54
C ASP A 560 -48.70 -54.97 -38.36
N GLN A 561 -48.47 -54.39 -37.18
CA GLN A 561 -48.18 -55.15 -35.96
C GLN A 561 -49.42 -55.41 -35.10
N CYS A 562 -50.54 -54.77 -35.45
CA CYS A 562 -51.80 -54.96 -34.72
C CYS A 562 -52.37 -56.35 -34.95
N VAL A 563 -53.32 -56.73 -34.10
CA VAL A 563 -53.92 -58.06 -34.14
C VAL A 563 -55.11 -58.14 -35.13
N ALA A 564 -55.83 -57.03 -35.31
CA ALA A 564 -56.94 -56.96 -36.25
C ALA A 564 -56.99 -55.64 -37.05
N THR B 1 31.88 23.86 10.74
CA THR B 1 30.62 23.74 11.49
C THR B 1 30.00 22.37 11.22
N GLN B 2 29.98 21.54 12.26
CA GLN B 2 29.64 20.13 12.12
C GLN B 2 28.15 19.77 12.22
N VAL B 3 27.34 20.61 12.86
CA VAL B 3 25.94 20.27 13.15
C VAL B 3 24.90 21.10 12.38
N CYS B 4 23.91 20.44 11.78
CA CYS B 4 22.89 21.14 10.98
C CYS B 4 21.47 20.53 11.10
N THR B 5 20.45 21.33 10.79
CA THR B 5 19.07 20.85 10.85
C THR B 5 18.63 20.31 9.50
N GLY B 6 18.10 19.10 9.50
CA GLY B 6 17.53 18.51 8.29
C GLY B 6 16.16 19.07 7.95
N THR B 7 15.53 18.48 6.94
CA THR B 7 14.23 18.90 6.44
C THR B 7 13.06 18.06 6.96
N ASP B 8 11.86 18.54 6.69
CA ASP B 8 10.62 17.80 6.96
C ASP B 8 9.60 18.08 5.85
N MET B 9 9.85 17.49 4.69
CA MET B 9 8.97 17.64 3.54
C MET B 9 8.44 16.32 3.01
N LYS B 10 9.06 15.22 3.41
CA LYS B 10 8.65 13.89 2.95
C LYS B 10 8.63 13.83 1.42
N LEU B 11 7.59 13.19 0.87
CA LEU B 11 7.49 13.03 -0.57
C LEU B 11 6.86 14.22 -1.28
N ARG B 12 6.40 15.22 -0.52
CA ARG B 12 5.85 16.45 -1.08
C ARG B 12 6.86 16.98 -2.06
N LEU B 13 6.42 17.50 -3.20
CA LEU B 13 7.41 17.96 -4.16
C LEU B 13 7.76 19.45 -4.03
N PRO B 14 9.01 19.80 -4.35
CA PRO B 14 9.58 21.11 -4.02
C PRO B 14 8.81 22.26 -4.63
N ALA B 15 8.44 23.22 -3.78
CA ALA B 15 7.57 24.32 -4.16
C ALA B 15 8.17 25.18 -5.27
N SER B 16 9.50 25.22 -5.29
CA SER B 16 10.25 25.88 -6.35
C SER B 16 11.42 24.98 -6.75
N PRO B 17 11.27 24.28 -7.87
CA PRO B 17 12.20 23.23 -8.29
C PRO B 17 13.54 23.79 -8.68
N GLU B 18 13.54 24.99 -9.25
CA GLU B 18 14.78 25.57 -9.75
C GLU B 18 15.80 25.82 -8.65
N THR B 19 15.33 26.10 -7.44
CA THR B 19 16.22 26.34 -6.30
C THR B 19 16.26 25.18 -5.29
N HIS B 20 15.74 24.03 -5.68
CA HIS B 20 15.65 22.89 -4.75
C HIS B 20 17.02 22.33 -4.40
N LEU B 21 17.88 22.16 -5.41
CA LEU B 21 19.22 21.62 -5.20
C LEU B 21 20.05 22.61 -4.39
N ASP B 22 19.90 23.89 -4.72
CA ASP B 22 20.61 24.94 -4.00
C ASP B 22 20.24 24.96 -2.52
N MET B 23 18.98 24.67 -2.19
CA MET B 23 18.55 24.60 -0.80
C MET B 23 19.29 23.51 -0.08
N LEU B 24 19.42 22.37 -0.75
CA LEU B 24 20.07 21.18 -0.20
C LEU B 24 21.56 21.42 0.00
N ARG B 25 22.20 22.04 -0.98
CA ARG B 25 23.59 22.40 -0.88
C ARG B 25 23.79 23.21 0.39
N HIS B 26 23.08 24.33 0.51
CA HIS B 26 23.25 25.23 1.64
C HIS B 26 23.03 24.53 2.97
N LEU B 27 22.12 23.56 2.98
CA LEU B 27 21.75 22.87 4.21
C LEU B 27 22.86 21.98 4.73
N TYR B 28 23.40 21.14 3.84
CA TYR B 28 24.26 20.06 4.27
C TYR B 28 25.76 20.27 3.96
N GLN B 29 26.08 21.32 3.19
CA GLN B 29 27.45 21.66 2.86
C GLN B 29 28.32 21.65 4.10
N GLY B 30 29.29 20.73 4.13
CA GLY B 30 30.22 20.61 5.24
C GLY B 30 29.63 20.25 6.61
N CYS B 31 28.43 19.66 6.62
CA CYS B 31 27.79 19.25 7.86
C CYS B 31 27.94 17.74 8.07
N GLN B 32 28.15 17.33 9.33
CA GLN B 32 28.46 15.95 9.70
C GLN B 32 27.37 15.28 10.54
N VAL B 33 26.81 16.04 11.48
CA VAL B 33 25.65 15.60 12.26
C VAL B 33 24.41 16.34 11.80
N VAL B 34 23.37 15.58 11.47
CA VAL B 34 22.13 16.12 10.92
C VAL B 34 21.00 15.91 11.91
N GLN B 35 20.72 16.94 12.70
CA GLN B 35 19.53 16.95 13.59
C GLN B 35 18.28 16.87 12.73
N GLY B 36 17.43 15.89 12.98
CA GLY B 36 16.24 15.74 12.16
C GLY B 36 16.50 14.81 10.99
N ASN B 37 15.78 15.00 9.90
CA ASN B 37 15.75 14.01 8.81
C ASN B 37 16.46 14.42 7.53
N LEU B 38 17.30 13.53 7.01
CA LEU B 38 17.92 13.72 5.72
C LEU B 38 16.94 13.26 4.67
N GLU B 39 16.33 14.22 4.00
CA GLU B 39 15.38 13.92 2.94
C GLU B 39 15.99 14.41 1.65
N LEU B 40 16.34 13.44 0.80
CA LEU B 40 16.88 13.74 -0.53
C LEU B 40 15.88 13.26 -1.58
N THR B 41 15.08 14.20 -2.09
CA THR B 41 14.05 13.87 -3.06
C THR B 41 14.05 14.77 -4.27
N TYR B 42 13.70 14.19 -5.42
CA TYR B 42 13.46 14.90 -6.69
C TYR B 42 14.72 15.47 -7.34
N LEU B 43 15.85 14.83 -7.07
CA LEU B 43 17.11 15.25 -7.66
C LEU B 43 17.25 14.71 -9.09
N PRO B 44 17.46 15.64 -10.03
CA PRO B 44 17.57 15.30 -11.46
C PRO B 44 18.83 14.52 -11.81
N THR B 45 18.83 13.97 -13.03
CA THR B 45 19.76 12.95 -13.48
C THR B 45 21.26 13.27 -13.26
N ASN B 46 21.58 14.56 -13.28
CA ASN B 46 22.95 15.05 -13.36
C ASN B 46 23.45 15.64 -12.04
N ALA B 47 22.50 16.04 -11.20
CA ALA B 47 22.73 16.69 -9.91
C ALA B 47 24.01 16.31 -9.17
N SER B 48 24.89 17.29 -8.99
CA SER B 48 26.10 17.10 -8.18
C SER B 48 25.75 17.14 -6.69
N LEU B 49 25.84 15.98 -6.05
CA LEU B 49 25.51 15.88 -4.62
C LEU B 49 26.77 15.79 -3.75
N SER B 50 27.88 16.28 -4.29
CA SER B 50 29.15 16.28 -3.57
C SER B 50 29.05 16.78 -2.13
N PHE B 51 28.17 17.75 -1.88
CA PHE B 51 28.04 18.38 -0.55
C PHE B 51 27.59 17.45 0.59
N LEU B 52 27.16 16.24 0.26
CA LEU B 52 26.71 15.29 1.27
C LEU B 52 27.84 14.41 1.82
N GLN B 53 29.01 14.47 1.18
CA GLN B 53 30.11 13.55 1.51
C GLN B 53 30.68 13.70 2.92
N ASP B 54 30.05 14.53 3.74
CA ASP B 54 30.54 14.79 5.10
C ASP B 54 29.61 14.38 6.23
N ILE B 55 28.45 13.82 5.88
CA ILE B 55 27.47 13.39 6.87
C ILE B 55 27.87 12.07 7.49
N GLN B 56 28.02 12.06 8.82
CA GLN B 56 28.36 10.85 9.57
C GLN B 56 27.13 10.31 10.23
N GLU B 57 26.28 11.22 10.70
CA GLU B 57 25.18 10.91 11.60
C GLU B 57 23.90 11.61 11.18
N VAL B 58 22.81 10.84 11.10
CA VAL B 58 21.47 11.39 10.90
C VAL B 58 20.59 11.05 12.09
N GLN B 59 20.08 12.07 12.75
CA GLN B 59 19.31 11.92 13.98
C GLN B 59 17.94 11.29 13.79
N GLY B 60 17.26 11.67 12.70
CA GLY B 60 15.92 11.21 12.42
C GLY B 60 15.92 10.01 11.49
N TYR B 61 15.35 10.17 10.30
CA TYR B 61 15.39 9.12 9.29
C TYR B 61 16.04 9.62 8.02
N VAL B 62 16.40 8.69 7.15
CA VAL B 62 16.94 9.02 5.83
C VAL B 62 15.91 8.61 4.79
N LEU B 63 15.54 9.57 3.94
CA LEU B 63 14.63 9.32 2.85
C LEU B 63 15.29 9.69 1.54
N ILE B 64 15.51 8.69 0.70
CA ILE B 64 16.04 8.91 -0.63
C ILE B 64 14.95 8.46 -1.59
N ALA B 65 14.24 9.41 -2.20
CA ALA B 65 13.10 9.03 -3.04
C ALA B 65 12.86 9.95 -4.23
N HIS B 66 12.29 9.38 -5.28
CA HIS B 66 11.96 10.11 -6.52
C HIS B 66 13.12 10.78 -7.24
N ASN B 67 14.32 10.19 -7.16
CA ASN B 67 15.52 10.75 -7.78
C ASN B 67 15.93 10.05 -9.07
N GLN B 68 16.54 10.80 -9.97
CA GLN B 68 17.13 10.19 -11.16
C GLN B 68 18.66 10.06 -11.09
N VAL B 69 19.30 10.71 -10.12
CA VAL B 69 20.75 10.55 -9.92
C VAL B 69 21.11 9.08 -9.79
N ARG B 70 22.23 8.72 -10.39
CA ARG B 70 22.73 7.35 -10.37
C ARG B 70 23.34 7.00 -9.02
N GLN B 71 23.88 8.02 -8.36
CA GLN B 71 24.58 7.85 -7.10
C GLN B 71 24.27 8.98 -6.11
N VAL B 72 23.96 8.63 -4.86
CA VAL B 72 24.02 9.62 -3.80
C VAL B 72 25.15 9.25 -2.84
N PRO B 73 26.11 10.16 -2.67
CA PRO B 73 27.41 9.84 -2.09
C PRO B 73 27.46 9.86 -0.57
N LEU B 74 26.66 9.02 0.08
CA LEU B 74 26.62 8.97 1.54
C LEU B 74 27.60 7.94 2.15
N GLN B 75 28.81 7.86 1.61
CA GLN B 75 29.79 6.83 2.04
C GLN B 75 30.31 7.01 3.47
N ARG B 76 30.15 8.21 4.03
CA ARG B 76 30.61 8.47 5.39
C ARG B 76 29.50 8.40 6.44
N LEU B 77 28.26 8.16 6.00
CA LEU B 77 27.15 7.96 6.93
C LEU B 77 27.43 6.72 7.77
N ARG B 78 27.46 6.90 9.11
CA ARG B 78 27.73 5.81 10.03
C ARG B 78 26.52 5.33 10.87
N ILE B 79 25.82 6.27 11.48
CA ILE B 79 24.71 5.96 12.36
C ILE B 79 23.48 6.77 11.97
N VAL B 80 22.32 6.13 11.96
CA VAL B 80 21.06 6.85 11.90
C VAL B 80 20.23 6.45 13.12
N ARG B 81 19.87 7.45 13.91
CA ARG B 81 19.33 7.25 15.25
C ARG B 81 17.83 6.92 15.30
N GLY B 82 17.08 7.36 14.29
CA GLY B 82 15.67 7.04 14.18
C GLY B 82 14.79 7.65 15.24
N THR B 83 15.15 8.85 15.68
CA THR B 83 14.36 9.62 16.66
C THR B 83 12.94 9.80 16.13
N GLN B 84 12.85 10.16 14.84
CA GLN B 84 11.60 10.11 14.11
C GLN B 84 11.81 9.16 12.96
N LEU B 85 10.74 8.45 12.59
CA LEU B 85 10.81 7.46 11.52
C LEU B 85 9.89 7.78 10.38
N PHE B 86 10.39 7.67 9.14
CA PHE B 86 9.55 7.77 7.95
C PHE B 86 8.41 6.75 8.04
N GLU B 87 7.18 7.25 7.84
CA GLU B 87 5.97 6.45 7.98
C GLU B 87 5.86 5.78 9.35
N ASP B 88 6.45 6.44 10.36
CA ASP B 88 6.52 5.93 11.75
C ASP B 88 7.20 4.58 11.92
N ASN B 89 7.91 4.14 10.88
CA ASN B 89 8.43 2.79 10.85
C ASN B 89 9.83 2.65 10.34
N TYR B 90 10.22 3.52 9.42
CA TYR B 90 11.47 3.31 8.72
C TYR B 90 12.50 4.36 9.03
N ALA B 91 13.67 3.88 9.44
CA ALA B 91 14.85 4.72 9.65
C ALA B 91 15.53 5.07 8.32
N LEU B 92 15.49 4.13 7.38
CA LEU B 92 16.03 4.36 6.05
C LEU B 92 14.94 3.99 5.06
N ALA B 93 14.65 4.90 4.13
CA ALA B 93 13.63 4.62 3.10
C ALA B 93 14.10 5.01 1.69
N VAL B 94 14.24 4.00 0.82
CA VAL B 94 14.69 4.23 -0.54
C VAL B 94 13.56 3.89 -1.49
N LEU B 95 12.95 4.92 -2.11
CA LEU B 95 11.71 4.75 -2.89
C LEU B 95 11.69 5.41 -4.26
N ASP B 96 11.05 4.72 -5.23
CA ASP B 96 10.82 5.24 -6.60
C ASP B 96 11.98 6.08 -7.20
N ASN B 97 13.18 5.53 -7.17
CA ASN B 97 14.33 6.21 -7.73
C ASN B 97 14.64 5.68 -9.12
N GLY B 98 13.72 5.93 -10.05
CA GLY B 98 13.90 5.51 -11.42
C GLY B 98 13.55 6.62 -12.38
N ASP B 99 13.53 6.32 -13.66
CA ASP B 99 13.07 7.28 -14.65
C ASP B 99 11.55 7.27 -14.66
N PRO B 100 10.94 8.44 -14.69
CA PRO B 100 9.48 8.58 -14.87
C PRO B 100 9.05 8.17 -16.30
N LEU B 101 9.33 6.90 -16.67
CA LEU B 101 9.06 6.35 -18.01
C LEU B 101 9.10 7.36 -19.18
N SER B 111 22.87 4.58 -19.04
CA SER B 111 22.09 5.55 -19.81
C SER B 111 20.74 5.91 -19.19
N PRO B 112 19.99 4.93 -18.67
CA PRO B 112 18.76 5.28 -17.94
C PRO B 112 19.10 5.85 -16.58
N GLY B 113 18.36 6.86 -16.17
CA GLY B 113 18.53 7.44 -14.86
C GLY B 113 18.05 6.51 -13.75
N GLY B 114 18.38 6.89 -12.52
CA GLY B 114 18.00 6.14 -11.35
C GLY B 114 19.18 5.58 -10.60
N LEU B 115 19.06 5.63 -9.28
CA LEU B 115 20.03 5.05 -8.34
C LEU B 115 20.45 3.62 -8.67
N ARG B 116 21.76 3.39 -8.62
CA ARG B 116 22.37 2.14 -9.06
C ARG B 116 22.92 1.29 -7.91
N GLU B 117 23.66 1.92 -6.99
CA GLU B 117 24.14 1.23 -5.81
C GLU B 117 23.83 2.07 -4.58
N LEU B 118 23.62 1.41 -3.44
CA LEU B 118 23.30 2.17 -2.24
C LEU B 118 24.55 2.82 -1.66
N GLN B 119 25.69 2.16 -1.80
CA GLN B 119 27.00 2.71 -1.44
C GLN B 119 27.03 3.26 -0.01
N LEU B 120 26.37 2.56 0.92
CA LEU B 120 26.28 3.01 2.30
C LEU B 120 27.32 2.30 3.16
N ARG B 121 28.59 2.46 2.79
CA ARG B 121 29.66 1.62 3.32
C ARG B 121 30.07 1.90 4.77
N SER B 122 29.55 2.96 5.37
CA SER B 122 29.87 3.21 6.77
C SER B 122 28.67 2.95 7.67
N LEU B 123 27.50 2.77 7.06
CA LEU B 123 26.25 2.53 7.80
C LEU B 123 26.30 1.22 8.57
N THR B 124 26.70 1.34 9.83
CA THR B 124 26.94 0.21 10.71
C THR B 124 25.90 0.15 11.81
N GLU B 125 25.19 1.26 12.03
CA GLU B 125 24.21 1.34 13.12
C GLU B 125 22.88 2.00 12.70
N ILE B 126 21.79 1.27 12.92
CA ILE B 126 20.45 1.86 12.90
C ILE B 126 19.81 1.59 14.27
N LEU B 127 19.60 2.66 15.04
CA LEU B 127 19.24 2.52 16.45
C LEU B 127 17.78 2.19 16.65
N LYS B 128 16.91 2.81 15.85
CA LYS B 128 15.47 2.67 16.00
C LYS B 128 14.81 2.72 14.62
N GLY B 129 13.86 1.83 14.39
CA GLY B 129 13.20 1.78 13.11
C GLY B 129 13.85 0.84 12.12
N GLY B 130 13.15 0.58 11.01
CA GLY B 130 13.56 -0.40 10.02
C GLY B 130 13.94 0.18 8.68
N VAL B 131 14.03 -0.69 7.69
CA VAL B 131 14.52 -0.31 6.36
C VAL B 131 13.48 -0.65 5.29
N LEU B 132 13.13 0.36 4.49
CA LEU B 132 12.19 0.20 3.39
C LEU B 132 12.89 0.49 2.08
N ILE B 133 12.91 -0.49 1.17
CA ILE B 133 13.51 -0.30 -0.16
C ILE B 133 12.58 -0.80 -1.25
N GLN B 134 12.05 0.11 -2.06
CA GLN B 134 11.00 -0.26 -3.02
C GLN B 134 11.00 0.58 -4.28
N ARG B 135 10.75 -0.10 -5.40
CA ARG B 135 10.67 0.53 -6.70
C ARG B 135 11.93 1.37 -7.03
N ASN B 136 13.06 0.68 -7.16
CA ASN B 136 14.28 1.28 -7.69
C ASN B 136 14.87 0.40 -8.79
N PRO B 137 14.55 0.72 -10.05
CA PRO B 137 14.70 -0.23 -11.16
C PRO B 137 16.14 -0.49 -11.59
N GLN B 138 17.06 0.40 -11.21
CA GLN B 138 18.47 0.21 -11.53
C GLN B 138 19.32 -0.12 -10.31
N LEU B 139 18.69 -0.32 -9.15
CA LEU B 139 19.40 -0.58 -7.91
C LEU B 139 19.82 -2.04 -7.71
N CYS B 140 21.10 -2.23 -7.35
CA CYS B 140 21.68 -3.55 -7.13
C CYS B 140 22.25 -3.71 -5.72
N TYR B 141 22.39 -4.97 -5.29
CA TYR B 141 23.10 -5.34 -4.05
C TYR B 141 22.37 -5.06 -2.72
N GLN B 142 21.11 -4.63 -2.76
CA GLN B 142 20.38 -4.38 -1.51
C GLN B 142 19.91 -5.69 -0.87
N ASP B 143 19.73 -6.72 -1.70
CA ASP B 143 19.33 -8.03 -1.21
C ASP B 143 20.54 -8.82 -0.76
N THR B 144 21.66 -8.13 -0.65
CA THR B 144 22.95 -8.75 -0.37
C THR B 144 23.40 -8.47 1.07
N ILE B 145 22.98 -7.32 1.59
CA ILE B 145 23.34 -6.82 2.91
C ILE B 145 22.70 -7.66 4.01
N LEU B 146 23.50 -7.94 5.04
CA LEU B 146 23.03 -8.57 6.26
C LEU B 146 22.43 -7.50 7.19
N TRP B 147 21.16 -7.16 6.97
CA TRP B 147 20.49 -6.08 7.71
C TRP B 147 20.40 -6.29 9.23
N LYS B 148 20.27 -7.55 9.65
CA LYS B 148 20.24 -7.88 11.08
C LYS B 148 21.41 -7.21 11.80
N ASP B 149 22.59 -7.22 11.17
CA ASP B 149 23.82 -6.68 11.75
C ASP B 149 23.74 -5.19 12.01
N ILE B 150 23.11 -4.45 11.10
CA ILE B 150 23.07 -2.99 11.17
C ILE B 150 22.16 -2.52 12.30
N PHE B 151 20.95 -3.06 12.35
CA PHE B 151 20.02 -2.76 13.42
C PHE B 151 20.66 -3.03 14.78
N HIS B 152 20.55 -2.07 15.70
CA HIS B 152 21.05 -2.24 17.05
C HIS B 152 20.33 -3.36 17.80
N LYS B 153 21.04 -3.93 18.78
CA LYS B 153 20.51 -4.96 19.67
C LYS B 153 19.16 -4.58 20.27
N ASN B 154 18.98 -3.28 20.50
CA ASN B 154 17.78 -2.72 21.13
C ASN B 154 16.74 -2.12 20.16
N ASN B 155 16.96 -2.27 18.86
CA ASN B 155 16.03 -1.72 17.89
C ASN B 155 14.76 -2.55 17.86
N GLN B 156 13.69 -2.02 18.45
CA GLN B 156 12.47 -2.79 18.60
C GLN B 156 11.58 -2.76 17.35
N LEU B 157 11.97 -1.96 16.36
CA LEU B 157 11.27 -1.93 15.09
C LEU B 157 12.25 -2.29 13.98
N ALA B 158 13.09 -3.26 14.27
CA ALA B 158 14.12 -3.65 13.34
C ALA B 158 13.48 -4.52 12.26
N LEU B 159 12.97 -3.91 11.19
CA LEU B 159 12.35 -4.72 10.15
C LEU B 159 12.77 -4.35 8.72
N THR B 160 12.46 -5.24 7.78
CA THR B 160 12.83 -5.04 6.40
C THR B 160 11.61 -5.11 5.48
N LEU B 161 11.55 -4.22 4.49
CA LEU B 161 10.65 -4.42 3.35
C LEU B 161 11.40 -4.04 2.09
N ILE B 162 11.80 -5.06 1.34
CA ILE B 162 12.72 -4.85 0.22
C ILE B 162 12.19 -5.47 -1.08
N ASP B 163 12.34 -4.71 -2.14
CA ASP B 163 11.89 -5.04 -3.48
C ASP B 163 13.15 -5.25 -4.30
N THR B 164 13.19 -6.31 -5.10
CA THR B 164 14.35 -6.56 -5.96
C THR B 164 13.95 -6.66 -7.43
N ASN B 165 12.89 -5.93 -7.77
CA ASN B 165 12.48 -5.76 -9.15
C ASN B 165 13.54 -4.91 -9.80
N ARG B 166 13.99 -5.32 -10.98
CA ARG B 166 15.14 -4.72 -11.63
C ARG B 166 15.00 -4.64 -13.15
N SER B 167 15.62 -3.62 -13.74
CA SER B 167 15.63 -3.50 -15.20
C SER B 167 17.03 -3.69 -15.79
N ARG B 168 17.98 -4.09 -14.95
CA ARG B 168 19.35 -4.36 -15.38
C ARG B 168 19.90 -5.60 -14.70
N ALA B 169 20.84 -6.28 -15.34
CA ALA B 169 21.51 -7.41 -14.71
C ALA B 169 22.61 -6.90 -13.79
N CYS B 170 22.66 -7.42 -12.56
CA CYS B 170 23.69 -7.03 -11.61
C CYS B 170 24.98 -7.78 -11.89
N HIS B 171 26.11 -7.18 -11.55
CA HIS B 171 27.36 -7.92 -11.53
C HIS B 171 27.54 -8.43 -10.10
N PRO B 172 28.37 -9.46 -9.90
CA PRO B 172 28.62 -9.97 -8.55
C PRO B 172 29.40 -8.95 -7.72
N CYS B 173 29.49 -9.14 -6.40
CA CYS B 173 30.31 -8.27 -5.58
C CYS B 173 31.78 -8.45 -5.94
N SER B 174 32.62 -7.52 -5.49
CA SER B 174 34.06 -7.71 -5.65
C SER B 174 34.46 -9.07 -5.07
N PRO B 175 35.30 -9.81 -5.79
CA PRO B 175 35.86 -11.07 -5.28
C PRO B 175 36.46 -10.91 -3.88
N MET B 176 36.91 -9.69 -3.57
CA MET B 176 37.48 -9.35 -2.27
C MET B 176 36.48 -9.39 -1.11
N CYS B 177 35.19 -9.35 -1.42
CA CYS B 177 34.15 -9.41 -0.38
C CYS B 177 33.98 -10.84 0.12
N LYS B 178 34.05 -11.00 1.44
CA LYS B 178 34.03 -12.34 2.06
C LYS B 178 32.80 -13.18 1.69
N GLY B 179 31.61 -12.65 1.95
CA GLY B 179 30.38 -13.31 1.60
C GLY B 179 29.71 -12.66 0.40
N SER B 180 28.42 -12.94 0.24
CA SER B 180 27.64 -12.30 -0.81
C SER B 180 27.63 -10.77 -0.67
N ARG B 181 28.15 -10.27 0.47
CA ARG B 181 27.88 -8.92 0.99
C ARG B 181 28.64 -7.75 0.40
N CYS B 182 27.90 -6.73 -0.07
CA CYS B 182 28.50 -5.53 -0.61
C CYS B 182 27.47 -4.43 -0.85
N TRP B 183 27.93 -3.18 -0.76
CA TRP B 183 27.09 -2.01 -0.97
C TRP B 183 27.28 -1.48 -2.39
N GLY B 184 27.92 -2.26 -3.24
CA GLY B 184 28.21 -1.84 -4.60
C GLY B 184 29.26 -2.70 -5.26
N GLU B 185 29.49 -2.45 -6.54
CA GLU B 185 30.39 -3.25 -7.37
C GLU B 185 31.84 -3.25 -6.86
N SER B 186 32.22 -2.15 -6.20
CA SER B 186 33.61 -1.92 -5.81
C SER B 186 34.11 -2.82 -4.68
N SER B 187 35.43 -2.87 -4.54
CA SER B 187 36.08 -3.60 -3.44
C SER B 187 35.90 -2.90 -2.10
N GLU B 188 36.00 -1.57 -2.09
CA GLU B 188 35.80 -0.79 -0.87
C GLU B 188 34.32 -0.76 -0.47
N ASP B 189 33.50 -1.61 -1.08
CA ASP B 189 32.07 -1.59 -0.85
C ASP B 189 31.52 -2.78 -0.02
N CYS B 190 32.41 -3.73 0.32
CA CYS B 190 32.04 -4.88 1.14
C CYS B 190 31.40 -4.43 2.42
N GLN B 191 30.31 -5.10 2.78
CA GLN B 191 29.64 -4.77 4.04
C GLN B 191 30.56 -5.21 5.16
N SER B 192 30.80 -4.31 6.12
CA SER B 192 31.60 -4.65 7.28
C SER B 192 30.66 -4.98 8.42
N LEU B 193 30.87 -6.12 9.06
CA LEU B 193 29.98 -6.61 10.09
C LEU B 193 30.47 -6.23 11.48
N THR B 194 29.52 -6.03 12.39
CA THR B 194 29.81 -5.37 13.64
C THR B 194 28.99 -5.89 14.81
N ARG B 195 27.95 -6.67 14.52
CA ARG B 195 27.13 -7.24 15.58
C ARG B 195 27.13 -8.76 15.55
N THR B 196 26.76 -9.33 14.41
CA THR B 196 26.49 -10.77 14.30
C THR B 196 27.74 -11.62 14.47
N VAL B 197 28.89 -10.96 14.62
CA VAL B 197 30.17 -11.63 14.59
C VAL B 197 31.00 -11.38 15.86
N CYS B 198 30.33 -10.93 16.92
CA CYS B 198 30.99 -10.54 18.16
C CYS B 198 31.10 -11.67 19.17
N ALA B 199 32.18 -11.65 19.95
CA ALA B 199 32.37 -12.60 21.05
C ALA B 199 31.55 -12.19 22.27
N GLY B 200 30.92 -13.17 22.91
CA GLY B 200 30.13 -12.92 24.11
C GLY B 200 28.87 -12.10 23.86
N GLY B 201 28.43 -11.39 24.89
CA GLY B 201 27.19 -10.62 24.81
C GLY B 201 27.27 -9.33 24.01
N CYS B 202 28.47 -8.97 23.60
CA CYS B 202 28.81 -7.67 22.99
C CYS B 202 27.81 -7.07 22.02
N ALA B 203 27.44 -5.82 22.29
CA ALA B 203 26.51 -5.14 21.41
C ALA B 203 27.16 -4.82 20.05
N ARG B 204 28.42 -4.41 20.09
CA ARG B 204 29.17 -4.03 18.87
C ARG B 204 30.63 -4.39 19.05
N CYS B 205 31.30 -4.68 17.94
CA CYS B 205 32.73 -5.02 17.98
C CYS B 205 33.48 -4.57 16.72
N LYS B 206 34.78 -4.84 16.69
CA LYS B 206 35.62 -4.55 15.53
C LYS B 206 36.27 -5.81 14.99
N GLY B 207 35.79 -6.96 15.46
CA GLY B 207 36.35 -8.24 15.06
C GLY B 207 35.85 -9.36 15.96
N PRO B 208 36.32 -10.58 15.70
CA PRO B 208 35.80 -11.78 16.37
C PRO B 208 36.20 -11.95 17.84
N LEU B 209 37.38 -11.45 18.23
CA LEU B 209 37.95 -11.69 19.56
C LEU B 209 37.25 -10.92 20.67
N PRO B 210 37.29 -11.45 21.90
CA PRO B 210 36.78 -10.74 23.08
C PRO B 210 37.43 -9.37 23.28
N THR B 211 38.72 -9.26 23.01
CA THR B 211 39.41 -7.97 23.07
C THR B 211 38.95 -6.99 21.97
N ASP B 212 38.34 -7.51 20.91
CA ASP B 212 37.85 -6.68 19.81
C ASP B 212 36.51 -6.04 20.14
N CYS B 213 36.04 -6.29 21.36
CA CYS B 213 34.75 -5.78 21.80
C CYS B 213 34.78 -4.27 22.04
N CYS B 214 33.66 -3.63 21.74
CA CYS B 214 33.52 -2.19 21.94
C CYS B 214 33.05 -1.89 23.34
N HIS B 215 33.26 -0.65 23.78
CA HIS B 215 32.74 -0.22 25.06
C HIS B 215 31.21 -0.30 25.03
N GLU B 216 30.62 -0.57 26.18
CA GLU B 216 29.17 -0.71 26.30
C GLU B 216 28.44 0.58 25.89
N GLN B 217 29.15 1.70 25.97
CA GLN B 217 28.58 3.01 25.68
C GLN B 217 28.73 3.46 24.21
N CYS B 218 29.47 2.69 23.43
CA CYS B 218 29.67 2.94 22.00
C CYS B 218 28.44 2.59 21.16
N ALA B 219 28.46 2.99 19.89
CA ALA B 219 27.27 2.80 19.07
C ALA B 219 27.47 2.24 17.65
N ALA B 220 28.55 2.57 16.97
CA ALA B 220 28.60 2.04 15.61
C ALA B 220 29.63 0.96 15.47
N GLY B 221 30.43 0.79 16.51
CA GLY B 221 31.64 -0.01 16.45
C GLY B 221 32.76 0.81 17.03
N CYS B 222 34.00 0.33 16.94
CA CYS B 222 35.11 1.04 17.58
C CYS B 222 36.45 0.84 16.92
N THR B 223 37.42 1.61 17.41
CA THR B 223 38.81 1.51 16.98
C THR B 223 39.63 0.85 18.08
N GLY B 224 38.98 0.61 19.22
CA GLY B 224 39.59 -0.01 20.39
C GLY B 224 38.60 -0.16 21.52
N PRO B 225 39.03 -0.66 22.68
CA PRO B 225 38.12 -1.04 23.76
C PRO B 225 37.68 0.06 24.72
N LYS B 226 38.29 1.24 24.68
CA LYS B 226 37.90 2.33 25.57
C LYS B 226 36.56 2.97 25.16
N HIS B 227 36.07 3.88 26.00
CA HIS B 227 34.88 4.69 25.65
C HIS B 227 35.25 5.97 24.90
N SER B 228 36.54 6.15 24.65
CA SER B 228 37.01 7.25 23.81
C SER B 228 37.36 6.76 22.40
N ASP B 229 37.06 5.48 22.12
CA ASP B 229 37.37 4.90 20.82
C ASP B 229 36.12 4.61 19.98
N CYS B 230 34.98 5.12 20.44
CA CYS B 230 33.72 4.87 19.77
C CYS B 230 33.67 5.52 18.40
N LEU B 231 33.04 4.83 17.45
CA LEU B 231 32.74 5.43 16.15
C LEU B 231 31.53 6.34 16.28
N ALA B 232 30.72 6.12 17.33
CA ALA B 232 29.50 6.86 17.59
C ALA B 232 29.10 6.64 19.03
N CYS B 233 28.44 7.62 19.64
CA CYS B 233 27.99 7.49 21.03
C CYS B 233 26.56 6.93 21.09
N LEU B 234 26.32 5.95 21.96
CA LEU B 234 24.98 5.40 22.10
C LEU B 234 24.04 6.45 22.69
N HIS B 235 24.51 7.16 23.70
CA HIS B 235 23.71 8.16 24.39
C HIS B 235 24.23 9.59 24.23
N PHE B 236 25.27 9.94 24.98
CA PHE B 236 25.86 11.27 24.88
C PHE B 236 27.35 11.31 24.63
N ASN B 237 27.76 12.38 23.96
CA ASN B 237 29.16 12.63 23.69
C ASN B 237 29.64 13.71 24.64
N HIS B 238 30.20 13.30 25.77
CA HIS B 238 30.71 14.23 26.76
C HIS B 238 32.14 14.62 26.39
N SER B 239 32.25 15.63 25.51
CA SER B 239 33.55 16.16 25.10
C SER B 239 34.58 15.07 24.74
N GLY B 240 34.13 14.10 23.92
CA GLY B 240 35.01 13.04 23.41
C GLY B 240 34.78 11.67 24.02
N ILE B 241 34.20 11.67 25.22
CA ILE B 241 33.96 10.43 25.96
C ILE B 241 32.46 10.09 25.92
N CYS B 242 32.13 8.85 25.62
CA CYS B 242 30.74 8.43 25.47
C CYS B 242 30.17 8.01 26.81
N GLU B 243 29.04 8.61 27.17
CA GLU B 243 28.41 8.32 28.46
C GLU B 243 26.89 8.18 28.34
N LEU B 244 26.27 7.79 29.44
CA LEU B 244 24.84 7.53 29.48
C LEU B 244 24.02 8.81 29.73
N HIS B 245 24.59 9.72 30.50
CA HIS B 245 23.93 10.97 30.83
C HIS B 245 24.95 12.12 30.81
N CYS B 246 24.45 13.34 30.96
CA CYS B 246 25.35 14.48 31.06
C CYS B 246 25.55 14.91 32.50
N PRO B 247 26.75 15.34 32.84
CA PRO B 247 27.08 15.84 34.17
C PRO B 247 26.04 16.82 34.71
N ALA B 248 25.56 16.57 35.93
CA ALA B 248 24.54 17.40 36.59
C ALA B 248 24.89 18.87 36.62
N LEU B 249 23.88 19.73 36.61
CA LEU B 249 24.10 21.16 36.64
C LEU B 249 24.44 21.58 38.05
N VAL B 250 24.32 20.63 38.97
CA VAL B 250 24.30 20.93 40.38
C VAL B 250 24.78 19.72 41.21
N THR B 251 25.58 19.99 42.22
CA THR B 251 26.14 18.94 43.06
C THR B 251 25.32 18.83 44.34
N TYR B 252 25.00 17.62 44.77
CA TYR B 252 24.12 17.44 45.94
C TYR B 252 24.83 16.97 47.23
N ASN B 253 24.18 17.18 48.39
CA ASN B 253 24.74 16.78 49.68
C ASN B 253 24.47 15.34 50.07
N THR B 254 23.28 14.84 49.73
CA THR B 254 22.90 13.44 49.95
C THR B 254 22.32 13.16 51.34
N ASP B 255 22.54 14.08 52.29
CA ASP B 255 21.86 14.04 53.58
C ASP B 255 20.91 15.23 53.73
N THR B 256 21.42 16.43 53.43
CA THR B 256 20.63 17.67 53.43
C THR B 256 19.94 17.83 52.10
N PHE B 257 20.55 17.25 51.07
CA PHE B 257 20.19 17.49 49.68
C PHE B 257 20.15 18.98 49.33
N GLU B 258 21.16 19.71 49.80
CA GLU B 258 21.40 21.06 49.31
C GLU B 258 22.49 21.03 48.26
N SER B 259 22.42 21.97 47.33
CA SER B 259 23.18 21.91 46.09
C SER B 259 24.06 23.12 45.87
N MET B 260 25.35 22.87 45.64
CA MET B 260 26.22 23.87 45.03
C MET B 260 26.05 23.75 43.52
N PRO B 261 26.27 24.84 42.78
CA PRO B 261 26.39 24.76 41.31
C PRO B 261 27.62 23.94 40.88
N ASN B 262 27.47 23.14 39.82
CA ASN B 262 28.54 22.29 39.32
C ASN B 262 29.20 22.88 38.07
N PRO B 263 30.43 23.36 38.22
CA PRO B 263 31.17 23.97 37.10
C PRO B 263 31.39 22.99 35.94
N GLU B 264 31.39 21.69 36.26
CA GLU B 264 31.58 20.64 35.27
C GLU B 264 30.29 20.33 34.52
N GLY B 265 29.17 20.83 35.05
CA GLY B 265 27.85 20.58 34.51
C GLY B 265 27.62 20.98 33.07
N ARG B 266 26.78 20.23 32.38
CA ARG B 266 26.50 20.43 30.97
C ARG B 266 25.02 20.31 30.70
N TYR B 267 24.58 20.80 29.54
CA TYR B 267 23.19 20.67 29.12
C TYR B 267 23.13 19.63 28.00
N THR B 268 22.01 18.92 27.93
CA THR B 268 21.79 17.93 26.88
C THR B 268 21.31 18.64 25.63
N PHE B 269 22.04 18.49 24.54
CA PHE B 269 21.62 19.00 23.25
C PHE B 269 21.84 17.90 22.23
N GLY B 270 20.73 17.42 21.68
CA GLY B 270 20.79 16.31 20.74
C GLY B 270 21.37 15.08 21.39
N ALA B 271 22.54 14.64 20.92
CA ALA B 271 23.22 13.47 21.48
C ALA B 271 24.59 13.85 22.01
N SER B 272 24.69 15.06 22.55
CA SER B 272 25.96 15.52 23.10
C SER B 272 25.71 16.43 24.31
N CYS B 273 26.63 16.36 25.27
CA CYS B 273 26.64 17.27 26.40
C CYS B 273 27.23 18.60 25.97
N VAL B 274 26.67 19.69 26.48
CA VAL B 274 27.02 21.00 25.97
C VAL B 274 27.20 22.02 27.10
N THR B 275 28.24 22.84 27.02
CA THR B 275 28.52 23.82 28.08
C THR B 275 27.42 24.87 28.20
N ALA B 276 26.91 25.30 27.04
CA ALA B 276 25.77 26.21 26.93
C ALA B 276 25.03 25.93 25.61
N CYS B 277 23.70 25.96 25.68
CA CYS B 277 22.83 25.65 24.55
C CYS B 277 23.16 26.50 23.34
N PRO B 278 23.13 25.90 22.15
CA PRO B 278 23.47 26.61 20.91
C PRO B 278 22.51 27.78 20.63
N TYR B 279 22.84 28.61 19.65
CA TYR B 279 22.22 29.93 19.50
C TYR B 279 20.71 30.03 19.70
N ASN B 280 19.94 29.35 18.87
CA ASN B 280 18.51 29.63 18.85
C ASN B 280 17.71 28.93 19.96
N TYR B 281 18.41 28.14 20.78
CA TYR B 281 17.77 27.27 21.76
C TYR B 281 17.67 27.88 23.16
N LEU B 282 16.88 27.26 24.02
CA LEU B 282 16.67 27.76 25.36
C LEU B 282 17.09 26.73 26.40
N SER B 283 18.01 27.15 27.26
CA SER B 283 18.46 26.35 28.38
C SER B 283 17.36 26.24 29.40
N THR B 284 17.44 25.20 30.22
CA THR B 284 16.33 24.77 31.05
C THR B 284 16.84 24.46 32.45
N ASP B 285 16.13 24.92 33.48
CA ASP B 285 16.53 24.69 34.88
C ASP B 285 16.81 23.21 35.20
N VAL B 286 16.39 22.33 34.31
CA VAL B 286 16.37 20.91 34.53
C VAL B 286 17.51 20.25 33.74
N GLY B 287 18.27 21.07 33.01
CA GLY B 287 19.48 20.61 32.33
C GLY B 287 19.36 20.24 30.86
N SER B 288 18.41 20.86 30.16
CA SER B 288 18.17 20.57 28.74
C SER B 288 18.16 21.81 27.84
N CYS B 289 18.06 21.58 26.53
CA CYS B 289 17.99 22.68 25.56
C CYS B 289 16.76 22.52 24.71
N THR B 290 15.84 23.48 24.75
CA THR B 290 14.60 23.35 23.99
C THR B 290 14.14 24.59 23.26
N LEU B 291 13.00 24.46 22.58
CA LEU B 291 12.46 25.51 21.75
C LEU B 291 11.13 26.01 22.30
N VAL B 292 10.64 25.33 23.34
CA VAL B 292 9.43 25.72 24.06
C VAL B 292 9.68 25.50 25.54
N CYS B 293 9.58 26.56 26.34
CA CYS B 293 9.77 26.43 27.78
C CYS B 293 8.78 25.44 28.36
N PRO B 294 9.22 24.59 29.29
CA PRO B 294 8.32 23.66 29.97
C PRO B 294 7.27 24.44 30.77
N LEU B 295 6.17 23.76 31.10
CA LEU B 295 5.09 24.36 31.89
C LEU B 295 5.58 24.98 33.21
N HIS B 296 4.96 26.10 33.58
CA HIS B 296 5.32 26.83 34.78
C HIS B 296 6.73 27.45 34.72
N ASN B 297 7.33 27.40 33.53
CA ASN B 297 8.52 28.18 33.19
C ASN B 297 8.19 29.23 32.14
N GLN B 298 9.14 30.11 31.85
CA GLN B 298 8.91 31.29 31.02
C GLN B 298 10.19 31.70 30.30
N GLU B 299 10.03 32.23 29.10
CA GLU B 299 11.15 32.76 28.33
C GLU B 299 11.52 34.12 28.89
N VAL B 300 12.77 34.29 29.30
CA VAL B 300 13.26 35.61 29.73
C VAL B 300 14.58 35.93 29.08
N THR B 301 14.71 37.20 28.69
CA THR B 301 15.95 37.75 28.17
C THR B 301 16.91 38.02 29.33
N ALA B 302 17.71 37.00 29.65
CA ALA B 302 18.60 36.99 30.82
C ALA B 302 19.73 38.05 30.70
N GLU B 303 20.57 38.13 31.74
CA GLU B 303 21.49 39.27 31.92
C GLU B 303 22.61 39.43 30.85
N ASP B 304 22.63 38.54 29.85
CA ASP B 304 23.49 38.64 28.67
C ASP B 304 22.74 39.33 27.52
N GLY B 305 21.87 38.52 26.90
CA GLY B 305 21.08 38.87 25.73
C GLY B 305 20.46 37.55 25.29
N THR B 306 21.06 36.48 25.81
CA THR B 306 20.62 35.10 25.57
C THR B 306 19.23 34.87 26.14
N GLN B 307 18.45 34.09 25.41
CA GLN B 307 17.16 33.67 25.90
C GLN B 307 17.33 32.47 26.84
N ARG B 308 16.39 32.30 27.77
CA ARG B 308 16.52 31.34 28.85
C ARG B 308 15.16 31.05 29.47
N CYS B 309 14.95 29.81 29.90
CA CYS B 309 13.70 29.41 30.54
C CYS B 309 13.79 29.44 32.05
N GLU B 310 13.31 30.53 32.66
CA GLU B 310 13.29 30.62 34.12
C GLU B 310 11.94 30.25 34.72
N LYS B 311 11.92 29.81 35.97
CA LYS B 311 10.68 29.52 36.66
C LYS B 311 9.86 30.79 36.80
N CYS B 312 8.53 30.65 36.85
CA CYS B 312 7.67 31.78 37.19
C CYS B 312 7.23 31.61 38.65
N SER B 313 7.54 32.60 39.48
CA SER B 313 7.00 32.59 40.85
C SER B 313 5.47 32.59 40.76
N LYS B 314 4.93 33.79 40.53
CA LYS B 314 3.56 34.06 40.12
C LYS B 314 3.17 33.15 38.94
N PRO B 315 1.89 33.11 38.58
CA PRO B 315 1.52 32.42 37.34
C PRO B 315 2.27 33.08 36.19
N CYS B 316 2.65 32.32 35.16
CA CYS B 316 3.34 32.91 34.02
C CYS B 316 2.41 33.87 33.30
N ALA B 317 2.96 34.98 32.83
CA ALA B 317 2.17 36.03 32.19
C ALA B 317 1.63 35.49 30.89
N ARG B 318 0.44 35.95 30.49
CA ARG B 318 -0.20 35.40 29.30
C ARG B 318 0.53 35.82 28.03
N VAL B 319 0.42 34.98 27.01
CA VAL B 319 1.30 35.05 25.86
C VAL B 319 0.46 34.81 24.61
N CYS B 320 0.85 35.38 23.48
CA CYS B 320 0.16 35.11 22.22
C CYS B 320 0.67 33.90 21.46
N TYR B 321 -0.22 32.97 21.17
CA TYR B 321 0.17 31.78 20.43
C TYR B 321 -0.12 31.90 18.93
N GLY B 322 0.78 31.35 18.11
CA GLY B 322 0.63 31.41 16.68
C GLY B 322 0.21 30.08 16.12
N LEU B 323 0.39 29.91 14.82
CA LEU B 323 -0.02 28.67 14.18
C LEU B 323 0.94 27.55 14.55
N GLY B 324 0.37 26.36 14.73
CA GLY B 324 1.13 25.21 15.15
C GLY B 324 1.39 25.21 16.64
N MET B 325 0.68 26.04 17.38
CA MET B 325 0.97 26.24 18.78
C MET B 325 -0.33 26.26 19.57
N GLU B 326 -0.36 25.54 20.69
CA GLU B 326 -1.55 25.47 21.54
C GLU B 326 -2.84 25.28 20.75
N HIS B 327 -3.82 26.16 21.01
CA HIS B 327 -5.15 26.06 20.43
C HIS B 327 -5.17 26.36 18.93
N LEU B 328 -4.00 26.67 18.38
CA LEU B 328 -3.85 26.84 16.93
C LEU B 328 -2.84 25.84 16.39
N ARG B 329 -2.70 24.71 17.09
CA ARG B 329 -1.74 23.68 16.74
C ARG B 329 -1.97 23.15 15.34
N GLU B 330 -3.24 22.95 15.01
CA GLU B 330 -3.61 22.29 13.76
C GLU B 330 -4.08 23.25 12.65
N VAL B 331 -4.03 24.55 12.92
CA VAL B 331 -4.64 25.54 12.06
C VAL B 331 -3.67 25.84 10.92
N ARG B 332 -4.15 25.71 9.69
CA ARG B 332 -3.29 25.85 8.52
C ARG B 332 -2.92 27.28 8.17
N ALA B 333 -3.82 28.24 8.39
CA ALA B 333 -3.60 29.62 7.96
C ALA B 333 -4.37 30.66 8.78
N VAL B 334 -3.89 31.91 8.70
CA VAL B 334 -4.61 33.04 9.27
C VAL B 334 -5.91 33.23 8.46
N THR B 335 -7.03 33.38 9.15
CA THR B 335 -8.30 33.68 8.48
C THR B 335 -9.06 34.71 9.28
N SER B 336 -10.18 35.18 8.72
CA SER B 336 -11.06 36.10 9.43
C SER B 336 -11.58 35.48 10.71
N ALA B 337 -11.42 34.17 10.82
CA ALA B 337 -11.90 33.43 11.98
C ALA B 337 -10.91 33.47 13.13
N ASN B 338 -9.69 33.93 12.88
CA ASN B 338 -8.69 33.94 13.95
C ASN B 338 -7.84 35.19 14.01
N ILE B 339 -8.04 36.11 13.09
CA ILE B 339 -7.12 37.24 12.92
C ILE B 339 -7.13 38.16 14.14
N GLN B 340 -8.32 38.47 14.64
CA GLN B 340 -8.46 39.33 15.83
C GLN B 340 -7.68 38.80 17.02
N GLU B 341 -7.42 37.49 17.03
CA GLU B 341 -6.65 36.84 18.08
C GLU B 341 -5.26 37.43 18.27
N PHE B 342 -4.73 38.06 17.24
CA PHE B 342 -3.37 38.57 17.32
C PHE B 342 -3.38 40.02 17.72
N ALA B 343 -4.58 40.58 17.86
CA ALA B 343 -4.75 41.99 18.20
C ALA B 343 -3.89 42.39 19.40
N GLY B 344 -2.98 43.34 19.16
CA GLY B 344 -2.17 43.89 20.22
C GLY B 344 -0.92 43.11 20.56
N CYS B 345 -0.77 41.94 19.95
CA CYS B 345 0.38 41.08 20.23
C CYS B 345 1.66 41.71 19.74
N LYS B 346 2.66 41.78 20.63
CA LYS B 346 3.99 42.26 20.25
C LYS B 346 4.92 41.10 19.85
N LYS B 347 4.69 39.95 20.46
CA LYS B 347 5.46 38.74 20.16
C LYS B 347 4.58 37.50 20.02
N ILE B 348 4.66 36.82 18.88
CA ILE B 348 3.85 35.63 18.65
C ILE B 348 4.65 34.35 18.84
N PHE B 349 4.19 33.51 19.77
CA PHE B 349 4.79 32.21 19.99
C PHE B 349 4.14 31.24 19.02
N GLY B 350 4.82 31.06 17.90
CA GLY B 350 4.32 30.21 16.83
C GLY B 350 4.65 30.84 15.50
N SER B 351 3.88 30.49 14.47
CA SER B 351 4.09 31.04 13.13
C SER B 351 2.81 31.68 12.60
N LEU B 352 2.95 32.47 11.53
CA LEU B 352 1.82 32.92 10.76
C LEU B 352 1.99 32.51 9.31
N ALA B 353 0.94 31.90 8.76
CA ALA B 353 0.89 31.55 7.35
C ALA B 353 -0.30 32.23 6.66
N PHE B 354 -0.03 32.91 5.55
CA PHE B 354 -1.07 33.51 4.74
C PHE B 354 -1.17 32.77 3.42
N LEU B 355 -2.25 32.01 3.24
CA LEU B 355 -2.47 31.19 2.04
C LEU B 355 -3.56 31.85 1.21
N PRO B 356 -3.80 31.36 -0.02
CA PRO B 356 -4.93 31.84 -0.84
C PRO B 356 -6.28 31.71 -0.12
N GLU B 357 -6.43 30.64 0.65
CA GLU B 357 -7.68 30.42 1.36
C GLU B 357 -7.91 31.47 2.43
N SER B 358 -6.84 32.17 2.83
CA SER B 358 -6.99 33.28 3.75
C SER B 358 -7.86 34.37 3.14
N PHE B 359 -7.63 34.65 1.85
CA PHE B 359 -8.13 35.87 1.23
C PHE B 359 -9.31 35.69 0.29
N ASP B 360 -9.35 34.58 -0.44
CA ASP B 360 -10.65 34.13 -0.93
C ASP B 360 -11.11 33.33 0.26
N GLY B 361 -12.37 33.45 0.65
CA GLY B 361 -12.81 32.82 1.88
C GLY B 361 -12.88 31.32 1.75
N ASP B 362 -13.29 30.64 2.81
CA ASP B 362 -13.86 29.31 2.62
C ASP B 362 -15.39 29.39 2.75
N PRO B 363 -16.10 29.15 1.65
CA PRO B 363 -17.56 29.01 1.75
C PRO B 363 -17.85 27.89 2.73
N ALA B 364 -17.80 26.62 2.29
CA ALA B 364 -17.89 25.42 3.12
C ALA B 364 -18.23 25.63 4.60
N SER B 365 -17.24 26.09 5.37
CA SER B 365 -17.42 26.46 6.79
C SER B 365 -17.40 27.97 7.00
N ASN B 366 -18.57 28.58 6.80
CA ASN B 366 -18.78 30.04 6.79
C ASN B 366 -17.64 30.88 7.36
N THR B 367 -16.59 31.07 6.57
CA THR B 367 -15.44 31.87 6.96
C THR B 367 -15.21 32.94 5.93
N ALA B 368 -15.55 34.18 6.30
CA ALA B 368 -15.50 35.29 5.38
C ALA B 368 -14.07 35.54 4.91
N PRO B 369 -13.91 35.90 3.65
CA PRO B 369 -12.62 36.34 3.15
C PRO B 369 -12.04 37.40 4.08
N LEU B 370 -10.78 37.24 4.46
CA LEU B 370 -10.04 38.22 5.22
C LEU B 370 -9.90 39.48 4.39
N GLN B 371 -10.46 40.59 4.88
CA GLN B 371 -10.35 41.86 4.17
C GLN B 371 -8.99 42.47 4.49
N PRO B 372 -8.43 43.26 3.57
CA PRO B 372 -7.05 43.74 3.72
C PRO B 372 -6.83 44.64 4.93
N GLU B 373 -7.81 45.50 5.26
CA GLU B 373 -7.66 46.37 6.42
C GLU B 373 -7.48 45.62 7.73
N GLN B 374 -7.96 44.38 7.76
CA GLN B 374 -7.82 43.56 8.95
C GLN B 374 -6.37 43.18 9.23
N LEU B 375 -5.53 43.28 8.21
CA LEU B 375 -4.13 42.93 8.35
C LEU B 375 -3.40 43.92 9.22
N GLN B 376 -4.04 45.05 9.50
CA GLN B 376 -3.43 46.09 10.32
C GLN B 376 -3.17 45.63 11.77
N VAL B 377 -3.76 44.52 12.18
CA VAL B 377 -3.51 44.02 13.53
C VAL B 377 -2.02 43.79 13.75
N PHE B 378 -1.32 43.37 12.70
CA PHE B 378 0.06 42.94 12.83
C PHE B 378 1.04 44.09 12.97
N GLU B 379 0.51 45.31 12.99
CA GLU B 379 1.34 46.51 13.07
C GLU B 379 2.03 46.71 14.43
N THR B 380 1.57 45.99 15.45
CA THR B 380 2.22 46.06 16.75
C THR B 380 3.27 44.95 16.88
N LEU B 381 3.13 43.92 16.04
CA LEU B 381 4.03 42.76 16.04
C LEU B 381 5.53 43.06 15.85
N GLU B 382 6.34 42.58 16.78
CA GLU B 382 7.77 42.81 16.82
C GLU B 382 8.56 41.52 16.62
N GLU B 383 8.03 40.38 17.08
CA GLU B 383 8.75 39.09 17.04
C GLU B 383 7.84 37.92 16.69
N ILE B 384 8.33 37.03 15.81
CA ILE B 384 7.68 35.72 15.55
C ILE B 384 8.67 34.59 15.88
N THR B 385 8.26 33.59 16.67
CA THR B 385 9.22 32.56 17.06
C THR B 385 9.35 31.43 16.06
N GLY B 386 8.27 31.13 15.35
CA GLY B 386 8.26 30.15 14.28
C GLY B 386 8.65 30.82 12.97
N TYR B 387 7.79 30.72 11.96
CA TYR B 387 8.12 31.24 10.63
C TYR B 387 7.03 32.13 10.03
N LEU B 388 7.41 32.94 9.04
CA LEU B 388 6.42 33.68 8.25
C LEU B 388 6.26 33.01 6.88
N TYR B 389 5.02 32.73 6.49
CA TYR B 389 4.75 32.11 5.19
C TYR B 389 3.65 32.87 4.45
N ILE B 390 3.99 33.56 3.36
CA ILE B 390 2.97 34.25 2.58
C ILE B 390 2.88 33.76 1.13
N SER B 391 1.86 32.95 0.84
CA SER B 391 1.64 32.50 -0.53
C SER B 391 0.48 33.24 -1.22
N ALA B 392 -0.16 34.13 -0.48
CA ALA B 392 -1.16 35.04 -1.04
C ALA B 392 -1.22 36.34 -0.22
N TRP B 393 -1.59 37.43 -0.87
CA TRP B 393 -1.59 38.75 -0.24
C TRP B 393 -2.44 39.66 -1.07
N PRO B 394 -3.27 40.48 -0.43
CA PRO B 394 -4.23 41.33 -1.15
C PRO B 394 -3.55 42.16 -2.22
N ASP B 395 -4.09 42.12 -3.44
CA ASP B 395 -3.50 42.83 -4.57
C ASP B 395 -3.39 44.34 -4.33
N SER B 396 -4.36 44.90 -3.60
CA SER B 396 -4.39 46.33 -3.31
C SER B 396 -3.25 46.80 -2.40
N LEU B 397 -2.48 45.88 -1.84
CA LEU B 397 -1.35 46.25 -0.98
C LEU B 397 -0.03 45.92 -1.67
N PRO B 398 0.81 46.93 -1.92
CA PRO B 398 2.03 46.73 -2.70
C PRO B 398 3.24 46.29 -1.87
N ASP B 399 3.05 46.07 -0.56
CA ASP B 399 4.16 45.63 0.28
C ASP B 399 3.70 44.96 1.54
N LEU B 400 4.66 44.46 2.31
CA LEU B 400 4.36 43.74 3.54
C LEU B 400 4.46 44.68 4.71
N SER B 401 4.11 45.96 4.48
CA SER B 401 4.39 46.96 5.48
C SER B 401 3.46 46.92 6.69
N VAL B 402 2.57 45.93 6.75
CA VAL B 402 1.79 45.73 7.98
C VAL B 402 2.69 45.04 8.99
N PHE B 403 3.76 44.43 8.50
CA PHE B 403 4.79 43.86 9.38
C PHE B 403 5.91 44.85 9.67
N GLN B 404 5.75 46.04 9.10
CA GLN B 404 6.39 47.27 9.53
C GLN B 404 7.32 47.26 10.76
N ASN B 405 6.89 46.60 11.84
CA ASN B 405 7.62 46.63 13.11
C ASN B 405 8.24 45.29 13.53
N LEU B 406 8.04 44.28 12.70
CA LEU B 406 8.66 42.97 12.88
C LEU B 406 10.17 43.10 12.88
N GLN B 407 10.82 42.75 13.99
CA GLN B 407 12.26 42.90 14.12
C GLN B 407 13.00 41.57 13.95
N VAL B 408 12.36 40.47 14.38
CA VAL B 408 12.97 39.14 14.27
C VAL B 408 11.96 38.09 13.90
N ILE B 409 12.40 37.13 13.09
CA ILE B 409 11.68 35.88 12.90
C ILE B 409 12.67 34.84 13.34
N ARG B 410 12.37 34.18 14.46
CA ARG B 410 13.31 33.26 15.09
C ARG B 410 13.57 31.96 14.33
N GLY B 411 12.55 31.42 13.67
CA GLY B 411 12.73 30.17 12.95
C GLY B 411 12.86 28.96 13.84
N ARG B 412 12.40 29.06 15.10
CA ARG B 412 12.40 27.90 16.00
C ARG B 412 11.50 26.81 15.43
N ILE B 413 10.53 27.23 14.63
CA ILE B 413 9.79 26.32 13.77
C ILE B 413 10.08 26.72 12.34
N LEU B 414 10.30 25.75 11.46
CA LEU B 414 10.52 26.09 10.07
C LEU B 414 9.52 25.42 9.16
N HIS B 415 9.13 26.14 8.11
CA HIS B 415 8.21 25.62 7.13
C HIS B 415 8.87 24.58 6.24
N ASN B 416 8.21 23.43 6.11
CA ASN B 416 8.80 22.23 5.53
C ASN B 416 10.13 21.84 6.18
N GLY B 417 10.35 22.40 7.36
CA GLY B 417 11.54 22.13 8.15
C GLY B 417 12.76 22.88 7.64
N ALA B 418 12.55 23.76 6.67
CA ALA B 418 13.68 24.39 6.02
C ALA B 418 13.62 25.91 6.06
N TYR B 419 12.46 26.48 5.72
CA TYR B 419 12.40 27.92 5.44
C TYR B 419 11.74 28.72 6.55
N SER B 420 12.40 29.81 6.96
CA SER B 420 11.88 30.70 8.00
C SER B 420 11.11 31.87 7.41
N LEU B 421 11.46 32.27 6.20
CA LEU B 421 10.72 33.30 5.47
C LEU B 421 10.46 32.84 4.04
N THR B 422 9.17 32.79 3.68
CA THR B 422 8.75 32.38 2.34
C THR B 422 7.75 33.37 1.77
N LEU B 423 8.09 33.92 0.62
CA LEU B 423 7.23 34.86 -0.07
C LEU B 423 7.10 34.41 -1.51
N GLN B 424 5.95 33.83 -1.85
CA GLN B 424 5.79 33.35 -3.21
C GLN B 424 4.48 33.73 -3.86
N GLY B 425 4.56 34.08 -5.14
CA GLY B 425 3.41 34.32 -5.99
C GLY B 425 2.59 35.55 -5.67
N LEU B 426 3.25 36.66 -5.29
CA LEU B 426 2.55 37.78 -4.67
C LEU B 426 2.25 39.01 -5.53
N GLY B 427 3.23 39.56 -6.22
CA GLY B 427 2.98 40.80 -6.94
C GLY B 427 2.86 42.04 -6.08
N ILE B 428 3.32 41.94 -4.83
CA ILE B 428 3.84 43.11 -4.14
C ILE B 428 5.01 43.66 -4.96
N SER B 429 5.34 44.93 -4.73
CA SER B 429 6.35 45.62 -5.51
C SER B 429 7.65 45.85 -4.76
N TRP B 430 7.58 45.79 -3.44
CA TRP B 430 8.75 45.79 -2.57
C TRP B 430 8.37 45.15 -1.27
N LEU B 431 9.34 44.86 -0.41
CA LEU B 431 9.09 44.11 0.82
C LEU B 431 8.52 44.98 1.95
N GLY B 432 9.15 46.12 2.19
CA GLY B 432 8.66 47.00 3.24
C GLY B 432 8.86 46.54 4.68
N LEU B 433 9.46 45.36 4.89
CA LEU B 433 9.80 44.91 6.25
C LEU B 433 10.99 45.72 6.84
N ARG B 434 10.74 46.99 7.14
CA ARG B 434 11.80 47.94 7.47
C ARG B 434 12.44 47.82 8.86
N SER B 435 11.99 46.85 9.65
CA SER B 435 12.53 46.67 10.99
C SER B 435 13.19 45.32 11.16
N LEU B 436 13.00 44.44 10.18
CA LEU B 436 13.48 43.07 10.24
C LEU B 436 15.00 43.07 10.25
N ARG B 437 15.56 42.78 11.40
CA ARG B 437 17.00 42.83 11.55
C ARG B 437 17.59 41.40 11.64
N GLU B 438 16.77 40.41 12.03
CA GLU B 438 17.28 39.05 12.22
C GLU B 438 16.36 37.90 11.83
N LEU B 439 16.87 37.02 10.95
CA LEU B 439 16.29 35.70 10.72
C LEU B 439 17.11 34.67 11.51
N GLY B 440 16.55 34.25 12.64
CA GLY B 440 17.27 33.43 13.62
C GLY B 440 17.87 32.14 13.11
N SER B 441 17.16 31.47 12.20
CA SER B 441 17.64 30.24 11.60
C SER B 441 16.80 29.95 10.37
N GLY B 442 17.26 29.00 9.55
CA GLY B 442 16.52 28.61 8.37
C GLY B 442 16.64 29.58 7.20
N LEU B 443 16.22 29.12 6.03
CA LEU B 443 16.44 29.87 4.81
C LEU B 443 15.29 30.82 4.51
N ALA B 444 15.59 31.85 3.73
CA ALA B 444 14.56 32.69 3.16
C ALA B 444 14.38 32.24 1.72
N LEU B 445 13.13 31.99 1.35
CA LEU B 445 12.77 31.66 -0.03
C LEU B 445 11.78 32.70 -0.58
N ILE B 446 12.24 33.47 -1.57
CA ILE B 446 11.43 34.51 -2.21
C ILE B 446 11.36 34.25 -3.72
N HIS B 447 10.31 33.58 -4.15
CA HIS B 447 10.20 33.25 -5.57
C HIS B 447 8.85 33.59 -6.18
N HIS B 448 8.88 33.85 -7.49
CA HIS B 448 7.68 34.04 -8.30
C HIS B 448 6.80 35.20 -7.87
N ASN B 449 7.43 36.24 -7.33
CA ASN B 449 6.75 37.51 -7.12
C ASN B 449 7.13 38.44 -8.27
N THR B 450 6.20 38.59 -9.19
CA THR B 450 6.48 39.15 -10.52
C THR B 450 6.86 40.62 -10.53
N HIS B 451 6.32 41.39 -9.59
CA HIS B 451 6.55 42.83 -9.59
C HIS B 451 7.57 43.22 -8.52
N LEU B 452 7.99 42.24 -7.74
CA LEU B 452 8.88 42.45 -6.60
C LEU B 452 10.27 43.01 -6.93
N CYS B 453 10.54 44.19 -6.37
CA CYS B 453 11.86 44.79 -6.41
C CYS B 453 12.38 44.97 -4.99
N PHE B 454 13.48 45.70 -4.85
CA PHE B 454 14.13 45.96 -3.57
C PHE B 454 14.44 44.68 -2.83
N VAL B 455 14.91 43.68 -3.57
CA VAL B 455 15.29 42.40 -2.95
C VAL B 455 16.81 42.40 -2.87
N HIS B 456 17.44 42.78 -3.97
CA HIS B 456 18.89 42.88 -4.03
C HIS B 456 19.39 44.05 -3.17
N THR B 457 18.47 44.90 -2.71
CA THR B 457 18.85 46.02 -1.83
C THR B 457 18.91 45.60 -0.36
N VAL B 458 18.25 44.50 -0.02
CA VAL B 458 18.33 43.97 1.33
C VAL B 458 19.68 43.28 1.49
N PRO B 459 20.37 43.57 2.60
CA PRO B 459 21.62 42.89 2.92
C PRO B 459 21.38 41.60 3.72
N TRP B 460 20.74 40.62 3.09
CA TRP B 460 20.36 39.34 3.72
C TRP B 460 21.51 38.74 4.53
N ASP B 461 22.70 38.89 3.97
CA ASP B 461 23.97 38.63 4.62
C ASP B 461 23.95 38.99 6.12
N GLN B 462 23.27 40.08 6.47
CA GLN B 462 23.29 40.64 7.82
C GLN B 462 22.19 40.13 8.72
N LEU B 463 21.17 39.53 8.11
CA LEU B 463 20.00 39.06 8.84
C LEU B 463 20.27 37.70 9.47
N PHE B 464 21.14 36.93 8.82
CA PHE B 464 21.37 35.54 9.18
C PHE B 464 22.19 35.42 10.44
N ARG B 465 22.33 34.19 10.95
CA ARG B 465 23.04 33.95 12.21
C ARG B 465 23.84 32.67 12.18
N ASN B 466 23.83 31.96 11.06
CA ASN B 466 24.66 30.76 10.90
C ASN B 466 24.97 30.43 9.44
N PRO B 467 26.10 29.78 9.18
CA PRO B 467 26.64 29.62 7.81
C PRO B 467 25.75 28.86 6.85
N HIS B 468 24.76 28.12 7.36
CA HIS B 468 23.87 27.31 6.54
C HIS B 468 22.69 28.09 6.00
N GLN B 469 22.57 29.37 6.36
CA GLN B 469 21.45 30.20 5.91
C GLN B 469 21.75 30.90 4.59
N ALA B 470 20.69 31.23 3.85
CA ALA B 470 20.79 31.88 2.55
C ALA B 470 19.43 32.39 2.10
N LEU B 471 19.46 33.35 1.18
CA LEU B 471 18.24 33.77 0.48
C LEU B 471 18.26 33.03 -0.83
N LEU B 472 17.30 32.13 -1.02
CA LEU B 472 17.12 31.48 -2.31
C LEU B 472 16.00 32.22 -3.00
N HIS B 473 16.19 32.52 -4.28
CA HIS B 473 15.29 33.41 -4.97
C HIS B 473 15.37 33.22 -6.47
N THR B 474 14.19 33.17 -7.09
CA THR B 474 14.08 33.09 -8.54
C THR B 474 12.75 33.69 -9.00
N ALA B 475 12.65 33.96 -10.30
CA ALA B 475 11.39 34.34 -10.93
C ALA B 475 10.74 35.58 -10.35
N ASN B 476 11.55 36.49 -9.81
CA ASN B 476 11.05 37.80 -9.39
C ASN B 476 11.33 38.81 -10.49
N ARG B 477 11.08 40.09 -10.21
CA ARG B 477 11.38 41.12 -11.21
C ARG B 477 12.88 41.33 -11.28
N PRO B 478 13.45 41.15 -12.46
CA PRO B 478 14.90 41.27 -12.66
C PRO B 478 15.40 42.62 -12.17
N GLU B 479 16.49 42.67 -11.43
CA GLU B 479 16.97 43.93 -10.86
C GLU B 479 17.19 45.02 -11.90
N ASP B 480 17.81 44.66 -13.01
CA ASP B 480 18.06 45.64 -14.07
C ASP B 480 16.76 46.27 -14.57
N GLU B 481 15.68 45.49 -14.61
CA GLU B 481 14.39 46.02 -15.01
C GLU B 481 13.92 47.05 -14.00
N CYS B 482 14.23 46.83 -12.71
CA CYS B 482 13.84 47.73 -11.62
C CYS B 482 14.56 49.06 -11.67
N VAL B 483 15.90 49.03 -11.70
CA VAL B 483 16.67 50.27 -11.79
C VAL B 483 16.28 51.03 -13.06
N GLY B 484 16.11 50.29 -14.16
CA GLY B 484 15.71 50.85 -15.45
C GLY B 484 14.36 51.53 -15.43
N GLU B 485 13.53 51.20 -14.43
CA GLU B 485 12.26 51.87 -14.19
C GLU B 485 12.46 53.05 -13.24
N GLY B 486 13.71 53.39 -12.94
CA GLY B 486 14.05 54.49 -12.06
C GLY B 486 13.71 54.26 -10.59
N LEU B 487 14.23 53.18 -10.02
CA LEU B 487 13.88 52.78 -8.65
C LEU B 487 15.14 52.57 -7.84
N ALA B 488 15.17 53.11 -6.63
CA ALA B 488 16.40 53.14 -5.86
C ALA B 488 16.20 53.45 -4.38
N CYS B 489 17.24 53.16 -3.60
CA CYS B 489 17.32 53.53 -2.19
C CYS B 489 17.39 55.05 -2.02
N HIS B 490 16.85 55.55 -0.91
CA HIS B 490 16.87 56.99 -0.63
C HIS B 490 18.29 57.43 -0.30
N GLN B 491 18.70 58.60 -0.80
CA GLN B 491 20.03 59.18 -0.49
C GLN B 491 20.44 58.87 0.95
N LEU B 492 19.49 59.01 1.87
CA LEU B 492 19.75 58.94 3.29
C LEU B 492 20.03 57.56 3.90
N CYS B 493 19.90 56.48 3.10
CA CYS B 493 20.17 55.12 3.58
C CYS B 493 21.62 54.71 3.37
N ALA B 494 22.30 54.31 4.44
CA ALA B 494 23.73 54.01 4.39
C ALA B 494 24.01 52.72 3.64
N ARG B 495 25.25 52.59 3.16
CA ARG B 495 25.69 51.46 2.34
C ARG B 495 24.62 51.09 1.30
N GLY B 496 23.75 52.06 1.02
CA GLY B 496 22.66 51.91 0.08
C GLY B 496 21.80 50.67 0.26
N HIS B 497 21.36 50.44 1.50
CA HIS B 497 20.57 49.25 1.86
C HIS B 497 19.17 49.67 2.23
N CYS B 498 18.16 49.11 1.57
CA CYS B 498 16.78 49.46 1.88
C CYS B 498 15.80 48.32 1.58
N TRP B 499 14.56 48.48 2.04
CA TRP B 499 13.49 47.48 1.86
C TRP B 499 12.40 47.95 0.91
N GLY B 500 12.61 49.11 0.29
CA GLY B 500 11.58 49.75 -0.49
C GLY B 500 11.90 51.21 -0.74
N PRO B 501 11.01 51.93 -1.43
CA PRO B 501 11.19 53.36 -1.70
C PRO B 501 11.07 54.23 -0.44
N GLY B 502 11.81 55.34 -0.40
CA GLY B 502 11.67 56.31 0.67
C GLY B 502 12.71 56.27 1.78
N PRO B 503 12.78 57.35 2.57
CA PRO B 503 13.65 57.41 3.76
C PRO B 503 13.16 56.57 4.96
N THR B 504 11.92 56.11 4.93
CA THR B 504 11.42 55.24 5.99
C THR B 504 12.01 53.84 5.90
N GLN B 505 12.35 53.44 4.67
CA GLN B 505 12.65 52.04 4.35
C GLN B 505 14.13 51.66 4.39
N CYS B 506 14.98 52.52 4.97
CA CYS B 506 16.40 52.24 5.18
C CYS B 506 16.69 51.15 6.21
N VAL B 507 17.73 50.37 5.96
CA VAL B 507 18.16 49.33 6.88
C VAL B 507 18.83 49.94 8.08
N ASN B 508 19.65 50.95 7.82
CA ASN B 508 20.34 51.72 8.83
C ASN B 508 20.39 53.14 8.32
N CYS B 509 19.68 54.01 9.01
CA CYS B 509 19.50 55.38 8.55
C CYS B 509 20.75 56.20 8.84
N SER B 510 21.33 56.80 7.80
CA SER B 510 22.67 57.41 7.88
C SER B 510 22.82 58.70 8.71
N GLN B 511 21.71 59.40 8.94
CA GLN B 511 21.77 60.64 9.70
C GLN B 511 21.01 60.58 11.01
N PHE B 512 19.86 61.25 11.08
CA PHE B 512 19.04 61.25 12.30
C PHE B 512 17.66 60.66 12.03
N LEU B 513 17.07 60.08 13.07
CA LEU B 513 15.72 59.53 12.99
C LEU B 513 14.69 60.50 13.55
N ARG B 514 13.64 60.77 12.78
CA ARG B 514 12.45 61.42 13.31
C ARG B 514 11.35 60.42 13.12
N GLY B 515 10.82 59.91 14.23
CA GLY B 515 9.88 58.81 14.17
C GLY B 515 10.61 57.64 13.58
N GLN B 516 10.16 57.19 12.41
CA GLN B 516 10.85 56.12 11.71
C GLN B 516 11.31 56.58 10.33
N GLU B 517 11.24 57.88 10.11
CA GLU B 517 11.69 58.52 8.86
C GLU B 517 13.11 59.04 9.05
N CYS B 518 13.99 58.64 8.15
CA CYS B 518 15.33 59.17 8.15
C CYS B 518 15.35 60.64 7.71
N VAL B 519 15.64 61.53 8.64
CA VAL B 519 15.77 62.94 8.31
C VAL B 519 17.24 63.34 8.25
N GLU B 520 17.53 64.36 7.43
CA GLU B 520 18.87 64.90 7.26
C GLU B 520 19.31 65.70 8.50
N GLU B 521 18.43 66.55 9.00
CA GLU B 521 18.74 67.41 10.16
C GLU B 521 17.59 67.43 11.16
N CYS B 522 17.89 67.37 12.46
CA CYS B 522 16.84 67.50 13.46
C CYS B 522 16.39 68.96 13.55
N ARG B 523 15.39 69.25 14.39
CA ARG B 523 14.86 70.61 14.51
C ARG B 523 15.47 71.37 15.69
N VAL B 524 16.79 71.34 15.79
CA VAL B 524 17.49 71.91 16.94
C VAL B 524 17.50 73.44 16.96
N LEU B 525 17.87 74.05 15.83
CA LEU B 525 18.05 75.50 15.76
C LEU B 525 17.05 76.24 14.86
N GLN B 526 16.55 75.55 13.82
CA GLN B 526 15.53 76.12 12.93
C GLN B 526 14.48 75.08 12.54
N GLY B 527 13.29 75.21 13.13
CA GLY B 527 12.21 74.29 12.87
C GLY B 527 11.01 74.52 13.76
N LEU B 528 9.83 74.24 13.19
CA LEU B 528 8.54 74.63 13.77
C LEU B 528 8.31 74.16 15.23
N PRO B 529 8.16 72.85 15.49
CA PRO B 529 8.28 72.34 16.87
C PRO B 529 9.73 71.94 17.15
N ARG B 530 10.44 72.76 17.93
CA ARG B 530 11.87 72.57 18.16
C ARG B 530 12.16 71.30 18.96
N GLU B 531 13.27 70.66 18.65
CA GLU B 531 13.56 69.31 19.12
C GLU B 531 14.92 69.18 19.84
N TYR B 532 15.10 68.07 20.57
CA TYR B 532 16.40 67.70 21.12
C TYR B 532 16.91 66.43 20.44
N VAL B 533 18.11 65.99 20.79
CA VAL B 533 18.68 64.79 20.20
C VAL B 533 19.16 63.80 21.26
N ASN B 534 18.71 62.56 21.12
CA ASN B 534 19.18 61.44 21.94
C ASN B 534 19.38 60.23 21.03
N ALA B 535 20.61 59.71 21.01
CA ALA B 535 21.01 58.57 20.17
C ALA B 535 20.51 58.66 18.72
N ARG B 536 20.70 59.82 18.10
CA ARG B 536 20.33 60.05 16.71
C ARG B 536 18.82 60.00 16.43
N HIS B 537 18.00 60.28 17.45
CA HIS B 537 16.56 60.40 17.26
C HIS B 537 16.12 61.83 17.55
N CYS B 538 15.35 62.42 16.63
CA CYS B 538 14.77 63.75 16.85
C CYS B 538 13.54 63.64 17.70
N LEU B 539 13.55 64.32 18.84
CA LEU B 539 12.46 64.19 19.78
C LEU B 539 12.01 65.56 20.26
N PRO B 540 10.69 65.78 20.28
CA PRO B 540 10.13 67.11 20.54
C PRO B 540 10.47 67.65 21.92
N CYS B 541 10.61 68.97 22.01
CA CYS B 541 10.69 69.66 23.29
C CYS B 541 9.31 69.73 23.90
N HIS B 542 9.25 70.00 25.20
CA HIS B 542 7.98 70.30 25.85
C HIS B 542 7.33 71.49 25.14
N PRO B 543 6.02 71.42 24.89
CA PRO B 543 5.27 72.52 24.26
C PRO B 543 5.37 73.87 24.98
N GLU B 544 5.84 73.86 26.23
CA GLU B 544 5.91 75.09 27.01
C GLU B 544 7.32 75.67 27.16
N CYS B 545 8.24 75.27 26.28
CA CYS B 545 9.55 75.89 26.20
C CYS B 545 9.55 76.90 25.07
N GLN B 546 9.98 78.13 25.35
CA GLN B 546 9.99 79.18 24.36
C GLN B 546 11.10 78.94 23.36
N PRO B 547 10.74 78.89 22.07
CA PRO B 547 11.72 78.75 21.00
C PRO B 547 12.87 79.75 21.14
N GLN B 548 14.09 79.26 20.92
CA GLN B 548 15.30 80.08 21.04
C GLN B 548 15.97 80.29 19.70
N ASN B 549 16.05 81.55 19.28
CA ASN B 549 16.67 81.89 18.00
C ASN B 549 18.19 81.89 18.08
N GLY B 550 18.82 80.97 17.35
CA GLY B 550 20.27 80.87 17.30
C GLY B 550 20.89 80.03 18.42
N SER B 551 20.05 79.46 19.28
CA SER B 551 20.50 78.65 20.40
C SER B 551 19.60 77.42 20.60
N VAL B 552 20.11 76.44 21.34
CA VAL B 552 19.34 75.23 21.71
C VAL B 552 18.11 75.60 22.52
N THR B 553 17.02 74.86 22.32
CA THR B 553 15.74 75.18 22.94
C THR B 553 15.40 74.31 24.16
N CYS B 554 15.97 73.11 24.22
CA CYS B 554 15.79 72.23 25.37
C CYS B 554 16.92 71.20 25.48
N PHE B 555 17.11 70.66 26.69
CA PHE B 555 18.08 69.60 26.94
C PHE B 555 17.40 68.23 27.05
N GLY B 556 16.08 68.22 26.88
CA GLY B 556 15.29 67.00 26.96
C GLY B 556 13.80 67.26 26.77
N PRO B 557 12.99 66.20 26.90
CA PRO B 557 11.54 66.31 26.64
C PRO B 557 10.75 67.02 27.74
N GLU B 558 11.24 66.97 28.98
CA GLU B 558 10.53 67.54 30.13
C GLU B 558 10.67 69.05 30.24
N ALA B 559 9.87 69.65 31.13
CA ALA B 559 9.70 71.11 31.21
C ALA B 559 10.76 71.83 32.05
N ASP B 560 11.38 71.10 32.97
CA ASP B 560 12.43 71.65 33.82
C ASP B 560 13.72 71.85 33.02
N GLN B 561 13.79 71.17 31.88
CA GLN B 561 14.98 71.14 31.04
C GLN B 561 14.96 72.23 29.94
N CYS B 562 13.98 73.13 30.02
CA CYS B 562 13.85 74.21 29.05
C CYS B 562 14.70 75.42 29.44
N VAL B 563 15.31 76.04 28.43
CA VAL B 563 16.19 77.19 28.62
C VAL B 563 15.38 78.48 28.88
N ALA B 564 14.13 78.50 28.43
CA ALA B 564 13.18 79.57 28.76
C ALA B 564 11.75 79.01 28.72
N CYS B 565 10.81 79.71 29.35
CA CYS B 565 9.41 79.28 29.34
C CYS B 565 8.56 80.11 28.37
N ALA B 566 7.70 79.41 27.63
CA ALA B 566 6.92 80.02 26.55
C ALA B 566 5.79 80.91 27.04
N HIS B 567 4.96 80.38 27.94
CA HIS B 567 3.82 81.13 28.47
C HIS B 567 4.02 81.46 29.95
N TYR B 568 4.18 80.44 30.79
CA TYR B 568 4.30 80.65 32.24
C TYR B 568 5.17 79.61 32.96
N LYS B 569 5.85 80.07 34.01
CA LYS B 569 6.81 79.23 34.75
C LYS B 569 6.40 78.97 36.21
N ASP B 570 6.24 77.70 36.55
CA ASP B 570 6.08 77.27 37.94
C ASP B 570 7.22 76.30 38.29
N PRO B 571 8.03 76.65 39.31
CA PRO B 571 9.28 75.94 39.60
C PRO B 571 9.11 74.45 39.92
N PRO B 572 9.95 73.60 39.34
CA PRO B 572 10.95 73.99 38.34
C PRO B 572 10.49 73.89 36.88
N PHE B 573 9.20 73.58 36.67
CA PHE B 573 8.64 73.33 35.34
C PHE B 573 8.29 74.60 34.55
N CYS B 574 7.67 74.40 33.38
CA CYS B 574 6.99 75.45 32.60
C CYS B 574 5.59 74.92 32.23
N VAL B 575 4.55 75.66 32.61
CA VAL B 575 3.17 75.21 32.43
C VAL B 575 2.19 76.24 31.86
N ALA B 576 0.93 75.83 31.71
CA ALA B 576 -0.16 76.69 31.24
C ALA B 576 -0.45 77.86 32.19
N ARG B 577 -1.38 77.66 33.14
CA ARG B 577 -1.75 78.71 34.11
C ARG B 577 -0.66 78.93 35.15
N ASP C 1 4.78 -27.89 -60.23
CA ASP C 1 4.18 -27.07 -59.11
C ASP C 1 2.96 -26.25 -59.57
N ILE C 2 2.00 -26.06 -58.66
CA ILE C 2 0.69 -25.51 -59.01
C ILE C 2 0.71 -24.00 -59.18
N GLN C 3 0.10 -23.52 -60.26
CA GLN C 3 -0.06 -22.09 -60.48
C GLN C 3 -1.50 -21.67 -60.35
N MET C 4 -1.71 -20.59 -59.60
CA MET C 4 -2.98 -19.89 -59.55
C MET C 4 -2.83 -18.63 -60.36
N THR C 5 -3.64 -18.49 -61.40
CA THR C 5 -3.49 -17.38 -62.33
C THR C 5 -4.69 -16.45 -62.21
N GLN C 6 -4.42 -15.21 -61.80
CA GLN C 6 -5.47 -14.23 -61.53
C GLN C 6 -5.73 -13.27 -62.68
N SER C 7 -7.01 -12.96 -62.89
CA SER C 7 -7.42 -12.02 -63.94
C SER C 7 -8.57 -11.09 -63.50
N PRO C 8 -8.53 -9.84 -63.95
CA PRO C 8 -7.34 -9.23 -64.56
C PRO C 8 -6.26 -8.93 -63.52
N SER C 9 -5.09 -8.48 -63.96
CA SER C 9 -3.99 -8.12 -63.08
C SER C 9 -4.29 -6.86 -62.26
N SER C 10 -4.80 -5.85 -62.96
CA SER C 10 -5.34 -4.64 -62.34
C SER C 10 -6.72 -4.36 -62.95
N LEU C 11 -7.56 -3.64 -62.22
CA LEU C 11 -8.90 -3.29 -62.70
C LEU C 11 -9.31 -1.94 -62.11
N SER C 12 -10.05 -1.16 -62.88
CA SER C 12 -10.52 0.16 -62.46
C SER C 12 -12.04 0.23 -62.41
N ALA C 13 -12.57 0.34 -61.19
CA ALA C 13 -14.00 0.49 -60.98
C ALA C 13 -14.29 1.73 -60.13
N SER C 14 -15.53 2.18 -60.16
CA SER C 14 -15.99 3.28 -59.31
C SER C 14 -16.75 2.71 -58.12
N VAL C 15 -16.99 3.54 -57.13
CA VAL C 15 -17.76 3.15 -55.94
C VAL C 15 -19.17 2.73 -56.38
N GLY C 16 -19.64 1.59 -55.89
CA GLY C 16 -20.99 1.15 -56.18
C GLY C 16 -21.10 0.13 -57.28
N ASP C 17 -20.02 -0.06 -58.04
CA ASP C 17 -19.95 -1.08 -59.09
C ASP C 17 -19.83 -2.47 -58.50
N ARG C 18 -20.31 -3.45 -59.25
CA ARG C 18 -20.03 -4.84 -58.97
C ARG C 18 -18.67 -5.14 -59.59
N VAL C 19 -17.88 -5.94 -58.89
CA VAL C 19 -16.50 -6.20 -59.24
C VAL C 19 -16.25 -7.70 -59.14
N THR C 20 -15.83 -8.33 -60.24
CA THR C 20 -15.56 -9.78 -60.28
C THR C 20 -14.12 -10.08 -60.66
N ILE C 21 -13.45 -10.89 -59.86
CA ILE C 21 -12.08 -11.31 -60.18
C ILE C 21 -12.04 -12.81 -60.41
N THR C 22 -11.34 -13.26 -61.44
CA THR C 22 -11.14 -14.70 -61.65
C THR C 22 -9.79 -15.18 -61.15
N CYS C 23 -9.77 -16.43 -60.73
CA CYS C 23 -8.54 -17.10 -60.35
C CYS C 23 -8.58 -18.53 -60.88
N LYS C 24 -7.60 -18.87 -61.71
CA LYS C 24 -7.62 -20.14 -62.45
C LYS C 24 -6.51 -21.08 -61.98
N ALA C 25 -6.90 -22.18 -61.33
CA ALA C 25 -5.96 -23.21 -60.91
C ALA C 25 -5.49 -24.02 -62.10
N SER C 26 -4.20 -24.33 -62.12
CA SER C 26 -3.61 -25.12 -63.19
C SER C 26 -4.01 -26.58 -63.09
N GLN C 27 -4.65 -26.93 -61.98
CA GLN C 27 -4.86 -28.32 -61.60
C GLN C 27 -6.00 -28.40 -60.57
N ASP C 28 -6.89 -29.37 -60.77
CA ASP C 28 -8.09 -29.54 -59.92
C ASP C 28 -7.80 -29.50 -58.41
N VAL C 29 -8.34 -28.48 -57.75
CA VAL C 29 -8.10 -28.28 -56.34
C VAL C 29 -9.42 -28.24 -55.53
N SER C 30 -10.31 -29.17 -55.86
CA SER C 30 -11.70 -29.22 -55.36
C SER C 30 -12.22 -27.86 -54.89
N ILE C 31 -12.40 -27.68 -53.60
CA ILE C 31 -12.86 -26.40 -53.07
C ILE C 31 -11.83 -25.78 -52.10
N GLY C 32 -10.59 -26.22 -52.22
CA GLY C 32 -9.53 -25.76 -51.33
C GLY C 32 -8.92 -24.40 -51.66
N VAL C 33 -9.77 -23.41 -51.90
CA VAL C 33 -9.30 -22.07 -52.26
C VAL C 33 -9.75 -21.07 -51.22
N ALA C 34 -8.83 -20.18 -50.84
CA ALA C 34 -9.17 -19.02 -50.02
C ALA C 34 -8.90 -17.72 -50.79
N TRP C 35 -9.42 -16.61 -50.26
CA TRP C 35 -9.27 -15.31 -50.88
C TRP C 35 -8.81 -14.28 -49.84
N TYR C 36 -7.78 -13.51 -50.17
CA TYR C 36 -7.26 -12.49 -49.25
C TYR C 36 -7.34 -11.07 -49.82
N GLN C 37 -7.45 -10.10 -48.92
CA GLN C 37 -7.44 -8.69 -49.28
C GLN C 37 -6.21 -8.06 -48.67
N GLN C 38 -5.54 -7.19 -49.41
CA GLN C 38 -4.36 -6.48 -48.89
C GLN C 38 -4.22 -5.04 -49.39
N LYS C 39 -3.90 -4.14 -48.46
CA LYS C 39 -3.66 -2.71 -48.76
C LYS C 39 -2.20 -2.31 -48.50
N PRO C 40 -1.70 -1.30 -49.21
CA PRO C 40 -0.31 -0.85 -49.09
C PRO C 40 0.08 -0.60 -47.64
N GLY C 41 1.18 -1.21 -47.21
CA GLY C 41 1.66 -1.08 -45.85
C GLY C 41 1.07 -2.09 -44.88
N LYS C 42 -0.14 -2.53 -45.18
CA LYS C 42 -0.88 -3.44 -44.32
C LYS C 42 -0.55 -4.92 -44.60
N ALA C 43 -1.06 -5.82 -43.76
CA ALA C 43 -0.95 -7.27 -43.93
C ALA C 43 -2.22 -7.83 -44.57
N PRO C 44 -2.17 -9.03 -45.11
CA PRO C 44 -3.37 -9.64 -45.70
C PRO C 44 -4.49 -9.89 -44.68
N LYS C 45 -5.73 -9.77 -45.13
CA LYS C 45 -6.89 -10.22 -44.36
C LYS C 45 -7.58 -11.36 -45.10
N LEU C 46 -7.99 -12.38 -44.36
CA LEU C 46 -8.70 -13.50 -44.97
C LEU C 46 -10.16 -13.12 -45.16
N LEU C 47 -10.69 -13.37 -46.36
CA LEU C 47 -12.05 -12.96 -46.70
C LEU C 47 -12.95 -14.15 -46.96
N ILE C 48 -12.47 -15.03 -47.84
CA ILE C 48 -13.15 -16.26 -48.20
C ILE C 48 -12.22 -17.45 -47.94
N TYR C 49 -12.78 -18.53 -47.41
CA TYR C 49 -12.08 -19.81 -47.30
C TYR C 49 -13.01 -20.89 -47.84
N SER C 50 -12.46 -22.08 -48.12
CA SER C 50 -13.22 -23.15 -48.77
C SER C 50 -13.97 -22.68 -50.04
N ALA C 51 -13.31 -21.78 -50.77
CA ALA C 51 -13.74 -21.26 -52.06
C ALA C 51 -14.98 -20.37 -52.09
N SER C 52 -15.80 -20.44 -51.04
CA SER C 52 -17.19 -19.97 -51.13
C SER C 52 -17.80 -19.58 -49.79
N TYR C 53 -16.97 -19.57 -48.74
CA TYR C 53 -17.44 -19.34 -47.38
C TYR C 53 -16.81 -18.11 -46.76
N ARG C 54 -17.67 -17.23 -46.25
CA ARG C 54 -17.22 -15.98 -45.67
C ARG C 54 -16.54 -16.22 -44.31
N TYR C 55 -15.38 -15.59 -44.10
CA TYR C 55 -14.73 -15.67 -42.78
C TYR C 55 -15.57 -14.84 -41.81
N THR C 56 -15.42 -15.07 -40.50
CA THR C 56 -16.19 -14.30 -39.52
C THR C 56 -16.15 -12.81 -39.79
N GLY C 57 -17.34 -12.22 -39.91
CA GLY C 57 -17.49 -10.78 -39.93
C GLY C 57 -17.18 -10.08 -41.23
N VAL C 58 -16.62 -10.81 -42.19
CA VAL C 58 -16.49 -10.29 -43.54
C VAL C 58 -17.88 -9.89 -44.01
N PRO C 59 -18.05 -8.62 -44.38
CA PRO C 59 -19.31 -8.10 -44.93
C PRO C 59 -19.91 -8.93 -46.08
N SER C 60 -21.25 -8.94 -46.12
CA SER C 60 -22.01 -9.85 -46.94
C SER C 60 -21.75 -9.75 -48.44
N ARG C 61 -21.39 -8.55 -48.92
CA ARG C 61 -21.15 -8.32 -50.34
C ARG C 61 -20.04 -9.17 -50.96
N PHE C 62 -19.09 -9.60 -50.12
CA PHE C 62 -18.03 -10.49 -50.55
C PHE C 62 -18.58 -11.89 -50.72
N SER C 63 -18.35 -12.47 -51.90
CA SER C 63 -18.74 -13.86 -52.15
C SER C 63 -17.68 -14.53 -53.00
N GLY C 64 -17.38 -15.78 -52.66
CA GLY C 64 -16.50 -16.61 -53.45
C GLY C 64 -17.32 -17.75 -54.03
N SER C 65 -17.00 -18.15 -55.26
CA SER C 65 -17.75 -19.21 -55.93
C SER C 65 -16.85 -20.14 -56.73
N GLY C 66 -17.44 -21.22 -57.24
CA GLY C 66 -16.74 -22.15 -58.11
C GLY C 66 -16.11 -23.30 -57.38
N SER C 67 -15.67 -24.29 -58.16
CA SER C 67 -15.00 -25.49 -57.67
C SER C 67 -14.23 -26.14 -58.80
N GLY C 68 -13.15 -26.83 -58.44
CA GLY C 68 -12.35 -27.55 -59.40
C GLY C 68 -11.15 -26.76 -59.87
N THR C 69 -11.30 -26.07 -61.00
CA THR C 69 -10.23 -25.29 -61.58
C THR C 69 -10.55 -23.80 -61.59
N ASP C 70 -11.74 -23.44 -62.04
CA ASP C 70 -12.12 -22.04 -62.17
C ASP C 70 -12.78 -21.48 -60.91
N PHE C 71 -12.17 -20.43 -60.35
CA PHE C 71 -12.65 -19.79 -59.11
C PHE C 71 -12.86 -18.28 -59.28
N THR C 72 -13.79 -17.73 -58.51
CA THR C 72 -14.28 -16.36 -58.71
C THR C 72 -14.61 -15.60 -57.41
N LEU C 73 -14.14 -14.36 -57.33
CA LEU C 73 -14.49 -13.46 -56.22
C LEU C 73 -15.36 -12.30 -56.73
N THR C 74 -16.47 -12.04 -56.05
CA THR C 74 -17.40 -11.00 -56.50
C THR C 74 -17.81 -10.07 -55.38
N ILE C 75 -17.39 -8.82 -55.48
CA ILE C 75 -17.85 -7.79 -54.55
C ILE C 75 -19.14 -7.20 -55.16
N SER C 76 -20.28 -7.52 -54.54
CA SER C 76 -21.59 -7.18 -55.12
C SER C 76 -21.76 -5.70 -55.48
N SER C 77 -21.33 -4.82 -54.60
CA SER C 77 -21.23 -3.40 -54.88
C SER C 77 -20.07 -2.79 -54.10
N LEU C 78 -19.07 -2.32 -54.84
CA LEU C 78 -17.88 -1.72 -54.26
C LEU C 78 -18.16 -0.60 -53.26
N GLN C 79 -17.34 -0.55 -52.22
CA GLN C 79 -17.42 0.44 -51.16
C GLN C 79 -16.02 1.02 -50.97
N PRO C 80 -15.92 2.31 -50.62
CA PRO C 80 -14.62 3.01 -50.58
C PRO C 80 -13.47 2.23 -49.99
N GLU C 81 -13.66 1.50 -48.89
CA GLU C 81 -12.55 0.72 -48.32
C GLU C 81 -12.05 -0.41 -49.21
N ASP C 82 -12.92 -1.01 -50.02
CA ASP C 82 -12.57 -2.16 -50.86
C ASP C 82 -11.41 -1.99 -51.85
N PHE C 83 -11.13 -0.75 -52.22
CA PHE C 83 -10.04 -0.46 -53.15
C PHE C 83 -8.71 -0.91 -52.54
N ALA C 84 -8.18 -1.99 -53.10
CA ALA C 84 -7.04 -2.72 -52.53
C ALA C 84 -6.59 -3.84 -53.48
N THR C 85 -5.73 -4.72 -52.99
CA THR C 85 -5.31 -5.89 -53.75
C THR C 85 -5.89 -7.19 -53.23
N TYR C 86 -6.37 -8.02 -54.14
CA TYR C 86 -6.98 -9.30 -53.79
C TYR C 86 -6.18 -10.49 -54.31
N TYR C 87 -5.77 -11.37 -53.41
CA TYR C 87 -5.10 -12.60 -53.83
C TYR C 87 -6.02 -13.77 -53.61
N CYS C 88 -5.85 -14.78 -54.46
CA CYS C 88 -6.43 -16.08 -54.23
C CYS C 88 -5.31 -17.06 -53.90
N GLN C 89 -5.66 -18.16 -53.26
CA GLN C 89 -4.69 -19.17 -52.88
C GLN C 89 -5.38 -20.52 -52.81
N GLN C 90 -4.76 -21.53 -53.42
CA GLN C 90 -5.17 -22.91 -53.23
C GLN C 90 -4.38 -23.47 -52.06
N TYR C 91 -5.05 -24.23 -51.22
CA TYR C 91 -4.39 -24.88 -50.11
C TYR C 91 -4.63 -26.39 -50.17
N TYR C 92 -5.36 -26.80 -51.21
CA TYR C 92 -5.75 -28.19 -51.35
C TYR C 92 -4.57 -29.13 -51.44
N ILE C 93 -3.49 -28.65 -52.07
CA ILE C 93 -2.36 -29.50 -52.38
C ILE C 93 -1.02 -28.80 -52.11
N TYR C 94 -0.08 -29.57 -51.58
CA TYR C 94 1.27 -29.08 -51.27
C TYR C 94 2.14 -28.98 -52.54
N PRO C 95 3.01 -27.97 -52.65
CA PRO C 95 3.09 -26.83 -51.74
C PRO C 95 2.07 -25.77 -52.06
N TYR C 96 1.61 -25.07 -51.02
CA TYR C 96 0.51 -24.11 -51.07
C TYR C 96 0.95 -22.85 -51.80
N THR C 97 0.17 -22.43 -52.79
CA THR C 97 0.56 -21.35 -53.70
C THR C 97 -0.51 -20.28 -53.82
N PHE C 98 -0.08 -19.03 -53.93
CA PHE C 98 -0.99 -17.88 -53.99
C PHE C 98 -0.99 -17.37 -55.41
N GLY C 99 -2.09 -16.73 -55.81
CA GLY C 99 -2.17 -16.03 -57.08
C GLY C 99 -1.30 -14.79 -57.09
N GLN C 100 -1.00 -14.27 -58.28
CA GLN C 100 -0.09 -13.15 -58.41
C GLN C 100 -0.77 -11.81 -58.06
N GLY C 101 -2.09 -11.81 -57.96
CA GLY C 101 -2.81 -10.69 -57.35
C GLY C 101 -3.58 -9.76 -58.27
N THR C 102 -4.59 -9.11 -57.72
CA THR C 102 -5.41 -8.18 -58.48
C THR C 102 -5.62 -6.84 -57.78
N LYS C 103 -5.21 -5.75 -58.44
CA LYS C 103 -5.39 -4.41 -57.89
C LYS C 103 -6.73 -3.83 -58.31
N VAL C 104 -7.59 -3.58 -57.34
CA VAL C 104 -8.82 -2.85 -57.60
C VAL C 104 -8.55 -1.38 -57.32
N GLU C 105 -8.83 -0.57 -58.33
CA GLU C 105 -8.45 0.82 -58.33
C GLU C 105 -9.65 1.70 -58.64
N ILE C 106 -9.70 2.86 -57.99
CA ILE C 106 -10.82 3.80 -58.12
C ILE C 106 -10.76 4.62 -59.42
N LYS C 107 -11.80 4.47 -60.24
CA LYS C 107 -11.93 5.18 -61.51
C LYS C 107 -12.58 6.55 -61.33
N ARG C 108 -12.09 7.53 -62.09
CA ARG C 108 -12.62 8.90 -62.05
C ARG C 108 -12.67 9.49 -63.45
N THR C 109 -13.13 10.74 -63.55
CA THR C 109 -13.12 11.47 -64.82
C THR C 109 -11.70 11.82 -65.26
N VAL C 110 -11.46 11.76 -66.56
CA VAL C 110 -10.13 11.94 -67.13
C VAL C 110 -9.51 13.33 -66.85
N ALA C 111 -8.24 13.34 -66.43
CA ALA C 111 -7.57 14.57 -66.03
C ALA C 111 -6.22 14.78 -66.75
N ALA C 112 -5.51 15.86 -66.42
CA ALA C 112 -4.23 16.19 -67.06
C ALA C 112 -3.18 16.72 -66.08
N PRO C 113 -1.92 16.32 -66.27
CA PRO C 113 -0.85 16.69 -65.31
C PRO C 113 -0.34 18.11 -65.51
N SER C 114 0.10 18.74 -64.42
CA SER C 114 0.68 20.09 -64.46
C SER C 114 2.21 20.02 -64.47
N VAL C 115 2.76 19.69 -65.63
CA VAL C 115 4.18 19.41 -65.80
C VAL C 115 5.10 20.44 -65.12
N PHE C 116 6.13 19.93 -64.43
CA PHE C 116 7.14 20.73 -63.74
C PHE C 116 8.53 20.31 -64.18
N ILE C 117 9.54 20.97 -63.62
CA ILE C 117 10.95 20.62 -63.81
C ILE C 117 11.76 21.25 -62.67
N PHE C 118 12.74 20.51 -62.14
CA PHE C 118 13.50 20.96 -60.96
C PHE C 118 15.00 20.77 -61.10
N PRO C 119 15.77 21.79 -60.72
CA PRO C 119 17.24 21.78 -60.86
C PRO C 119 17.98 21.24 -59.64
N PRO C 120 19.18 20.67 -59.85
CA PRO C 120 20.01 20.18 -58.75
C PRO C 120 20.43 21.32 -57.82
N SER C 121 20.45 21.04 -56.51
CA SER C 121 20.76 22.06 -55.51
C SER C 121 22.22 22.54 -55.55
N ASP C 122 22.47 23.66 -54.88
CA ASP C 122 23.81 24.25 -54.80
C ASP C 122 24.79 23.35 -54.06
N GLU C 123 24.26 22.56 -53.12
CA GLU C 123 25.07 21.69 -52.28
C GLU C 123 25.43 20.38 -52.98
N GLN C 124 24.74 20.08 -54.07
CA GLN C 124 24.87 18.80 -54.77
C GLN C 124 25.87 18.84 -55.93
N LEU C 125 26.03 20.01 -56.54
CA LEU C 125 26.82 20.13 -57.77
C LEU C 125 28.33 19.90 -57.61
N LYS C 126 28.81 19.81 -56.36
CA LYS C 126 30.24 19.57 -56.09
C LYS C 126 30.57 18.12 -55.73
N SER C 127 29.59 17.23 -55.90
CA SER C 127 29.74 15.81 -55.57
C SER C 127 30.48 15.04 -56.67
N GLY C 128 29.84 14.94 -57.83
CA GLY C 128 30.38 14.19 -58.96
C GLY C 128 29.30 13.78 -59.96
N THR C 129 28.04 13.97 -59.57
CA THR C 129 26.88 13.64 -60.40
C THR C 129 25.78 14.71 -60.28
N ALA C 130 24.77 14.62 -61.14
CA ALA C 130 23.66 15.58 -61.16
C ALA C 130 22.31 14.93 -61.45
N SER C 131 21.23 15.55 -60.95
CA SER C 131 19.89 14.99 -61.10
C SER C 131 18.84 16.04 -61.49
N VAL C 132 18.13 15.77 -62.58
CA VAL C 132 17.06 16.66 -63.06
C VAL C 132 15.71 15.91 -63.14
N VAL C 133 14.66 16.53 -62.61
CA VAL C 133 13.36 15.87 -62.47
C VAL C 133 12.34 16.30 -63.54
N CYS C 134 11.13 15.74 -63.47
CA CYS C 134 10.12 15.92 -64.51
C CYS C 134 8.68 15.90 -63.95
N LEU C 135 8.57 15.98 -62.62
CA LEU C 135 7.32 15.80 -61.89
C LEU C 135 6.02 16.13 -62.64
N LEU C 136 5.31 15.06 -63.02
CA LEU C 136 3.94 15.16 -63.53
C LEU C 136 3.00 15.10 -62.33
N ASN C 137 2.20 16.15 -62.13
CA ASN C 137 1.34 16.19 -60.94
C ASN C 137 -0.17 16.11 -61.16
N ASN C 138 -0.78 15.18 -60.43
CA ASN C 138 -2.23 14.97 -60.40
C ASN C 138 -2.89 14.70 -61.75
N PHE C 139 -2.81 13.44 -62.19
CA PHE C 139 -3.37 13.04 -63.48
C PHE C 139 -4.01 11.67 -63.46
N TYR C 140 -4.84 11.43 -64.47
CA TYR C 140 -5.57 10.18 -64.60
C TYR C 140 -5.87 9.95 -66.09
N PRO C 141 -5.75 8.70 -66.58
CA PRO C 141 -5.29 7.55 -65.80
C PRO C 141 -3.76 7.42 -65.74
N ARG C 142 -3.30 6.25 -65.28
CA ARG C 142 -1.88 5.98 -65.07
C ARG C 142 -1.06 5.93 -66.36
N GLU C 143 -1.69 5.48 -67.45
CA GLU C 143 -1.02 5.32 -68.75
C GLU C 143 -0.37 6.62 -69.24
N ALA C 144 0.96 6.64 -69.26
CA ALA C 144 1.71 7.83 -69.66
C ALA C 144 3.09 7.51 -70.21
N LYS C 145 3.37 7.99 -71.41
CA LYS C 145 4.68 7.85 -72.02
C LYS C 145 5.57 9.04 -71.63
N VAL C 146 6.82 8.75 -71.24
CA VAL C 146 7.79 9.78 -70.92
C VAL C 146 9.15 9.44 -71.54
N GLN C 147 9.70 10.39 -72.30
CA GLN C 147 11.02 10.27 -72.92
C GLN C 147 11.77 11.60 -72.90
N TRP C 148 12.95 11.62 -72.29
CA TRP C 148 13.74 12.84 -72.14
C TRP C 148 14.45 13.21 -73.45
N LYS C 149 14.73 14.50 -73.61
CA LYS C 149 15.51 14.99 -74.77
C LYS C 149 16.44 16.17 -74.42
N VAL C 150 17.75 15.89 -74.44
CA VAL C 150 18.76 16.90 -74.13
C VAL C 150 19.06 17.75 -75.37
N ASP C 151 18.79 19.06 -75.26
CA ASP C 151 18.92 20.01 -76.36
C ASP C 151 18.13 19.59 -77.60
N ASN C 152 18.76 18.76 -78.44
CA ASN C 152 18.17 18.30 -79.69
C ASN C 152 17.62 16.88 -79.61
N ALA C 153 18.49 15.93 -79.28
CA ALA C 153 18.19 14.50 -79.38
C ALA C 153 17.54 13.92 -78.13
N LEU C 154 16.79 12.83 -78.33
CA LEU C 154 16.13 12.09 -77.26
C LEU C 154 17.12 11.21 -76.50
N GLN C 155 16.68 10.62 -75.39
CA GLN C 155 17.52 9.75 -74.57
C GLN C 155 16.78 8.51 -74.08
N SER C 156 17.53 7.44 -73.81
CA SER C 156 16.97 6.19 -73.30
C SER C 156 17.97 5.38 -72.48
N GLY C 157 17.61 5.12 -71.22
CA GLY C 157 18.40 4.23 -70.37
C GLY C 157 19.11 4.87 -69.20
N ASN C 158 18.64 6.04 -68.77
CA ASN C 158 19.23 6.73 -67.62
C ASN C 158 18.17 7.25 -66.63
N SER C 159 16.92 7.18 -67.04
CA SER C 159 15.80 7.62 -66.21
C SER C 159 14.99 6.44 -65.70
N GLN C 160 14.45 6.59 -64.49
CA GLN C 160 13.59 5.59 -63.87
C GLN C 160 12.30 6.29 -63.43
N GLU C 161 11.16 5.65 -63.68
CA GLU C 161 9.87 6.22 -63.30
C GLU C 161 9.51 5.90 -61.84
N SER C 162 8.74 6.78 -61.22
CA SER C 162 8.25 6.59 -59.86
C SER C 162 6.86 7.18 -59.76
N VAL C 163 5.88 6.36 -59.37
CA VAL C 163 4.49 6.79 -59.32
C VAL C 163 3.88 6.64 -57.92
N THR C 164 3.15 7.66 -57.47
CA THR C 164 2.44 7.58 -56.20
C THR C 164 1.31 6.56 -56.25
N GLU C 165 0.83 6.16 -55.07
CA GLU C 165 -0.42 5.43 -54.97
C GLU C 165 -1.53 6.44 -55.22
N GLN C 166 -2.69 5.94 -55.62
CA GLN C 166 -3.85 6.78 -55.87
C GLN C 166 -4.09 7.77 -54.72
N ASP C 167 -4.35 9.04 -55.04
CA ASP C 167 -4.66 10.05 -54.02
C ASP C 167 -5.94 9.69 -53.23
N SER C 168 -5.92 9.90 -51.93
CA SER C 168 -7.05 9.55 -51.06
C SER C 168 -8.29 10.41 -51.29
N LYS C 169 -8.08 11.66 -51.69
CA LYS C 169 -9.19 12.60 -51.93
C LYS C 169 -9.57 12.70 -53.40
N ASP C 170 -8.67 13.25 -54.22
CA ASP C 170 -8.97 13.51 -55.64
C ASP C 170 -8.53 12.40 -56.60
N SER C 171 -8.12 11.26 -56.04
CA SER C 171 -7.96 10.01 -56.79
C SER C 171 -7.12 10.06 -58.08
N THR C 172 -6.01 10.80 -58.06
CA THR C 172 -5.11 10.85 -59.20
C THR C 172 -3.75 10.27 -58.85
N TYR C 173 -2.89 10.16 -59.86
CA TYR C 173 -1.53 9.69 -59.67
C TYR C 173 -0.58 10.88 -59.78
N SER C 174 0.72 10.59 -59.79
CA SER C 174 1.77 11.56 -60.07
C SER C 174 3.02 10.78 -60.45
N LEU C 175 3.82 11.32 -61.35
CA LEU C 175 5.04 10.63 -61.79
C LEU C 175 6.30 11.47 -61.54
N SER C 176 7.46 10.82 -61.62
CA SER C 176 8.75 11.50 -61.55
C SER C 176 9.85 10.72 -62.25
N SER C 177 10.17 11.11 -63.47
CA SER C 177 11.29 10.52 -64.19
C SER C 177 12.60 11.22 -63.80
N THR C 178 13.22 10.73 -62.73
CA THR C 178 14.47 11.28 -62.21
C THR C 178 15.63 10.95 -63.16
N LEU C 179 16.15 11.98 -63.83
CA LEU C 179 17.25 11.84 -64.78
C LEU C 179 18.60 12.07 -64.09
N THR C 180 19.45 11.05 -64.15
CA THR C 180 20.74 11.07 -63.47
C THR C 180 21.91 10.97 -64.46
N LEU C 181 22.88 11.86 -64.29
CA LEU C 181 24.08 11.89 -65.13
C LEU C 181 25.28 12.50 -64.39
N SER C 182 26.45 12.41 -65.01
CA SER C 182 27.69 12.91 -64.40
C SER C 182 27.87 14.41 -64.57
N LYS C 183 28.61 15.01 -63.65
CA LYS C 183 28.92 16.45 -63.65
C LYS C 183 29.74 16.87 -64.89
N ALA C 184 30.66 16.00 -65.29
CA ALA C 184 31.47 16.23 -66.49
C ALA C 184 30.62 16.28 -67.76
N ASP C 185 29.51 15.54 -67.76
CA ASP C 185 28.54 15.56 -68.85
C ASP C 185 27.47 16.64 -68.64
N TYR C 186 27.48 17.26 -67.46
CA TYR C 186 26.53 18.33 -67.13
C TYR C 186 26.99 19.69 -67.64
N GLU C 187 28.28 20.00 -67.43
CA GLU C 187 28.87 21.25 -67.88
C GLU C 187 29.23 21.17 -69.37
N LYS C 188 28.32 20.62 -70.18
CA LYS C 188 28.56 20.42 -71.61
C LYS C 188 27.32 20.67 -72.47
N HIS C 189 26.15 20.82 -71.85
CA HIS C 189 24.91 21.06 -72.58
C HIS C 189 24.01 22.10 -71.90
N LYS C 190 23.33 22.91 -72.72
CA LYS C 190 22.63 24.10 -72.25
C LYS C 190 21.27 23.83 -71.59
N VAL C 191 20.27 23.44 -72.40
CA VAL C 191 18.89 23.33 -71.95
C VAL C 191 18.36 21.90 -71.99
N TYR C 192 17.91 21.40 -70.83
CA TYR C 192 17.28 20.09 -70.71
C TYR C 192 15.76 20.27 -70.63
N ALA C 193 15.00 19.27 -71.10
CA ALA C 193 13.54 19.27 -71.05
C ALA C 193 12.91 17.93 -71.46
N CYS C 194 11.91 17.49 -70.70
CA CYS C 194 11.18 16.26 -70.99
C CYS C 194 9.83 16.52 -71.67
N GLU C 195 9.36 15.56 -72.48
CA GLU C 195 8.07 15.67 -73.16
C GLU C 195 7.07 14.64 -72.64
N VAL C 196 5.83 15.09 -72.42
CA VAL C 196 4.82 14.34 -71.68
C VAL C 196 3.59 13.97 -72.53
N THR C 197 3.44 12.68 -72.85
CA THR C 197 2.26 12.19 -73.56
C THR C 197 1.23 11.66 -72.58
N HIS C 198 0.00 12.15 -72.70
CA HIS C 198 -1.11 11.72 -71.85
C HIS C 198 -2.45 11.70 -72.59
N GLN C 199 -3.17 10.60 -72.44
CA GLN C 199 -4.52 10.44 -72.96
C GLN C 199 -5.42 11.66 -72.71
N GLY C 200 -5.05 12.47 -71.72
CA GLY C 200 -5.78 13.68 -71.39
C GLY C 200 -5.26 14.90 -72.13
N LEU C 201 -3.94 14.96 -72.30
CA LEU C 201 -3.33 16.05 -73.05
C LEU C 201 -3.66 15.95 -74.54
N SER C 202 -3.84 17.09 -75.18
CA SER C 202 -4.02 17.15 -76.63
C SER C 202 -2.65 17.26 -77.29
N SER C 203 -1.72 17.89 -76.59
CA SER C 203 -0.35 18.01 -77.07
C SER C 203 0.65 17.57 -75.99
N PRO C 204 1.63 16.75 -76.37
CA PRO C 204 2.80 16.52 -75.52
C PRO C 204 3.58 17.81 -75.26
N VAL C 205 3.42 18.36 -74.06
CA VAL C 205 4.00 19.66 -73.71
C VAL C 205 5.41 19.55 -73.14
N THR C 206 6.05 20.70 -72.99
CA THR C 206 7.38 20.81 -72.40
C THR C 206 7.39 22.00 -71.42
N LYS C 207 8.21 21.88 -70.37
CA LYS C 207 8.37 22.98 -69.42
C LYS C 207 9.86 23.30 -69.21
N SER C 208 10.21 24.57 -69.31
CA SER C 208 11.59 25.01 -69.47
C SER C 208 12.38 25.29 -68.19
N PHE C 209 13.70 25.10 -68.28
CA PHE C 209 14.66 25.45 -67.23
C PHE C 209 16.01 25.77 -67.88
N ASN C 210 16.68 26.81 -67.41
CA ASN C 210 17.95 27.25 -68.00
C ASN C 210 19.15 27.14 -67.05
N ARG C 211 20.22 26.52 -67.54
CA ARG C 211 21.44 26.34 -66.76
C ARG C 211 22.28 27.62 -66.70
N GLY C 212 22.04 28.52 -67.64
CA GLY C 212 22.83 29.74 -67.77
C GLY C 212 22.59 30.81 -66.71
N GLU C 213 21.36 30.88 -66.21
CA GLU C 213 21.00 31.88 -65.20
C GLU C 213 20.03 31.34 -64.16
N CYS C 214 20.50 30.40 -63.35
CA CYS C 214 19.73 29.84 -62.24
C CYS C 214 20.64 29.32 -61.13
N GLU D 1 -8.30 -9.97 -27.92
CA GLU D 1 -7.85 -9.73 -29.32
C GLU D 1 -6.66 -10.63 -29.66
N VAL D 2 -6.73 -11.33 -30.79
CA VAL D 2 -5.57 -12.10 -31.24
C VAL D 2 -4.53 -11.12 -31.73
N GLN D 3 -3.27 -11.34 -31.37
CA GLN D 3 -2.19 -10.59 -32.02
C GLN D 3 -0.88 -11.35 -32.18
N LEU D 4 -0.20 -11.01 -33.28
CA LEU D 4 1.10 -11.57 -33.65
C LEU D 4 2.07 -10.44 -34.00
N VAL D 5 3.29 -10.54 -33.50
CA VAL D 5 4.29 -9.52 -33.77
C VAL D 5 5.62 -10.13 -34.21
N GLU D 6 5.94 -9.92 -35.48
CA GLU D 6 7.25 -10.28 -36.01
C GLU D 6 8.26 -9.26 -35.54
N SER D 7 9.47 -9.73 -35.25
CA SER D 7 10.59 -8.82 -35.03
C SER D 7 11.86 -9.54 -35.45
N GLY D 8 12.94 -8.77 -35.65
CA GLY D 8 14.23 -9.33 -35.96
C GLY D 8 14.72 -9.13 -37.38
N GLY D 9 13.99 -8.37 -38.18
CA GLY D 9 14.39 -8.02 -39.53
C GLY D 9 15.53 -7.01 -39.58
N GLY D 10 16.17 -6.92 -40.74
CA GLY D 10 17.27 -5.97 -40.90
C GLY D 10 18.03 -6.09 -42.21
N LEU D 11 19.28 -5.65 -42.19
CA LEU D 11 20.13 -5.74 -43.37
C LEU D 11 21.28 -6.74 -43.14
N VAL D 12 21.37 -7.74 -44.00
CA VAL D 12 22.47 -8.71 -43.96
C VAL D 12 23.20 -8.79 -45.28
N GLN D 13 24.50 -9.08 -45.21
CA GLN D 13 25.32 -9.34 -46.38
C GLN D 13 25.02 -10.73 -46.96
N PRO D 14 24.95 -10.84 -48.28
CA PRO D 14 24.71 -12.14 -48.93
C PRO D 14 25.56 -13.27 -48.32
N GLY D 15 24.92 -14.38 -47.95
CA GLY D 15 25.60 -15.50 -47.34
C GLY D 15 25.35 -15.54 -45.85
N GLY D 16 25.30 -14.36 -45.24
CA GLY D 16 25.10 -14.21 -43.80
C GLY D 16 23.83 -14.83 -43.25
N SER D 17 23.77 -14.88 -41.92
CA SER D 17 22.67 -15.50 -41.20
C SER D 17 21.76 -14.44 -40.60
N LEU D 18 20.55 -14.87 -40.24
CA LEU D 18 19.55 -14.01 -39.58
C LEU D 18 18.46 -14.84 -38.93
N ARG D 19 17.86 -14.30 -37.87
CA ARG D 19 16.79 -14.97 -37.15
C ARG D 19 15.59 -14.06 -36.85
N LEU D 20 14.38 -14.52 -37.18
CA LEU D 20 13.16 -13.73 -36.95
C LEU D 20 12.31 -14.37 -35.87
N SER D 21 11.64 -13.54 -35.07
CA SER D 21 10.75 -14.03 -34.01
C SER D 21 9.30 -13.69 -34.35
N CYS D 22 8.38 -14.55 -33.93
CA CYS D 22 6.97 -14.20 -33.95
C CYS D 22 6.29 -14.51 -32.62
N ALA D 23 5.99 -13.47 -31.85
CA ALA D 23 5.34 -13.61 -30.53
C ALA D 23 3.83 -13.48 -30.67
N ALA D 24 3.08 -14.30 -29.93
CA ALA D 24 1.64 -14.43 -30.13
C ALA D 24 0.83 -14.36 -28.84
N SER D 25 -0.37 -13.80 -28.94
CA SER D 25 -1.27 -13.65 -27.80
C SER D 25 -2.73 -13.58 -28.24
N GLY D 26 -3.64 -13.72 -27.27
CA GLY D 26 -5.07 -13.66 -27.53
C GLY D 26 -5.66 -15.01 -27.91
N PHE D 27 -4.85 -16.05 -27.86
CA PHE D 27 -5.35 -17.39 -28.16
C PHE D 27 -4.49 -18.48 -27.56
N THR D 28 -5.07 -19.68 -27.47
CA THR D 28 -4.36 -20.87 -27.02
C THR D 28 -3.30 -21.23 -28.07
N PHE D 29 -2.04 -20.94 -27.75
CA PHE D 29 -0.95 -21.06 -28.70
C PHE D 29 -0.76 -22.52 -29.12
N THR D 30 -0.94 -23.41 -28.16
CA THR D 30 -0.65 -24.83 -28.31
C THR D 30 -1.77 -25.55 -29.07
N ASP D 31 -2.76 -24.79 -29.53
CA ASP D 31 -3.91 -25.33 -30.26
C ASP D 31 -3.89 -25.05 -31.74
N TYR D 32 -2.82 -24.44 -32.23
CA TYR D 32 -2.74 -24.05 -33.64
C TYR D 32 -1.32 -24.22 -34.11
N THR D 33 -1.18 -24.57 -35.38
CA THR D 33 0.11 -24.44 -36.05
C THR D 33 0.23 -23.01 -36.52
N MET D 34 1.47 -22.57 -36.72
CA MET D 34 1.76 -21.20 -37.18
C MET D 34 2.71 -21.25 -38.35
N ASP D 35 2.73 -20.17 -39.13
CA ASP D 35 3.40 -20.17 -40.41
C ASP D 35 4.17 -18.89 -40.70
N TRP D 36 5.14 -19.01 -41.60
CA TRP D 36 5.79 -17.85 -42.16
C TRP D 36 5.40 -17.74 -43.62
N VAL D 37 4.98 -16.54 -44.02
CA VAL D 37 4.69 -16.22 -45.42
C VAL D 37 5.47 -14.95 -45.78
N ARG D 38 6.16 -14.95 -46.91
CA ARG D 38 6.96 -13.79 -47.27
C ARG D 38 6.48 -13.10 -48.53
N GLN D 39 6.94 -11.87 -48.71
CA GLN D 39 6.45 -10.99 -49.77
C GLN D 39 7.55 -10.05 -50.27
N ALA D 40 8.15 -10.44 -51.39
CA ALA D 40 9.21 -9.65 -52.03
C ALA D 40 8.65 -8.35 -52.59
N PRO D 41 9.36 -7.24 -52.40
CA PRO D 41 8.89 -5.91 -52.80
C PRO D 41 8.19 -5.88 -54.16
N GLY D 42 6.95 -5.40 -54.18
CA GLY D 42 6.19 -5.28 -55.40
C GLY D 42 5.59 -6.57 -55.93
N LYS D 43 5.97 -7.70 -55.34
CA LYS D 43 5.45 -9.01 -55.75
C LYS D 43 4.42 -9.56 -54.75
N GLY D 44 4.08 -10.83 -54.91
CA GLY D 44 3.02 -11.46 -54.14
C GLY D 44 3.48 -12.34 -52.99
N LEU D 45 2.58 -13.22 -52.58
CA LEU D 45 2.77 -14.01 -51.37
C LEU D 45 3.32 -15.42 -51.61
N GLU D 46 4.51 -15.68 -51.08
CA GLU D 46 5.09 -17.03 -51.14
C GLU D 46 5.03 -17.63 -49.72
N TRP D 47 4.47 -18.83 -49.62
CA TRP D 47 4.40 -19.54 -48.35
C TRP D 47 5.78 -20.08 -48.02
N VAL D 48 6.17 -20.04 -46.74
CA VAL D 48 7.48 -20.55 -46.32
C VAL D 48 7.43 -21.89 -45.57
N ALA D 49 6.76 -21.93 -44.40
CA ALA D 49 6.70 -23.14 -43.58
C ALA D 49 5.67 -23.13 -42.43
N ASP D 50 5.47 -24.28 -41.79
CA ASP D 50 4.41 -24.48 -40.80
C ASP D 50 4.92 -25.28 -39.60
N VAL D 51 5.22 -24.58 -38.50
CA VAL D 51 5.71 -25.27 -37.30
C VAL D 51 4.61 -25.55 -36.27
N ASN D 52 4.71 -26.70 -35.63
CA ASN D 52 3.75 -27.19 -34.65
C ASN D 52 4.35 -27.11 -33.25
N PRO D 53 3.60 -26.56 -32.30
CA PRO D 53 4.14 -26.28 -30.97
C PRO D 53 4.21 -27.52 -30.10
N ASN D 54 3.32 -28.46 -30.36
CA ASN D 54 3.29 -29.68 -29.59
C ASN D 54 4.42 -30.61 -30.02
N SER D 55 4.54 -30.83 -31.32
CA SER D 55 5.54 -31.74 -31.90
C SER D 55 6.91 -31.08 -32.07
N GLY D 56 6.91 -29.78 -32.32
CA GLY D 56 8.13 -29.06 -32.62
C GLY D 56 8.48 -29.17 -34.09
N GLY D 57 7.63 -29.88 -34.85
CA GLY D 57 7.89 -30.19 -36.25
C GLY D 57 7.32 -29.23 -37.29
N SER D 58 8.13 -28.96 -38.31
CA SER D 58 7.73 -28.04 -39.37
C SER D 58 7.40 -28.76 -40.69
N ILE D 59 6.52 -28.14 -41.48
CA ILE D 59 6.24 -28.55 -42.86
C ILE D 59 6.71 -27.40 -43.75
N TYR D 60 7.79 -27.62 -44.50
CA TYR D 60 8.46 -26.52 -45.19
C TYR D 60 8.36 -26.59 -46.71
N ASN D 61 8.42 -25.42 -47.34
CA ASN D 61 8.45 -25.27 -48.79
C ASN D 61 9.80 -25.74 -49.30
N GLN D 62 9.78 -26.67 -50.26
CA GLN D 62 11.00 -27.29 -50.78
C GLN D 62 12.08 -26.29 -51.17
N ARG D 63 11.67 -25.10 -51.57
CA ARG D 63 12.59 -24.03 -51.99
C ARG D 63 13.67 -23.75 -50.95
N PHE D 64 13.37 -24.07 -49.70
CA PHE D 64 14.16 -23.62 -48.57
C PHE D 64 14.80 -24.75 -47.74
N LYS D 65 14.54 -26.00 -48.14
CA LYS D 65 15.16 -27.17 -47.54
C LYS D 65 16.63 -26.87 -47.26
N GLY D 66 16.98 -26.87 -45.97
CA GLY D 66 18.36 -26.76 -45.54
C GLY D 66 18.92 -25.36 -45.40
N ARG D 67 18.06 -24.34 -45.46
CA ARG D 67 18.49 -22.96 -45.24
C ARG D 67 17.66 -22.32 -44.13
N PHE D 68 16.34 -22.38 -44.29
CA PHE D 68 15.41 -21.89 -43.29
C PHE D 68 15.10 -23.04 -42.31
N THR D 69 15.09 -22.73 -41.02
CA THR D 69 14.74 -23.70 -39.97
C THR D 69 13.70 -23.08 -39.07
N LEU D 70 12.77 -23.90 -38.58
CA LEU D 70 11.71 -23.40 -37.68
C LEU D 70 11.82 -23.98 -36.27
N SER D 71 11.47 -23.15 -35.30
CA SER D 71 11.55 -23.51 -33.89
C SER D 71 10.41 -22.84 -33.12
N VAL D 72 9.91 -23.53 -32.09
CA VAL D 72 8.91 -22.95 -31.20
C VAL D 72 9.44 -22.89 -29.79
N ASP D 73 9.02 -21.88 -29.04
CA ASP D 73 9.33 -21.76 -27.63
C ASP D 73 8.01 -21.49 -26.91
N ARG D 74 7.28 -22.55 -26.61
CA ARG D 74 5.89 -22.40 -26.13
C ARG D 74 5.81 -21.73 -24.76
N SER D 75 6.95 -21.67 -24.08
CA SER D 75 7.05 -20.94 -22.82
C SER D 75 6.78 -19.46 -23.01
N LYS D 76 7.05 -18.96 -24.22
CA LYS D 76 6.75 -17.56 -24.54
C LYS D 76 5.95 -17.41 -25.82
N ASN D 77 5.17 -18.43 -26.16
CA ASN D 77 4.36 -18.42 -27.37
C ASN D 77 5.04 -17.69 -28.52
N THR D 78 6.24 -18.14 -28.87
CA THR D 78 7.06 -17.49 -29.91
C THR D 78 7.56 -18.49 -30.94
N LEU D 79 7.44 -18.15 -32.23
CA LEU D 79 8.08 -18.93 -33.29
C LEU D 79 9.43 -18.31 -33.64
N TYR D 80 10.27 -19.09 -34.29
CA TYR D 80 11.53 -18.58 -34.79
C TYR D 80 11.84 -19.14 -36.17
N LEU D 81 12.13 -18.25 -37.11
CA LEU D 81 12.54 -18.64 -38.45
C LEU D 81 14.00 -18.26 -38.62
N GLN D 82 14.83 -19.26 -38.83
CA GLN D 82 16.27 -19.07 -38.90
C GLN D 82 16.74 -19.19 -40.33
N MET D 83 17.19 -18.08 -40.90
CA MET D 83 17.66 -18.10 -42.29
C MET D 83 19.17 -18.16 -42.34
N ASN D 84 19.69 -19.11 -43.13
CA ASN D 84 21.11 -19.18 -43.43
C ASN D 84 21.35 -19.02 -44.93
N SER D 85 22.60 -18.73 -45.31
CA SER D 85 22.99 -18.55 -46.71
C SER D 85 22.01 -17.65 -47.47
N LEU D 86 21.83 -16.45 -46.92
CA LEU D 86 20.84 -15.50 -47.44
C LEU D 86 21.30 -14.83 -48.74
N ARG D 87 20.39 -14.74 -49.70
CA ARG D 87 20.68 -14.10 -50.97
C ARG D 87 19.62 -13.05 -51.36
N ALA D 88 19.86 -12.37 -52.49
CA ALA D 88 18.97 -11.34 -53.03
C ALA D 88 17.51 -11.77 -53.01
N GLU D 89 17.20 -12.88 -53.68
CA GLU D 89 15.82 -13.37 -53.82
C GLU D 89 15.07 -13.48 -52.50
N ASP D 90 15.79 -13.53 -51.38
CA ASP D 90 15.18 -13.63 -50.06
C ASP D 90 14.74 -12.28 -49.52
N THR D 91 15.20 -11.18 -50.12
CA THR D 91 14.83 -9.83 -49.66
C THR D 91 13.33 -9.59 -49.75
N ALA D 92 12.67 -9.49 -48.59
CA ALA D 92 11.22 -9.43 -48.52
C ALA D 92 10.68 -9.04 -47.13
N VAL D 93 9.37 -8.75 -47.09
CA VAL D 93 8.60 -8.65 -45.86
C VAL D 93 8.30 -10.07 -45.43
N TYR D 94 8.50 -10.36 -44.14
CA TYR D 94 8.23 -11.71 -43.65
C TYR D 94 7.08 -11.72 -42.65
N TYR D 95 5.88 -12.01 -43.16
CA TYR D 95 4.70 -12.16 -42.33
C TYR D 95 4.72 -13.48 -41.59
N CYS D 96 4.25 -13.42 -40.35
CA CYS D 96 3.96 -14.59 -39.55
C CYS D 96 2.44 -14.66 -39.44
N ALA D 97 1.87 -15.82 -39.76
CA ALA D 97 0.42 -15.97 -39.75
C ALA D 97 0.01 -17.26 -39.08
N ARG D 98 -1.27 -17.33 -38.67
CA ARG D 98 -1.84 -18.50 -38.01
C ARG D 98 -2.54 -19.48 -38.95
N ASN D 99 -2.02 -20.70 -39.00
CA ASN D 99 -2.57 -21.77 -39.82
C ASN D 99 -3.89 -22.16 -39.21
N LEU D 100 -4.98 -21.97 -39.94
CA LEU D 100 -6.29 -21.88 -39.28
C LEU D 100 -6.85 -23.22 -38.90
N GLY D 101 -7.70 -23.77 -39.77
CA GLY D 101 -7.98 -25.18 -39.66
C GLY D 101 -6.57 -25.58 -39.98
N PRO D 102 -6.04 -26.64 -39.37
CA PRO D 102 -4.69 -27.09 -39.76
C PRO D 102 -4.81 -27.66 -41.17
N SER D 103 -5.64 -26.98 -41.94
CA SER D 103 -5.57 -26.88 -43.39
C SER D 103 -4.69 -25.64 -43.64
N PHE D 104 -4.36 -25.28 -44.88
CA PHE D 104 -3.31 -24.26 -44.97
C PHE D 104 -3.69 -22.86 -45.47
N TYR D 105 -4.79 -22.33 -44.94
CA TYR D 105 -5.18 -20.92 -45.12
C TYR D 105 -5.12 -20.19 -43.79
N PHE D 106 -4.79 -18.90 -43.81
CA PHE D 106 -4.41 -18.24 -42.58
C PHE D 106 -5.26 -17.00 -42.28
N ASP D 107 -5.71 -16.85 -41.03
CA ASP D 107 -6.54 -15.71 -40.67
C ASP D 107 -5.74 -14.50 -40.17
N TYR D 108 -5.29 -14.52 -38.92
CA TYR D 108 -4.58 -13.35 -38.40
C TYR D 108 -3.14 -13.32 -38.90
N TRP D 109 -2.79 -12.23 -39.57
CA TRP D 109 -1.42 -12.02 -40.06
C TRP D 109 -0.79 -10.88 -39.26
N GLY D 110 0.47 -11.04 -38.88
CA GLY D 110 1.21 -9.98 -38.20
C GLY D 110 1.54 -8.83 -39.13
N GLN D 111 2.13 -7.76 -38.59
CA GLN D 111 2.51 -6.60 -39.42
C GLN D 111 3.62 -6.94 -40.39
N GLY D 112 4.50 -7.84 -39.97
CA GLY D 112 5.54 -8.34 -40.85
C GLY D 112 6.82 -7.57 -40.70
N THR D 113 7.92 -8.30 -40.60
CA THR D 113 9.23 -7.70 -40.49
C THR D 113 9.93 -7.73 -41.87
N LEU D 114 10.66 -6.67 -42.21
CA LEU D 114 11.34 -6.63 -43.51
C LEU D 114 12.78 -7.11 -43.40
N VAL D 115 13.17 -7.95 -44.34
CA VAL D 115 14.56 -8.39 -44.45
C VAL D 115 15.16 -7.88 -45.77
N THR D 116 16.31 -7.21 -45.66
CA THR D 116 17.03 -6.71 -46.84
C THR D 116 18.43 -7.33 -46.96
N VAL D 117 18.65 -8.05 -48.06
CA VAL D 117 19.92 -8.73 -48.32
C VAL D 117 20.66 -8.00 -49.45
N SER D 118 21.68 -7.25 -49.07
CA SER D 118 22.45 -6.47 -50.04
C SER D 118 23.87 -6.19 -49.53
N SER D 119 24.80 -6.04 -50.47
CA SER D 119 26.20 -5.81 -50.13
C SER D 119 26.47 -4.35 -49.77
N ALA D 120 25.53 -3.48 -50.14
CA ALA D 120 25.66 -2.05 -49.92
C ALA D 120 25.86 -1.71 -48.46
N SER D 121 26.91 -0.94 -48.18
CA SER D 121 27.18 -0.47 -46.82
C SER D 121 26.19 0.62 -46.46
N THR D 122 25.73 0.59 -45.21
CA THR D 122 24.80 1.58 -44.66
C THR D 122 25.29 3.01 -44.88
N LYS D 123 24.55 3.77 -45.69
CA LYS D 123 24.93 5.12 -46.06
C LYS D 123 23.76 6.07 -45.90
N GLY D 124 23.99 7.15 -45.16
CA GLY D 124 22.96 8.14 -44.86
C GLY D 124 22.55 8.95 -46.08
N PRO D 125 21.26 9.29 -46.14
CA PRO D 125 20.72 10.12 -47.23
C PRO D 125 21.25 11.54 -47.23
N SER D 126 21.57 12.05 -48.42
CA SER D 126 21.97 13.43 -48.56
C SER D 126 20.80 14.19 -49.16
N VAL D 127 20.26 15.13 -48.38
CA VAL D 127 19.04 15.88 -48.77
C VAL D 127 19.37 17.13 -49.58
N PHE D 128 18.80 17.20 -50.79
CA PHE D 128 18.97 18.36 -51.65
C PHE D 128 17.59 18.93 -51.99
N PRO D 129 17.36 20.20 -51.62
CA PRO D 129 16.06 20.85 -51.83
C PRO D 129 15.73 21.02 -53.31
N LEU D 130 14.44 20.95 -53.62
CA LEU D 130 13.96 21.20 -54.98
C LEU D 130 13.25 22.55 -55.02
N ALA D 131 14.02 23.60 -55.33
CA ALA D 131 13.51 24.98 -55.34
C ALA D 131 12.76 25.31 -56.63
N PRO D 132 11.57 25.91 -56.50
CA PRO D 132 10.71 26.21 -57.65
C PRO D 132 11.29 27.26 -58.60
N SER D 133 10.88 27.17 -59.88
CA SER D 133 11.32 28.12 -60.91
C SER D 133 10.41 29.35 -60.96
N SER D 134 10.69 30.26 -61.90
CA SER D 134 9.93 31.50 -62.06
C SER D 134 8.64 31.34 -62.87
N LYS D 135 8.64 30.35 -63.77
CA LYS D 135 7.47 30.05 -64.60
C LYS D 135 6.78 28.76 -64.15
N SER D 136 6.65 28.60 -62.82
CA SER D 136 6.14 27.37 -62.21
C SER D 136 4.68 27.48 -61.76
N THR D 137 3.91 28.38 -62.37
CA THR D 137 2.50 28.55 -62.07
C THR D 137 1.61 27.93 -63.14
N SER D 138 0.59 27.20 -62.70
CA SER D 138 -0.44 26.66 -63.58
C SER D 138 -1.59 27.65 -63.72
N GLY D 139 -1.44 28.80 -63.06
CA GLY D 139 -2.47 29.83 -62.99
C GLY D 139 -2.50 30.47 -61.61
N GLY D 140 -1.59 30.04 -60.75
CA GLY D 140 -1.48 30.55 -59.38
C GLY D 140 -1.08 29.50 -58.36
N THR D 141 -0.48 28.41 -58.83
CA THR D 141 -0.07 27.30 -57.96
C THR D 141 1.36 26.83 -58.26
N ALA D 142 2.16 26.63 -57.22
CA ALA D 142 3.54 26.17 -57.34
C ALA D 142 3.80 24.91 -56.53
N ALA D 143 5.01 24.36 -56.66
CA ALA D 143 5.41 23.15 -55.92
C ALA D 143 6.89 23.16 -55.54
N LEU D 144 7.21 22.47 -54.45
CA LEU D 144 8.59 22.38 -53.93
C LEU D 144 8.82 21.07 -53.17
N GLY D 145 9.93 20.97 -52.46
CA GLY D 145 10.20 19.82 -51.63
C GLY D 145 11.66 19.47 -51.41
N CYS D 146 11.89 18.28 -50.85
CA CYS D 146 13.22 17.77 -50.57
C CYS D 146 13.45 16.43 -51.27
N LEU D 147 14.62 16.26 -51.89
CA LEU D 147 15.00 14.98 -52.50
C LEU D 147 16.11 14.29 -51.71
N VAL D 148 15.88 13.03 -51.36
CA VAL D 148 16.83 12.26 -50.56
C VAL D 148 17.53 11.18 -51.39
N LYS D 149 18.72 11.53 -51.89
CA LYS D 149 19.50 10.65 -52.77
C LYS D 149 20.53 9.82 -52.01
N ASP D 150 20.89 8.69 -52.60
CA ASP D 150 21.98 7.81 -52.13
C ASP D 150 21.89 7.40 -50.67
N TYR D 151 20.73 6.90 -50.27
CA TYR D 151 20.58 6.37 -48.91
C TYR D 151 20.42 4.86 -48.90
N PHE D 152 20.51 4.27 -47.71
CA PHE D 152 20.38 2.83 -47.54
C PHE D 152 20.22 2.44 -46.08
N PRO D 153 19.30 1.52 -45.80
CA PRO D 153 18.32 1.03 -46.77
C PRO D 153 16.95 1.68 -46.56
N GLU D 154 15.89 0.93 -46.87
CA GLU D 154 14.51 1.38 -46.64
C GLU D 154 14.12 1.28 -45.16
N PRO D 155 13.31 2.23 -44.70
CA PRO D 155 12.98 3.43 -45.46
C PRO D 155 13.56 4.71 -44.84
N VAL D 156 13.10 5.85 -45.35
CA VAL D 156 13.23 7.13 -44.66
C VAL D 156 11.83 7.72 -44.52
N THR D 157 11.48 8.11 -43.31
CA THR D 157 10.22 8.81 -43.09
C THR D 157 10.50 10.30 -43.28
N VAL D 158 9.95 10.86 -44.36
CA VAL D 158 9.99 12.31 -44.54
C VAL D 158 8.66 12.94 -44.10
N SER D 159 8.77 14.06 -43.39
CA SER D 159 7.62 14.86 -42.98
C SER D 159 7.94 16.33 -43.24
N TRP D 160 6.97 17.22 -43.02
CA TRP D 160 7.19 18.63 -43.31
C TRP D 160 6.76 19.57 -42.19
N ASN D 161 7.61 20.56 -41.91
CA ASN D 161 7.41 21.53 -40.84
C ASN D 161 7.07 20.86 -39.51
N SER D 162 7.94 19.93 -39.10
CA SER D 162 7.84 19.18 -37.84
C SER D 162 6.65 18.21 -37.75
N GLY D 163 5.50 18.60 -38.32
CA GLY D 163 4.34 17.73 -38.33
C GLY D 163 3.01 18.35 -38.71
N ALA D 164 2.96 19.68 -38.84
CA ALA D 164 1.71 20.39 -39.08
C ALA D 164 1.30 20.51 -40.55
N LEU D 165 2.20 20.12 -41.46
CA LEU D 165 1.90 20.10 -42.90
C LEU D 165 1.80 18.69 -43.45
N THR D 166 0.58 18.32 -43.85
CA THR D 166 0.30 17.04 -44.52
C THR D 166 -0.53 17.26 -45.78
N SER D 167 -1.19 18.41 -45.84
CA SER D 167 -2.06 18.77 -46.98
C SER D 167 -1.28 19.00 -48.27
N GLY D 168 -1.42 18.08 -49.21
CA GLY D 168 -0.78 18.16 -50.51
C GLY D 168 0.57 17.46 -50.61
N VAL D 169 0.94 16.71 -49.57
CA VAL D 169 2.23 16.03 -49.51
C VAL D 169 2.23 14.78 -50.40
N HIS D 170 3.30 14.62 -51.17
CA HIS D 170 3.50 13.45 -52.03
C HIS D 170 4.92 12.90 -51.86
N THR D 171 5.08 12.00 -50.89
CA THR D 171 6.34 11.31 -50.67
C THR D 171 6.48 10.20 -51.72
N PHE D 172 7.23 10.50 -52.78
CA PHE D 172 7.40 9.56 -53.89
C PHE D 172 8.14 8.30 -53.46
N PRO D 173 7.55 7.13 -53.73
CA PRO D 173 8.19 5.86 -53.38
C PRO D 173 9.54 5.76 -54.06
N ALA D 174 10.55 5.30 -53.32
CA ALA D 174 11.92 5.24 -53.83
C ALA D 174 12.09 4.17 -54.91
N VAL D 175 13.17 4.29 -55.67
CA VAL D 175 13.58 3.24 -56.60
C VAL D 175 15.05 2.95 -56.41
N LEU D 176 15.40 1.67 -56.30
CA LEU D 176 16.79 1.27 -56.08
C LEU D 176 17.64 1.48 -57.32
N GLN D 177 18.68 2.30 -57.17
CA GLN D 177 19.59 2.64 -58.26
C GLN D 177 20.54 1.50 -58.56
N SER D 178 21.25 1.60 -59.67
CA SER D 178 22.29 0.65 -60.04
C SER D 178 23.38 0.62 -58.97
N SER D 179 23.58 1.76 -58.33
CA SER D 179 24.52 1.90 -57.21
C SER D 179 24.15 0.99 -56.04
N GLY D 180 22.93 0.47 -56.05
CA GLY D 180 22.42 -0.30 -54.93
C GLY D 180 21.98 0.62 -53.80
N LEU D 181 22.01 1.91 -54.06
CA LEU D 181 21.56 2.91 -53.10
C LEU D 181 20.20 3.46 -53.52
N TYR D 182 19.51 4.11 -52.59
CA TYR D 182 18.13 4.54 -52.79
C TYR D 182 18.03 6.03 -53.10
N SER D 183 17.05 6.37 -53.94
CA SER D 183 16.78 7.76 -54.28
C SER D 183 15.29 8.02 -54.49
N LEU D 184 14.84 9.18 -54.05
CA LEU D 184 13.46 9.61 -54.23
C LEU D 184 13.36 11.12 -54.45
N SER D 185 12.12 11.61 -54.46
CA SER D 185 11.83 13.05 -54.50
C SER D 185 10.46 13.28 -53.87
N SER D 186 10.46 13.90 -52.69
CA SER D 186 9.23 14.23 -51.99
C SER D 186 8.77 15.63 -52.39
N VAL D 187 7.59 15.71 -53.01
CA VAL D 187 7.06 16.99 -53.47
C VAL D 187 5.73 17.37 -52.82
N VAL D 188 5.53 18.67 -52.61
CA VAL D 188 4.30 19.19 -52.03
C VAL D 188 3.78 20.36 -52.87
N THR D 189 2.47 20.36 -53.10
CA THR D 189 1.82 21.44 -53.84
C THR D 189 1.16 22.43 -52.88
N VAL D 190 1.69 23.65 -52.85
CA VAL D 190 1.21 24.73 -51.97
C VAL D 190 0.98 26.02 -52.78
N PRO D 191 -0.02 26.83 -52.37
CA PRO D 191 -0.35 28.08 -53.08
C PRO D 191 0.87 28.95 -53.42
N SER D 192 0.87 29.49 -54.63
CA SER D 192 2.00 30.28 -55.14
C SER D 192 2.00 31.73 -54.66
N SER D 193 0.87 32.18 -54.09
CA SER D 193 0.70 33.55 -53.63
C SER D 193 1.49 33.90 -52.36
N SER D 194 2.16 32.90 -51.78
CA SER D 194 2.98 33.08 -50.58
C SER D 194 4.17 32.12 -50.55
N LEU D 195 5.29 32.55 -51.14
CA LEU D 195 6.52 31.75 -51.19
C LEU D 195 7.62 32.33 -50.31
N GLY D 196 7.73 33.65 -50.29
CA GLY D 196 8.73 34.35 -49.50
C GLY D 196 8.22 34.85 -48.17
N THR D 197 7.54 33.98 -47.42
CA THR D 197 7.04 34.31 -46.08
C THR D 197 7.09 33.10 -45.14
N GLN D 198 6.54 31.96 -45.60
CA GLN D 198 6.49 30.74 -44.81
C GLN D 198 7.75 29.90 -45.01
N THR D 199 8.48 29.66 -43.91
CA THR D 199 9.69 28.85 -43.94
C THR D 199 9.36 27.36 -44.02
N TYR D 200 9.60 26.77 -45.18
CA TYR D 200 9.32 25.36 -45.40
C TYR D 200 10.53 24.50 -45.06
N ILE D 201 10.42 23.73 -43.97
CA ILE D 201 11.48 22.82 -43.53
C ILE D 201 11.02 21.37 -43.58
N CYS D 202 11.85 20.49 -44.13
CA CYS D 202 11.54 19.05 -44.19
C CYS D 202 12.28 18.27 -43.10
N ASN D 203 11.58 17.32 -42.48
CA ASN D 203 12.14 16.53 -41.39
C ASN D 203 12.48 15.10 -41.83
N VAL D 204 13.75 14.91 -42.21
CA VAL D 204 14.25 13.62 -42.70
C VAL D 204 14.67 12.74 -41.52
N ASN D 205 14.27 11.47 -41.59
CA ASN D 205 14.55 10.49 -40.52
C ASN D 205 14.97 9.11 -41.06
N HIS D 206 16.28 8.88 -41.10
CA HIS D 206 16.80 7.56 -41.42
C HIS D 206 17.14 6.82 -40.13
N LYS D 207 16.55 5.64 -39.96
CA LYS D 207 16.67 4.89 -38.70
C LYS D 207 18.02 4.15 -38.52
N PRO D 208 18.42 3.33 -39.49
CA PRO D 208 19.77 2.73 -39.51
C PRO D 208 20.94 3.72 -39.64
N SER D 209 20.68 4.97 -40.02
CA SER D 209 21.73 5.99 -40.16
C SER D 209 21.88 6.89 -38.92
N ASN D 210 20.82 6.99 -38.13
CA ASN D 210 20.74 7.92 -36.98
C ASN D 210 20.83 9.39 -37.41
N THR D 211 20.66 9.63 -38.71
CA THR D 211 20.75 10.97 -39.30
C THR D 211 19.41 11.70 -39.27
N LYS D 212 19.47 13.03 -39.27
CA LYS D 212 18.28 13.88 -39.24
C LYS D 212 18.55 15.19 -39.99
N VAL D 213 18.85 15.08 -41.28
CA VAL D 213 19.27 16.26 -42.07
C VAL D 213 18.06 17.11 -42.50
N ASP D 214 17.86 18.21 -41.77
CA ASP D 214 16.79 19.17 -42.04
C ASP D 214 17.25 20.24 -43.03
N LYS D 215 16.44 20.47 -44.06
CA LYS D 215 16.79 21.46 -45.08
C LYS D 215 15.63 22.42 -45.39
N LYS D 216 15.92 23.71 -45.27
CA LYS D 216 15.00 24.76 -45.68
C LYS D 216 14.97 24.86 -47.20
N VAL D 217 13.79 25.07 -47.77
CA VAL D 217 13.64 25.12 -49.22
C VAL D 217 13.22 26.51 -49.69
N GLU D 218 14.21 27.29 -50.14
CA GLU D 218 14.00 28.68 -50.53
C GLU D 218 14.17 28.91 -52.04
N PRO D 219 13.49 29.92 -52.58
CA PRO D 219 13.52 30.23 -54.03
C PRO D 219 14.93 30.36 -54.62
N LYS D 220 15.04 30.09 -55.92
CA LYS D 220 16.33 30.10 -56.63
C LYS D 220 16.70 31.47 -57.19
N SER D 221 18.00 31.67 -57.41
CA SER D 221 18.54 32.94 -57.92
C SER D 221 18.47 32.99 -59.45
N CYS D 222 17.26 33.19 -59.98
CA CYS D 222 17.01 33.20 -61.42
C CYS D 222 16.47 34.55 -61.89
N ASP E 1 12.04 17.14 60.19
CA ASP E 1 10.96 16.60 59.29
C ASP E 1 9.65 17.37 59.44
N ILE E 2 9.41 18.31 58.53
CA ILE E 2 8.26 19.20 58.60
C ILE E 2 6.95 18.43 58.67
N GLN E 3 6.04 18.87 59.51
CA GLN E 3 4.72 18.25 59.59
C GLN E 3 3.68 19.23 59.07
N MET E 4 2.74 18.72 58.28
CA MET E 4 1.57 19.51 57.88
C MET E 4 0.33 18.91 58.53
N THR E 5 -0.38 19.74 59.30
CA THR E 5 -1.47 19.25 60.16
C THR E 5 -2.80 19.87 59.77
N GLN E 6 -3.52 19.18 58.89
CA GLN E 6 -4.82 19.58 58.40
C GLN E 6 -5.88 19.45 59.48
N SER E 7 -6.94 20.25 59.38
CA SER E 7 -8.06 20.16 60.30
C SER E 7 -9.29 20.78 59.63
N PRO E 8 -10.45 20.14 59.77
CA PRO E 8 -10.59 18.88 60.53
C PRO E 8 -10.14 17.68 59.69
N SER E 9 -10.05 16.50 60.31
CA SER E 9 -9.67 15.29 59.58
C SER E 9 -10.79 14.89 58.63
N SER E 10 -12.02 15.09 59.10
CA SER E 10 -13.22 14.87 58.31
C SER E 10 -14.22 15.98 58.58
N LEU E 11 -14.98 16.34 57.56
CA LEU E 11 -16.00 17.38 57.69
C LEU E 11 -17.20 17.09 56.80
N SER E 12 -18.39 17.22 57.38
CA SER E 12 -19.61 17.02 56.64
C SER E 12 -20.26 18.35 56.30
N ALA E 13 -20.69 18.48 55.06
CA ALA E 13 -21.38 19.67 54.57
C ALA E 13 -22.17 19.34 53.32
N SER E 14 -23.29 20.02 53.11
CA SER E 14 -24.21 19.72 52.00
C SER E 14 -23.89 20.56 50.74
N VAL E 15 -24.44 20.15 49.60
CA VAL E 15 -24.17 20.83 48.32
C VAL E 15 -24.57 22.31 48.38
N GLY E 16 -23.73 23.16 47.81
CA GLY E 16 -23.97 24.59 47.83
C GLY E 16 -23.38 25.31 49.03
N ASP E 17 -22.89 24.55 50.02
CA ASP E 17 -22.26 25.11 51.22
C ASP E 17 -20.86 25.62 50.95
N ARG E 18 -20.43 26.59 51.74
CA ARG E 18 -19.05 27.07 51.71
C ARG E 18 -18.28 26.16 52.64
N VAL E 19 -17.17 25.63 52.14
CA VAL E 19 -16.35 24.69 52.88
C VAL E 19 -14.97 25.31 53.09
N THR E 20 -14.43 25.19 54.30
CA THR E 20 -13.09 25.69 54.60
C THR E 20 -12.23 24.61 55.25
N ILE E 21 -10.98 24.50 54.80
CA ILE E 21 -10.02 23.53 55.33
C ILE E 21 -8.68 24.20 55.67
N THR E 22 -8.27 24.12 56.92
CA THR E 22 -6.99 24.67 57.36
C THR E 22 -5.89 23.62 57.33
N CYS E 23 -4.64 24.09 57.21
CA CYS E 23 -3.45 23.25 57.16
C CYS E 23 -2.31 24.02 57.81
N LYS E 24 -1.83 23.54 58.95
CA LYS E 24 -0.80 24.22 59.74
C LYS E 24 0.56 23.55 59.58
N ALA E 25 1.59 24.35 59.32
CA ALA E 25 2.95 23.85 59.16
C ALA E 25 3.75 23.96 60.44
N SER E 26 4.60 22.97 60.70
CA SER E 26 5.43 22.94 61.89
C SER E 26 6.58 23.94 61.82
N GLN E 27 6.64 24.68 60.73
CA GLN E 27 7.79 25.49 60.38
C GLN E 27 7.38 26.49 59.30
N ASP E 28 8.10 27.60 59.19
CA ASP E 28 7.84 28.55 58.12
C ASP E 28 8.13 27.93 56.76
N VAL E 29 7.21 28.10 55.83
CA VAL E 29 7.35 27.54 54.48
C VAL E 29 6.99 28.57 53.41
N SER E 30 7.33 29.83 53.67
CA SER E 30 6.76 30.99 52.95
C SER E 30 5.39 30.68 52.29
N ILE E 31 5.33 30.73 50.96
CA ILE E 31 4.11 30.36 50.26
C ILE E 31 4.25 29.04 49.51
N GLY E 32 5.26 28.25 49.88
CA GLY E 32 5.53 27.00 49.18
C GLY E 32 4.54 25.87 49.43
N VAL E 33 3.26 26.15 49.23
CA VAL E 33 2.19 25.21 49.52
C VAL E 33 1.34 24.88 48.31
N ALA E 34 1.02 23.60 48.14
CA ALA E 34 0.10 23.12 47.12
C ALA E 34 -1.07 22.39 47.78
N TRP E 35 -2.21 22.40 47.10
CA TRP E 35 -3.36 21.61 47.54
C TRP E 35 -3.75 20.61 46.47
N TYR E 36 -4.19 19.43 46.89
CA TYR E 36 -4.63 18.40 45.97
C TYR E 36 -5.99 17.83 46.35
N GLN E 37 -6.78 17.45 45.36
CA GLN E 37 -8.03 16.75 45.60
C GLN E 37 -7.84 15.29 45.21
N GLN E 38 -8.36 14.38 46.05
CA GLN E 38 -8.36 12.95 45.74
C GLN E 38 -9.68 12.26 46.06
N LYS E 39 -10.30 11.69 45.03
CA LYS E 39 -11.52 10.89 45.14
C LYS E 39 -11.12 9.43 45.35
N PRO E 40 -12.02 8.62 45.89
CA PRO E 40 -11.67 7.24 46.26
C PRO E 40 -11.33 6.38 45.04
N GLY E 41 -10.23 5.64 45.11
CA GLY E 41 -9.82 4.76 44.03
C GLY E 41 -9.11 5.46 42.88
N LYS E 42 -8.83 6.74 43.04
CA LYS E 42 -8.26 7.55 41.98
C LYS E 42 -6.86 8.12 42.30
N ALA E 43 -6.33 8.90 41.36
CA ALA E 43 -5.09 9.60 41.55
C ALA E 43 -5.45 10.98 42.04
N PRO E 44 -4.52 11.65 42.74
CA PRO E 44 -4.71 13.06 43.12
C PRO E 44 -4.73 14.01 41.91
N LYS E 45 -5.38 15.15 42.11
CA LYS E 45 -5.43 16.20 41.11
C LYS E 45 -4.92 17.46 41.77
N LEU E 46 -4.14 18.23 41.02
CA LEU E 46 -3.53 19.44 41.56
C LEU E 46 -4.49 20.63 41.49
N LEU E 47 -4.63 21.33 42.61
CA LEU E 47 -5.62 22.37 42.74
C LEU E 47 -5.00 23.77 42.88
N ILE E 48 -4.16 23.94 43.90
CA ILE E 48 -3.51 25.20 44.18
C ILE E 48 -1.97 25.02 44.22
N TYR E 49 -1.25 25.99 43.66
CA TYR E 49 0.20 26.09 43.87
C TYR E 49 0.54 27.50 44.37
N SER E 50 1.75 27.65 44.93
CA SER E 50 2.16 28.87 45.63
C SER E 50 1.10 29.43 46.59
N ALA E 51 0.41 28.50 47.24
CA ALA E 51 -0.53 28.79 48.32
C ALA E 51 -1.84 29.44 47.88
N SER E 52 -1.81 30.14 46.74
CA SER E 52 -2.96 30.95 46.32
C SER E 52 -3.38 30.81 44.84
N TYR E 53 -2.43 30.40 44.00
CA TYR E 53 -2.66 30.34 42.57
C TYR E 53 -3.33 29.04 42.10
N ARG E 54 -4.44 29.20 41.41
CA ARG E 54 -5.25 28.10 40.89
C ARG E 54 -4.52 27.47 39.72
N TYR E 55 -4.50 26.14 39.65
CA TYR E 55 -3.87 25.46 38.52
C TYR E 55 -4.77 25.53 37.27
N THR E 56 -4.20 25.39 36.07
CA THR E 56 -4.96 25.48 34.82
C THR E 56 -6.27 24.73 34.86
N GLY E 57 -7.36 25.43 34.51
CA GLY E 57 -8.65 24.80 34.32
C GLY E 57 -9.40 24.33 35.56
N VAL E 58 -8.77 24.43 36.74
CA VAL E 58 -9.47 24.20 38.01
C VAL E 58 -10.59 25.21 38.09
N PRO E 59 -11.80 24.77 38.47
CA PRO E 59 -12.94 25.68 38.64
C PRO E 59 -12.65 26.80 39.62
N SER E 60 -13.27 27.96 39.35
CA SER E 60 -12.99 29.18 40.10
C SER E 60 -13.46 29.11 41.55
N ARG E 61 -14.36 28.17 41.85
CA ARG E 61 -14.85 27.99 43.21
C ARG E 61 -13.77 27.60 44.24
N PHE E 62 -12.64 27.09 43.76
CA PHE E 62 -11.52 26.74 44.64
C PHE E 62 -10.57 27.92 44.89
N SER E 63 -10.39 28.27 46.16
CA SER E 63 -9.50 29.39 46.49
C SER E 63 -8.46 29.01 47.56
N GLY E 64 -7.20 29.25 47.23
CA GLY E 64 -6.11 29.03 48.17
C GLY E 64 -5.71 30.30 48.87
N SER E 65 -5.76 30.29 50.20
CA SER E 65 -5.26 31.41 50.98
C SER E 65 -4.07 30.94 51.81
N GLY E 66 -3.36 31.88 52.43
CA GLY E 66 -2.30 31.53 53.36
C GLY E 66 -0.90 31.97 52.96
N SER E 67 -0.02 32.01 53.96
CA SER E 67 1.38 32.40 53.79
C SER E 67 2.05 32.30 55.15
N GLY E 68 3.15 31.54 55.23
CA GLY E 68 3.89 31.38 56.48
C GLY E 68 3.75 29.99 57.07
N THR E 69 2.80 29.84 58.00
CA THR E 69 2.52 28.54 58.64
C THR E 69 1.05 28.12 58.56
N ASP E 70 0.14 29.09 58.56
CA ASP E 70 -1.30 28.81 58.44
C ASP E 70 -1.81 29.02 57.03
N PHE E 71 -2.53 28.02 56.52
CA PHE E 71 -3.04 28.05 55.14
C PHE E 71 -4.47 27.53 55.07
N THR E 72 -5.21 27.95 54.05
CA THR E 72 -6.61 27.57 53.93
C THR E 72 -7.08 27.31 52.50
N LEU E 73 -7.80 26.20 52.34
CA LEU E 73 -8.47 25.90 51.09
C LEU E 73 -9.96 26.11 51.25
N THR E 74 -10.58 26.75 50.26
CA THR E 74 -11.98 27.16 50.35
C THR E 74 -12.79 26.82 49.11
N ILE E 75 -13.74 25.92 49.28
CA ILE E 75 -14.70 25.64 48.22
C ILE E 75 -15.92 26.52 48.46
N SER E 76 -16.02 27.59 47.70
CA SER E 76 -17.00 28.67 47.95
C SER E 76 -18.46 28.22 47.98
N SER E 77 -18.76 27.25 47.12
CA SER E 77 -20.08 26.66 47.01
C SER E 77 -19.81 25.25 46.47
N LEU E 78 -19.95 24.28 47.35
CA LEU E 78 -19.69 22.86 47.06
C LEU E 78 -20.47 22.35 45.85
N GLN E 79 -19.81 21.53 45.05
CA GLN E 79 -20.42 20.89 43.91
C GLN E 79 -20.49 19.39 44.21
N PRO E 80 -21.51 18.70 43.69
CA PRO E 80 -21.64 17.27 43.90
C PRO E 80 -20.35 16.52 43.63
N GLU E 81 -19.61 16.87 42.57
CA GLU E 81 -18.31 16.24 42.31
C GLU E 81 -17.25 16.45 43.41
N ASP E 82 -17.38 17.52 44.18
CA ASP E 82 -16.33 17.93 45.12
C ASP E 82 -16.15 17.05 46.33
N PHE E 83 -17.11 16.14 46.58
CA PHE E 83 -17.04 15.26 47.76
C PHE E 83 -15.87 14.28 47.68
N ALA E 84 -14.81 14.59 48.43
CA ALA E 84 -13.58 13.84 48.35
C ALA E 84 -12.60 14.28 49.43
N THR E 85 -11.39 13.73 49.37
CA THR E 85 -10.35 14.06 50.33
C THR E 85 -9.42 15.12 49.77
N TYR E 86 -8.95 16.04 50.61
CA TYR E 86 -8.12 17.15 50.18
C TYR E 86 -6.77 17.18 50.91
N TYR E 87 -5.68 17.11 50.15
CA TYR E 87 -4.35 17.08 50.73
C TYR E 87 -3.64 18.41 50.52
N CYS E 88 -3.00 18.91 51.57
CA CYS E 88 -2.07 20.02 51.43
C CYS E 88 -0.65 19.47 51.48
N GLN E 89 0.27 20.20 50.86
CA GLN E 89 1.66 19.76 50.76
C GLN E 89 2.53 20.99 50.82
N GLN E 90 3.62 20.92 51.56
CA GLN E 90 4.62 21.97 51.53
C GLN E 90 5.76 21.47 50.67
N TYR E 91 6.21 22.30 49.74
CA TYR E 91 7.29 21.91 48.84
C TYR E 91 8.43 22.91 48.99
N TYR E 92 8.38 23.66 50.08
CA TYR E 92 9.37 24.69 50.34
C TYR E 92 10.71 24.11 50.74
N ILE E 93 10.69 23.11 51.63
CA ILE E 93 11.92 22.58 52.20
C ILE E 93 11.98 21.05 52.13
N TYR E 94 13.12 20.50 51.71
CA TYR E 94 13.32 19.05 51.66
C TYR E 94 13.33 18.47 53.09
N PRO E 95 12.70 17.32 53.33
CA PRO E 95 11.97 16.55 52.32
C PRO E 95 10.55 17.03 52.28
N TYR E 96 9.99 17.07 51.08
CA TYR E 96 8.67 17.66 50.84
C TYR E 96 7.61 16.75 51.43
N THR E 97 6.78 17.31 52.30
CA THR E 97 5.78 16.54 53.05
C THR E 97 4.33 16.90 52.72
N PHE E 98 3.44 15.91 52.82
CA PHE E 98 2.01 16.10 52.57
C PHE E 98 1.28 16.06 53.89
N GLY E 99 0.23 16.87 54.02
CA GLY E 99 -0.69 16.82 55.14
C GLY E 99 -1.43 15.48 55.23
N GLN E 100 -2.16 15.29 56.32
CA GLN E 100 -2.85 14.01 56.55
C GLN E 100 -4.21 13.95 55.89
N GLY E 101 -4.59 15.04 55.23
CA GLY E 101 -5.80 15.06 54.41
C GLY E 101 -7.08 15.31 55.20
N THR E 102 -8.07 15.89 54.51
CA THR E 102 -9.38 16.16 55.07
C THR E 102 -10.45 15.58 54.14
N LYS E 103 -11.26 14.66 54.65
CA LYS E 103 -12.30 14.02 53.86
C LYS E 103 -13.60 14.79 53.97
N VAL E 104 -14.02 15.39 52.86
CA VAL E 104 -15.29 16.13 52.81
C VAL E 104 -16.41 15.16 52.43
N GLU E 105 -17.43 15.12 53.30
CA GLU E 105 -18.45 14.10 53.26
C GLU E 105 -19.87 14.66 53.20
N ILE E 106 -20.72 13.98 52.42
CA ILE E 106 -22.09 14.40 52.15
C ILE E 106 -22.97 14.32 53.40
N LYS E 107 -23.66 15.43 53.69
CA LYS E 107 -24.30 15.67 54.99
C LYS E 107 -25.80 15.37 54.99
N ARG E 108 -26.27 14.78 56.09
CA ARG E 108 -27.68 14.42 56.24
C ARG E 108 -28.15 14.44 57.71
N THR E 109 -29.39 14.01 57.94
CA THR E 109 -29.97 13.97 59.27
C THR E 109 -29.49 12.75 60.03
N VAL E 110 -29.35 12.90 61.35
CA VAL E 110 -29.00 11.79 62.24
C VAL E 110 -29.89 10.58 62.00
N ALA E 111 -29.26 9.45 61.67
CA ALA E 111 -29.99 8.21 61.43
C ALA E 111 -29.54 7.14 62.43
N ALA E 112 -30.54 6.49 63.02
CA ALA E 112 -30.32 5.44 64.01
C ALA E 112 -29.85 4.14 63.34
N PRO E 113 -28.81 3.52 63.88
CA PRO E 113 -28.34 2.23 63.35
C PRO E 113 -29.28 1.10 63.76
N SER E 114 -29.37 0.03 62.96
CA SER E 114 -30.24 -1.09 63.30
C SER E 114 -29.40 -2.28 63.76
N VAL E 115 -28.84 -2.14 64.96
CA VAL E 115 -27.96 -3.14 65.57
C VAL E 115 -28.42 -4.61 65.41
N PHE E 116 -27.47 -5.46 65.00
CA PHE E 116 -27.73 -6.88 64.79
C PHE E 116 -26.54 -7.71 65.29
N ILE E 117 -26.81 -8.97 65.62
CA ILE E 117 -25.79 -9.86 66.19
C ILE E 117 -25.82 -11.25 65.55
N PHE E 118 -24.64 -11.80 65.27
CA PHE E 118 -24.52 -13.11 64.67
C PHE E 118 -23.65 -14.06 65.50
N PRO E 119 -24.23 -15.14 66.00
CA PRO E 119 -23.46 -16.22 66.63
C PRO E 119 -22.58 -16.92 65.59
N PRO E 120 -21.56 -17.66 66.01
CA PRO E 120 -20.72 -18.44 65.08
C PRO E 120 -21.47 -19.61 64.44
N SER E 121 -20.97 -20.07 63.29
CA SER E 121 -21.52 -21.26 62.63
C SER E 121 -20.88 -22.52 63.21
N ASP E 122 -21.56 -23.66 63.03
CA ASP E 122 -21.02 -24.93 63.49
C ASP E 122 -19.78 -25.36 62.72
N GLU E 123 -19.74 -25.06 61.42
CA GLU E 123 -18.58 -25.35 60.57
C GLU E 123 -17.32 -24.68 61.10
N GLN E 124 -17.42 -23.35 61.29
CA GLN E 124 -16.35 -22.52 61.84
C GLN E 124 -15.89 -22.99 63.21
N LEU E 125 -16.82 -23.58 63.96
CA LEU E 125 -16.59 -23.96 65.34
C LEU E 125 -15.65 -25.15 65.50
N LYS E 126 -15.57 -25.98 64.46
CA LYS E 126 -14.75 -27.20 64.51
C LYS E 126 -13.30 -26.97 64.08
N SER E 127 -12.97 -25.72 63.71
CA SER E 127 -11.65 -25.38 63.19
C SER E 127 -10.78 -24.57 64.18
N GLY E 128 -11.19 -24.52 65.44
CA GLY E 128 -10.40 -23.90 66.49
C GLY E 128 -10.72 -22.46 66.84
N THR E 129 -11.42 -21.75 65.95
CA THR E 129 -11.77 -20.34 66.20
C THR E 129 -13.23 -20.04 65.88
N ALA E 130 -13.83 -19.18 66.71
CA ALA E 130 -15.24 -18.80 66.57
C ALA E 130 -15.40 -17.29 66.42
N SER E 131 -16.27 -16.87 65.50
CA SER E 131 -16.49 -15.45 65.21
C SER E 131 -17.86 -14.92 65.64
N VAL E 132 -17.87 -13.72 66.22
CA VAL E 132 -19.11 -13.01 66.56
C VAL E 132 -19.18 -11.69 65.77
N VAL E 133 -20.14 -11.60 64.86
CA VAL E 133 -20.25 -10.44 63.98
C VAL E 133 -21.40 -9.53 64.43
N CYS E 134 -21.09 -8.26 64.70
CA CYS E 134 -22.09 -7.29 65.12
C CYS E 134 -22.33 -6.26 64.03
N LEU E 135 -23.56 -6.20 63.53
CA LEU E 135 -23.90 -5.36 62.40
C LEU E 135 -24.56 -4.05 62.78
N LEU E 136 -23.86 -2.94 62.55
CA LEU E 136 -24.44 -1.61 62.69
C LEU E 136 -24.89 -1.08 61.33
N ASN E 137 -26.17 -1.33 61.00
CA ASN E 137 -26.70 -1.09 59.65
C ASN E 137 -27.43 0.25 59.46
N ASN E 138 -26.99 1.02 58.46
CA ASN E 138 -27.65 2.25 57.98
C ASN E 138 -27.83 3.38 58.99
N PHE E 139 -26.76 4.14 59.20
CA PHE E 139 -26.76 5.20 60.21
C PHE E 139 -25.91 6.39 59.78
N TYR E 140 -26.11 7.53 60.45
CA TYR E 140 -25.34 8.74 60.24
C TYR E 140 -25.38 9.55 61.53
N PRO E 141 -24.31 10.22 61.93
CA PRO E 141 -23.01 10.22 61.25
C PRO E 141 -22.14 8.99 61.52
N ARG E 142 -20.92 9.01 60.97
CA ARG E 142 -19.96 7.91 61.04
C ARG E 142 -19.55 7.49 62.46
N GLU E 143 -19.44 8.46 63.37
CA GLU E 143 -18.85 8.24 64.69
C GLU E 143 -19.78 7.47 65.62
N ALA E 144 -19.38 6.24 65.95
CA ALA E 144 -20.15 5.37 66.81
C ALA E 144 -19.23 4.44 67.59
N LYS E 145 -19.69 4.02 68.76
CA LYS E 145 -18.90 3.20 69.67
C LYS E 145 -19.53 1.83 69.87
N VAL E 146 -18.79 0.80 69.48
CA VAL E 146 -19.25 -0.58 69.60
C VAL E 146 -18.41 -1.30 70.65
N GLN E 147 -19.09 -1.80 71.69
CA GLN E 147 -18.43 -2.46 72.81
C GLN E 147 -18.83 -3.93 72.92
N TRP E 148 -17.84 -4.80 73.16
CA TRP E 148 -18.11 -6.22 73.32
C TRP E 148 -18.14 -6.62 74.80
N LYS E 149 -19.28 -7.14 75.25
CA LYS E 149 -19.48 -7.53 76.65
C LYS E 149 -19.86 -9.02 76.78
N VAL E 150 -18.84 -9.88 76.81
CA VAL E 150 -19.03 -11.32 76.99
C VAL E 150 -19.21 -11.61 78.48
N ASP E 151 -20.25 -12.37 78.82
CA ASP E 151 -20.61 -12.74 80.19
C ASP E 151 -20.95 -11.54 81.10
N ASN E 152 -20.12 -10.51 81.04
CA ASN E 152 -20.33 -9.23 81.73
C ASN E 152 -19.15 -8.30 81.50
N ALA E 153 -17.97 -8.89 81.27
CA ALA E 153 -16.72 -8.13 81.15
C ALA E 153 -16.48 -7.65 79.72
N LEU E 154 -15.80 -6.50 79.62
CA LEU E 154 -15.45 -5.88 78.34
C LEU E 154 -14.37 -6.68 77.62
N GLN E 155 -14.52 -6.80 76.32
CA GLN E 155 -13.50 -7.45 75.50
C GLN E 155 -12.67 -6.40 74.77
N SER E 156 -11.63 -5.96 75.46
CA SER E 156 -10.56 -5.13 74.88
C SER E 156 -9.54 -6.06 74.23
N GLY E 157 -9.13 -5.72 73.01
CA GLY E 157 -8.18 -6.54 72.28
C GLY E 157 -8.74 -7.10 71.00
N ASN E 158 -9.55 -8.14 71.10
CA ASN E 158 -9.88 -9.02 69.98
C ASN E 158 -11.07 -8.66 69.09
N SER E 159 -11.27 -7.37 68.80
CA SER E 159 -12.38 -6.92 67.93
C SER E 159 -11.94 -5.97 66.83
N GLN E 160 -12.21 -6.36 65.57
CA GLN E 160 -11.89 -5.52 64.39
C GLN E 160 -13.13 -4.87 63.80
N GLU E 161 -12.97 -3.66 63.28
CA GLU E 161 -14.09 -2.93 62.71
C GLU E 161 -13.95 -2.73 61.20
N SER E 162 -15.09 -2.48 60.54
CA SER E 162 -15.11 -2.09 59.14
C SER E 162 -16.34 -1.24 58.81
N VAL E 163 -16.14 -0.20 58.00
CA VAL E 163 -17.25 0.67 57.56
C VAL E 163 -17.31 0.77 56.04
N THR E 164 -18.52 0.91 55.52
CA THR E 164 -18.69 1.11 54.08
C THR E 164 -18.53 2.59 53.73
N GLU E 165 -18.27 2.89 52.46
CA GLU E 165 -18.31 4.26 52.01
C GLU E 165 -19.76 4.71 51.99
N GLN E 166 -19.99 6.00 52.22
CA GLN E 166 -21.35 6.56 52.28
C GLN E 166 -22.25 6.02 51.15
N ASP E 167 -23.46 5.58 51.50
CA ASP E 167 -24.40 5.00 50.53
C ASP E 167 -24.73 5.91 49.33
N SER E 168 -24.79 5.31 48.15
CA SER E 168 -25.12 6.02 46.92
C SER E 168 -26.54 6.58 46.89
N LYS E 169 -27.42 6.01 47.71
CA LYS E 169 -28.83 6.39 47.71
C LYS E 169 -29.30 7.05 49.01
N ASP E 170 -29.09 6.39 50.15
CA ASP E 170 -29.60 6.90 51.42
C ASP E 170 -28.56 7.63 52.27
N SER E 171 -27.37 7.81 51.69
CA SER E 171 -26.29 8.62 52.28
C SER E 171 -25.91 8.26 53.72
N THR E 172 -25.98 6.97 54.05
CA THR E 172 -25.60 6.51 55.39
C THR E 172 -24.34 5.66 55.38
N TYR E 173 -24.14 4.98 56.50
CA TYR E 173 -22.98 4.14 56.73
C TYR E 173 -23.45 2.80 57.24
N SER E 174 -22.51 1.87 57.38
CA SER E 174 -22.78 0.57 57.97
C SER E 174 -21.49 0.04 58.60
N LEU E 175 -21.56 -0.30 59.88
CA LEU E 175 -20.38 -0.81 60.58
C LEU E 175 -20.55 -2.31 60.87
N SER E 176 -19.42 -3.00 60.96
CA SER E 176 -19.38 -4.38 61.44
C SER E 176 -18.20 -4.63 62.37
N SER E 177 -18.51 -5.00 63.61
CA SER E 177 -17.50 -5.40 64.58
C SER E 177 -17.41 -6.93 64.60
N THR E 178 -16.23 -7.45 64.31
CA THR E 178 -16.01 -8.90 64.37
C THR E 178 -15.17 -9.26 65.60
N LEU E 179 -15.68 -10.19 66.39
CA LEU E 179 -14.92 -10.74 67.51
C LEU E 179 -14.35 -12.08 67.14
N THR E 180 -13.10 -12.30 67.51
CA THR E 180 -12.39 -13.52 67.13
C THR E 180 -11.87 -14.24 68.38
N LEU E 181 -12.71 -15.14 68.89
CA LEU E 181 -12.40 -15.95 70.05
C LEU E 181 -12.06 -17.38 69.65
N SER E 182 -11.07 -17.95 70.33
CA SER E 182 -10.69 -19.35 70.15
C SER E 182 -11.82 -20.28 70.57
N LYS E 183 -12.02 -21.36 69.80
CA LYS E 183 -13.05 -22.37 70.07
C LYS E 183 -13.15 -22.69 71.56
N ALA E 184 -12.00 -22.90 72.20
CA ALA E 184 -11.92 -23.23 73.61
C ALA E 184 -12.45 -22.09 74.51
N ASP E 185 -11.98 -20.88 74.24
CA ASP E 185 -12.43 -19.69 74.98
C ASP E 185 -13.93 -19.47 74.82
N TYR E 186 -14.44 -19.69 73.61
CA TYR E 186 -15.86 -19.56 73.29
C TYR E 186 -16.75 -20.44 74.17
N GLU E 187 -16.36 -21.70 74.35
CA GLU E 187 -17.12 -22.65 75.15
C GLU E 187 -16.84 -22.51 76.66
N LYS E 188 -16.69 -21.26 77.10
CA LYS E 188 -16.45 -20.96 78.51
C LYS E 188 -17.51 -20.03 79.08
N HIS E 189 -18.16 -19.27 78.21
CA HIS E 189 -19.08 -18.21 78.63
C HIS E 189 -20.49 -18.37 78.06
N LYS E 190 -21.44 -17.60 78.60
CA LYS E 190 -22.84 -17.73 78.24
C LYS E 190 -23.41 -16.51 77.50
N VAL E 191 -23.27 -15.32 78.07
CA VAL E 191 -23.95 -14.12 77.56
C VAL E 191 -23.08 -13.25 76.66
N TYR E 192 -23.19 -13.49 75.35
CA TYR E 192 -22.43 -12.75 74.34
C TYR E 192 -23.20 -11.50 73.90
N ALA E 193 -22.66 -10.33 74.21
CA ALA E 193 -23.38 -9.07 74.01
C ALA E 193 -22.62 -8.00 73.21
N CYS E 194 -23.36 -7.17 72.50
CA CYS E 194 -22.80 -6.08 71.70
C CYS E 194 -23.46 -4.76 72.08
N GLU E 195 -22.72 -3.92 72.82
CA GLU E 195 -23.22 -2.61 73.23
C GLU E 195 -22.84 -1.54 72.23
N VAL E 196 -23.83 -0.75 71.80
CA VAL E 196 -23.62 0.31 70.82
C VAL E 196 -24.12 1.65 71.37
N THR E 197 -23.20 2.61 71.48
CA THR E 197 -23.56 3.98 71.82
C THR E 197 -23.42 4.83 70.57
N HIS E 198 -24.49 5.56 70.25
CA HIS E 198 -24.51 6.44 69.08
C HIS E 198 -25.11 7.80 69.45
N GLN E 199 -24.97 8.75 68.54
CA GLN E 199 -25.68 10.02 68.63
C GLN E 199 -27.15 9.79 68.30
N GLY E 200 -27.42 8.75 67.51
CA GLY E 200 -28.75 8.45 67.02
C GLY E 200 -29.67 7.73 67.98
N LEU E 201 -29.21 7.52 69.20
CA LEU E 201 -29.97 6.81 70.23
C LEU E 201 -30.00 7.57 71.56
N SER E 202 -31.17 7.64 72.17
CA SER E 202 -31.32 8.28 73.48
C SER E 202 -30.32 7.72 74.50
N SER E 203 -30.24 6.39 74.56
CA SER E 203 -29.29 5.70 75.42
C SER E 203 -28.66 4.53 74.66
N PRO E 204 -27.50 4.02 75.10
CA PRO E 204 -26.84 2.91 74.42
C PRO E 204 -27.74 1.69 74.26
N VAL E 205 -27.72 1.10 73.06
CA VAL E 205 -28.56 -0.07 72.73
C VAL E 205 -27.72 -1.34 72.63
N THR E 206 -28.11 -2.35 73.40
CA THR E 206 -27.42 -3.64 73.42
C THR E 206 -28.20 -4.67 72.62
N LYS E 207 -27.49 -5.60 71.97
CA LYS E 207 -28.12 -6.74 71.32
C LYS E 207 -27.29 -7.98 71.60
N SER E 208 -27.92 -8.99 72.22
CA SER E 208 -27.19 -10.11 72.79
C SER E 208 -27.84 -11.47 72.53
N PHE E 209 -27.02 -12.52 72.58
CA PHE E 209 -27.50 -13.89 72.52
C PHE E 209 -26.84 -14.74 73.60
N ASN E 210 -27.56 -15.79 74.02
CA ASN E 210 -27.02 -16.79 74.91
C ASN E 210 -26.58 -18.00 74.08
N ARG E 211 -25.42 -18.56 74.41
CA ARG E 211 -24.81 -19.64 73.63
C ARG E 211 -25.55 -20.97 73.68
N GLY E 212 -26.06 -21.33 74.85
CA GLY E 212 -26.73 -22.61 75.04
C GLY E 212 -28.09 -22.77 74.38
N GLU E 213 -28.42 -21.81 73.49
CA GLU E 213 -29.69 -21.80 72.78
C GLU E 213 -29.58 -21.24 71.35
N CYS E 214 -28.35 -20.94 70.93
CA CYS E 214 -28.08 -20.42 69.58
C CYS E 214 -26.68 -20.79 69.08
N GLU F 1 -2.70 14.93 24.89
CA GLU F 1 -2.83 14.99 26.38
C GLU F 1 -1.65 14.30 27.07
N VAL F 2 -1.14 14.91 28.14
CA VAL F 2 -0.10 14.27 28.94
C VAL F 2 -0.68 13.00 29.57
N GLN F 3 -0.01 11.86 29.36
CA GLN F 3 -0.36 10.68 30.16
C GLN F 3 0.84 9.92 30.70
N LEU F 4 0.66 9.41 31.92
CA LEU F 4 1.65 8.62 32.63
C LEU F 4 1.03 7.28 33.00
N VAL F 5 1.73 6.19 32.71
CA VAL F 5 1.20 4.84 33.00
C VAL F 5 2.19 4.00 33.80
N GLU F 6 1.90 3.81 35.07
CA GLU F 6 2.73 2.97 35.93
C GLU F 6 2.43 1.52 35.62
N SER F 7 3.47 0.70 35.63
CA SER F 7 3.33 -0.73 35.45
C SER F 7 4.32 -1.41 36.38
N GLY F 8 4.20 -2.72 36.52
CA GLY F 8 5.21 -3.45 37.28
C GLY F 8 4.82 -3.81 38.71
N GLY F 9 3.73 -3.22 39.19
CA GLY F 9 3.21 -3.54 40.50
C GLY F 9 2.90 -5.02 40.59
N GLY F 10 3.02 -5.57 41.79
CA GLY F 10 2.82 -6.99 41.97
C GLY F 10 2.77 -7.44 43.41
N LEU F 11 3.12 -8.70 43.63
CA LEU F 11 3.17 -9.30 44.95
C LEU F 11 4.58 -9.78 45.21
N VAL F 12 5.11 -9.46 46.38
CA VAL F 12 6.46 -9.84 46.76
C VAL F 12 6.52 -10.24 48.21
N GLN F 13 7.40 -11.18 48.50
CA GLN F 13 7.69 -11.58 49.88
C GLN F 13 8.68 -10.58 50.43
N PRO F 14 8.72 -10.40 51.75
CA PRO F 14 9.72 -9.54 52.37
C PRO F 14 11.13 -9.91 51.91
N GLY F 15 11.93 -8.88 51.60
CA GLY F 15 13.29 -9.04 51.10
C GLY F 15 13.35 -9.46 49.64
N GLY F 16 12.37 -9.00 48.86
CA GLY F 16 12.28 -9.34 47.46
C GLY F 16 12.51 -8.10 46.62
N SER F 17 12.79 -8.31 45.34
CA SER F 17 13.01 -7.21 44.40
C SER F 17 11.73 -6.91 43.61
N LEU F 18 11.74 -5.79 42.90
CA LEU F 18 10.59 -5.37 42.12
C LEU F 18 10.87 -4.03 41.49
N ARG F 19 10.79 -3.97 40.17
CA ARG F 19 10.97 -2.70 39.47
C ARG F 19 9.64 -2.22 38.86
N LEU F 20 9.25 -1.00 39.20
CA LEU F 20 8.07 -0.40 38.62
C LEU F 20 8.54 0.54 37.54
N SER F 21 7.75 0.63 36.48
CA SER F 21 8.07 1.51 35.36
C SER F 21 7.03 2.61 35.33
N CYS F 22 7.46 3.80 34.94
CA CYS F 22 6.53 4.85 34.56
C CYS F 22 6.79 5.24 33.12
N ALA F 23 5.76 5.14 32.28
CA ALA F 23 5.88 5.41 30.86
C ALA F 23 5.17 6.71 30.52
N ALA F 24 5.96 7.77 30.33
CA ALA F 24 5.40 9.09 30.01
C ALA F 24 5.15 9.26 28.51
N SER F 25 4.30 10.23 28.18
CA SER F 25 3.99 10.55 26.78
C SER F 25 3.10 11.78 26.74
N GLY F 26 3.10 12.46 25.60
CA GLY F 26 2.31 13.67 25.44
C GLY F 26 2.99 14.95 25.86
N PHE F 27 4.28 14.87 26.21
CA PHE F 27 5.07 16.05 26.50
C PHE F 27 6.57 15.84 26.27
N THR F 28 7.33 16.93 26.20
CA THR F 28 8.79 16.81 26.11
C THR F 28 9.40 16.27 27.42
N PHE F 29 9.60 14.96 27.43
CA PHE F 29 10.09 14.21 28.56
C PHE F 29 11.37 14.78 29.21
N THR F 30 12.22 15.41 28.40
CA THR F 30 13.50 15.94 28.89
C THR F 30 13.48 17.36 29.46
N ASP F 31 12.29 17.95 29.53
CA ASP F 31 12.14 19.30 30.09
C ASP F 31 11.56 19.22 31.48
N TYR F 32 11.28 18.01 31.93
CA TYR F 32 10.66 17.82 33.23
C TYR F 32 11.44 16.79 34.00
N THR F 33 11.40 16.88 35.32
CA THR F 33 11.76 15.72 36.11
C THR F 33 10.51 15.08 36.69
N MET F 34 10.56 13.76 36.86
CA MET F 34 9.45 12.95 37.35
C MET F 34 9.71 12.41 38.74
N ASP F 35 8.63 12.07 39.45
CA ASP F 35 8.69 11.61 40.84
C ASP F 35 7.82 10.38 41.11
N TRP F 36 8.10 9.73 42.23
CA TRP F 36 7.23 8.67 42.75
C TRP F 36 6.63 9.07 44.11
N VAL F 37 5.31 8.93 44.22
CA VAL F 37 4.60 9.16 45.48
C VAL F 37 3.79 7.92 45.79
N ARG F 38 3.91 7.43 47.02
CA ARG F 38 3.18 6.22 47.40
C ARG F 38 2.05 6.51 48.38
N GLN F 39 1.08 5.61 48.41
CA GLN F 39 -0.03 5.70 49.34
C GLN F 39 -0.37 4.33 49.93
N ALA F 40 -0.06 4.13 51.20
CA ALA F 40 -0.41 2.90 51.91
C ALA F 40 -1.91 2.91 52.22
N PRO F 41 -2.54 1.73 52.31
CA PRO F 41 -4.01 1.65 52.36
C PRO F 41 -4.65 2.49 53.46
N GLY F 42 -5.43 3.47 53.05
CA GLY F 42 -6.16 4.31 53.97
C GLY F 42 -5.30 5.35 54.65
N LYS F 43 -4.06 5.49 54.20
CA LYS F 43 -3.17 6.50 54.74
C LYS F 43 -3.00 7.68 53.76
N GLY F 44 -2.17 8.65 54.13
CA GLY F 44 -1.93 9.79 53.28
C GLY F 44 -0.92 9.54 52.17
N LEU F 45 -0.27 10.60 51.71
CA LEU F 45 0.71 10.48 50.64
C LEU F 45 2.11 10.71 51.20
N GLU F 46 3.04 9.87 50.79
CA GLU F 46 4.43 9.97 51.23
C GLU F 46 5.27 10.06 49.95
N TRP F 47 6.10 11.10 49.87
CA TRP F 47 6.95 11.35 48.68
C TRP F 47 8.17 10.43 48.67
N VAL F 48 8.49 9.83 47.52
CA VAL F 48 9.59 8.87 47.46
C VAL F 48 10.87 9.47 46.92
N ALA F 49 10.87 9.80 45.62
CA ALA F 49 12.05 10.42 45.02
C ALA F 49 11.69 11.23 43.78
N ASP F 50 12.73 11.72 43.10
CA ASP F 50 12.60 12.54 41.89
C ASP F 50 13.81 12.24 41.03
N VAL F 51 13.61 11.88 39.77
CA VAL F 51 14.75 11.65 38.87
C VAL F 51 14.78 12.59 37.65
N ASN F 52 15.96 13.12 37.36
CA ASN F 52 16.21 14.04 36.24
C ASN F 52 16.73 13.26 35.03
N PRO F 53 16.09 13.39 33.87
CA PRO F 53 16.33 12.50 32.73
C PRO F 53 17.53 12.92 31.88
N ASN F 54 18.15 14.02 32.26
CA ASN F 54 19.33 14.54 31.58
C ASN F 54 20.59 14.13 32.31
N SER F 55 20.60 14.34 33.63
CA SER F 55 21.75 13.96 34.46
C SER F 55 21.69 12.50 34.84
N GLY F 56 20.50 11.95 34.95
CA GLY F 56 20.33 10.60 35.42
C GLY F 56 20.19 10.55 36.93
N GLY F 57 20.30 11.73 37.55
CA GLY F 57 20.36 11.85 39.00
C GLY F 57 19.02 11.96 39.71
N SER F 58 19.00 11.44 40.96
CA SER F 58 17.81 11.47 41.80
C SER F 58 17.98 12.19 43.14
N ILE F 59 16.86 12.70 43.65
CA ILE F 59 16.76 13.31 44.98
C ILE F 59 15.71 12.48 45.69
N TYR F 60 16.11 11.80 46.76
CA TYR F 60 15.21 10.83 47.36
C TYR F 60 14.97 11.11 48.84
N ASN F 61 13.75 10.84 49.29
CA ASN F 61 13.45 10.78 50.72
C ASN F 61 14.50 9.90 51.38
N GLN F 62 15.19 10.42 52.39
CA GLN F 62 16.19 9.63 53.09
C GLN F 62 15.66 8.26 53.51
N ARG F 63 14.35 8.17 53.77
CA ARG F 63 13.69 6.90 54.13
C ARG F 63 14.13 5.70 53.28
N PHE F 64 14.46 5.96 52.02
CA PHE F 64 14.59 4.90 51.03
C PHE F 64 15.97 4.78 50.38
N LYS F 65 16.99 5.38 50.99
CA LYS F 65 18.31 5.43 50.40
C LYS F 65 18.99 4.07 50.43
N GLY F 66 19.43 3.61 49.27
CA GLY F 66 20.11 2.33 49.15
C GLY F 66 19.16 1.20 48.85
N ARG F 67 17.93 1.34 49.35
CA ARG F 67 16.87 0.37 49.12
C ARG F 67 16.23 0.54 47.75
N PHE F 68 16.16 1.79 47.29
CA PHE F 68 15.42 2.17 46.09
C PHE F 68 16.33 2.86 45.07
N THR F 69 16.07 2.68 43.79
CA THR F 69 16.87 3.32 42.75
C THR F 69 16.03 3.78 41.58
N LEU F 70 16.16 5.05 41.20
CA LEU F 70 15.47 5.57 40.03
C LEU F 70 16.41 5.49 38.83
N SER F 71 15.85 5.26 37.64
CA SER F 71 16.61 5.34 36.40
C SER F 71 15.71 5.84 35.31
N VAL F 72 16.31 6.24 34.18
CA VAL F 72 15.52 6.68 33.03
C VAL F 72 16.05 6.01 31.77
N ASP F 73 15.11 5.56 30.93
CA ASP F 73 15.44 5.11 29.57
C ASP F 73 14.84 6.17 28.69
N ARG F 74 15.61 7.23 28.45
CA ARG F 74 15.06 8.41 27.79
C ARG F 74 14.65 8.17 26.34
N SER F 75 15.15 7.08 25.76
CA SER F 75 14.73 6.61 24.45
C SER F 75 13.26 6.16 24.42
N LYS F 76 12.74 5.77 25.58
CA LYS F 76 11.36 5.25 25.69
C LYS F 76 10.50 6.14 26.60
N ASN F 77 11.06 7.29 26.97
CA ASN F 77 10.36 8.29 27.78
C ASN F 77 9.81 7.65 29.04
N THR F 78 10.56 6.67 29.53
CA THR F 78 10.17 5.88 30.69
C THR F 78 11.15 6.12 31.83
N LEU F 79 10.62 6.16 33.06
CA LEU F 79 11.47 6.13 34.25
C LEU F 79 11.11 4.97 35.19
N TYR F 80 12.09 4.53 35.97
CA TYR F 80 11.97 3.28 36.71
C TYR F 80 12.20 3.44 38.21
N LEU F 81 11.57 2.58 38.99
CA LEU F 81 11.84 2.50 40.42
C LEU F 81 12.19 1.07 40.83
N GLN F 82 13.46 0.85 41.15
CA GLN F 82 13.95 -0.43 41.63
C GLN F 82 13.81 -0.49 43.13
N MET F 83 12.97 -1.41 43.61
CA MET F 83 12.82 -1.60 45.05
C MET F 83 13.37 -2.96 45.43
N ASN F 84 14.44 -2.96 46.24
CA ASN F 84 14.95 -4.20 46.83
C ASN F 84 14.73 -4.21 48.34
N SER F 85 14.93 -5.39 48.95
CA SER F 85 14.72 -5.61 50.39
C SER F 85 13.40 -5.02 50.87
N LEU F 86 12.32 -5.40 50.19
CA LEU F 86 10.99 -4.86 50.44
C LEU F 86 10.43 -5.30 51.80
N ARG F 87 9.79 -4.38 52.50
CA ARG F 87 9.18 -4.69 53.78
C ARG F 87 7.70 -4.25 53.85
N ALA F 88 6.97 -4.81 54.82
CA ALA F 88 5.53 -4.58 54.98
C ALA F 88 5.14 -3.13 54.76
N GLU F 89 5.78 -2.23 55.48
CA GLU F 89 5.48 -0.80 55.43
C GLU F 89 5.47 -0.22 54.00
N ASP F 90 6.13 -0.91 53.08
CA ASP F 90 6.19 -0.48 51.67
C ASP F 90 5.00 -0.97 50.85
N THR F 91 4.11 -1.74 51.49
CA THR F 91 2.84 -2.09 50.87
C THR F 91 2.04 -0.81 50.67
N ALA F 92 1.90 -0.41 49.41
CA ALA F 92 1.32 0.88 49.07
C ALA F 92 1.08 1.00 47.57
N VAL F 93 0.23 1.93 47.17
CA VAL F 93 0.05 2.27 45.76
C VAL F 93 1.11 3.28 45.40
N TYR F 94 1.81 3.03 44.29
CA TYR F 94 2.92 3.88 43.90
C TYR F 94 2.55 4.69 42.66
N TYR F 95 2.35 5.99 42.89
CA TYR F 95 2.03 6.94 41.83
C TYR F 95 3.30 7.48 41.25
N CYS F 96 3.25 7.77 39.96
CA CYS F 96 4.33 8.46 39.27
C CYS F 96 3.76 9.76 38.79
N ALA F 97 4.45 10.86 39.08
CA ALA F 97 3.93 12.19 38.75
C ALA F 97 4.98 13.16 38.19
N ARG F 98 4.51 14.26 37.59
CA ARG F 98 5.41 15.27 37.00
C ARG F 98 5.76 16.42 37.94
N ASN F 99 7.04 16.60 38.19
CA ASN F 99 7.53 17.72 39.00
C ASN F 99 7.37 18.98 38.18
N LEU F 100 6.69 19.99 38.70
CA LEU F 100 6.16 21.01 37.81
C LEU F 100 7.19 22.03 37.38
N GLY F 101 7.16 23.20 38.02
CA GLY F 101 8.35 24.04 37.99
C GLY F 101 9.17 23.02 38.72
N PRO F 102 10.47 22.92 38.42
CA PRO F 102 11.29 21.97 39.18
C PRO F 102 11.40 22.47 40.63
N SER F 103 10.35 23.16 41.09
CA SER F 103 9.92 23.20 42.50
C SER F 103 9.34 21.82 42.78
N PHE F 104 8.72 21.57 43.93
CA PHE F 104 8.31 20.16 44.15
C PHE F 104 6.83 19.82 44.34
N TYR F 105 5.97 20.40 43.52
CA TYR F 105 4.57 19.99 43.47
C TYR F 105 4.30 19.35 42.10
N PHE F 106 3.19 18.63 41.98
CA PHE F 106 3.07 17.70 40.87
C PHE F 106 1.72 17.80 40.18
N ASP F 107 1.74 17.98 38.85
CA ASP F 107 0.48 18.14 38.14
C ASP F 107 -0.12 16.83 37.66
N TYR F 108 0.44 16.22 36.61
CA TYR F 108 -0.17 15.02 36.06
C TYR F 108 0.24 13.82 36.90
N TRP F 109 -0.75 13.06 37.33
CA TRP F 109 -0.50 11.88 38.14
C TRP F 109 -0.95 10.65 37.37
N GLY F 110 -0.15 9.60 37.41
CA GLY F 110 -0.53 8.30 36.86
C GLY F 110 -1.64 7.67 37.68
N GLN F 111 -2.16 6.54 37.18
CA GLN F 111 -3.26 5.83 37.85
C GLN F 111 -2.76 5.16 39.12
N GLY F 112 -1.47 4.92 39.18
CA GLY F 112 -0.84 4.26 40.30
C GLY F 112 -0.84 2.75 40.09
N THR F 113 0.21 2.10 40.57
CA THR F 113 0.32 0.66 40.56
C THR F 113 0.48 0.20 42.00
N LEU F 114 -0.12 -0.93 42.36
CA LEU F 114 -0.11 -1.37 43.75
C LEU F 114 0.98 -2.40 44.02
N VAL F 115 1.67 -2.20 45.14
CA VAL F 115 2.67 -3.15 45.61
C VAL F 115 2.23 -3.69 46.97
N THR F 116 2.18 -5.01 47.08
CA THR F 116 1.80 -5.70 48.31
C THR F 116 2.95 -6.59 48.77
N VAL F 117 3.38 -6.37 50.01
CA VAL F 117 4.46 -7.14 50.62
C VAL F 117 3.86 -8.01 51.71
N SER F 118 4.04 -9.32 51.60
CA SER F 118 3.46 -10.27 52.57
C SER F 118 4.17 -11.61 52.53
N SER F 119 4.41 -12.18 53.71
CA SER F 119 4.95 -13.52 53.84
C SER F 119 3.93 -14.57 53.41
N ALA F 120 2.64 -14.23 53.57
CA ALA F 120 1.52 -15.15 53.42
C ALA F 120 1.39 -15.80 52.03
N SER F 121 0.97 -17.05 52.03
CA SER F 121 0.73 -17.83 50.80
C SER F 121 -0.75 -17.88 50.42
N THR F 122 -1.02 -17.77 49.13
CA THR F 122 -2.38 -17.66 48.57
C THR F 122 -3.33 -18.75 49.05
N LYS F 123 -4.50 -18.33 49.55
CA LYS F 123 -5.44 -19.22 50.21
C LYS F 123 -6.91 -18.88 49.93
N GLY F 124 -7.65 -19.85 49.38
CA GLY F 124 -9.08 -19.72 49.19
C GLY F 124 -9.81 -19.47 50.51
N PRO F 125 -10.90 -18.71 50.47
CA PRO F 125 -11.61 -18.30 51.69
C PRO F 125 -12.53 -19.37 52.24
N SER F 126 -12.73 -19.35 53.56
CA SER F 126 -13.72 -20.19 54.21
C SER F 126 -15.00 -19.36 54.39
N VAL F 127 -16.13 -19.91 53.96
CA VAL F 127 -17.39 -19.16 53.97
C VAL F 127 -18.41 -19.74 54.93
N PHE F 128 -18.74 -18.97 55.97
CA PHE F 128 -19.69 -19.39 57.00
C PHE F 128 -20.93 -18.51 56.97
N PRO F 129 -22.09 -19.10 57.24
CA PRO F 129 -23.35 -18.36 57.23
C PRO F 129 -23.51 -17.44 58.42
N LEU F 130 -23.86 -16.19 58.14
CA LEU F 130 -24.37 -15.26 59.15
C LEU F 130 -25.89 -15.30 59.10
N ALA F 131 -26.49 -15.85 60.15
CA ALA F 131 -27.90 -16.24 60.13
C ALA F 131 -28.83 -15.29 60.89
N PRO F 132 -30.07 -15.15 60.41
CA PRO F 132 -31.08 -14.33 61.08
C PRO F 132 -31.57 -15.00 62.38
N SER F 133 -32.51 -14.36 63.08
CA SER F 133 -33.13 -14.94 64.28
C SER F 133 -34.57 -14.45 64.54
N SER F 134 -35.22 -15.08 65.52
CA SER F 134 -36.54 -14.66 66.00
C SER F 134 -36.45 -13.44 66.92
N LYS F 135 -35.25 -13.19 67.42
CA LYS F 135 -34.94 -12.02 68.25
C LYS F 135 -34.14 -10.99 67.45
N SER F 136 -34.45 -10.90 66.16
CA SER F 136 -33.84 -9.93 65.24
C SER F 136 -34.93 -9.11 64.53
N THR F 137 -36.19 -9.47 64.82
CA THR F 137 -37.38 -8.87 64.20
C THR F 137 -37.59 -7.36 64.51
N SER F 138 -37.20 -6.52 63.56
CA SER F 138 -37.37 -5.06 63.65
C SER F 138 -38.63 -4.59 62.90
N GLY F 139 -39.80 -4.93 63.44
CA GLY F 139 -41.09 -4.58 62.86
C GLY F 139 -41.42 -5.36 61.60
N GLY F 140 -40.37 -5.84 60.92
CA GLY F 140 -40.49 -6.56 59.67
C GLY F 140 -39.21 -6.49 58.86
N THR F 141 -38.08 -6.32 59.54
CA THR F 141 -36.78 -6.27 58.87
C THR F 141 -35.76 -7.11 59.64
N ALA F 142 -35.12 -8.02 58.90
CA ALA F 142 -34.13 -8.93 59.48
C ALA F 142 -32.89 -8.99 58.59
N ALA F 143 -31.73 -9.19 59.21
CA ALA F 143 -30.47 -9.25 58.47
C ALA F 143 -29.89 -10.66 58.41
N LEU F 144 -28.98 -10.86 57.46
CA LEU F 144 -28.22 -12.10 57.31
C LEU F 144 -27.00 -11.84 56.43
N GLY F 145 -26.12 -12.83 56.32
CA GLY F 145 -24.95 -12.67 55.48
C GLY F 145 -24.07 -13.90 55.31
N CYS F 146 -22.83 -13.64 54.90
CA CYS F 146 -21.80 -14.65 54.76
C CYS F 146 -20.52 -14.01 55.23
N LEU F 147 -19.90 -14.58 56.27
CA LEU F 147 -18.57 -14.14 56.68
C LEU F 147 -17.54 -14.92 55.87
N VAL F 148 -16.72 -14.19 55.13
CA VAL F 148 -15.70 -14.79 54.29
C VAL F 148 -14.33 -14.70 54.96
N LYS F 149 -14.05 -15.66 55.84
CA LYS F 149 -12.85 -15.62 56.69
C LYS F 149 -11.62 -16.28 56.07
N ASP F 150 -10.47 -15.68 56.35
CA ASP F 150 -9.15 -16.21 56.01
C ASP F 150 -8.92 -16.45 54.52
N TYR F 151 -8.48 -15.41 53.81
CA TYR F 151 -8.08 -15.51 52.41
C TYR F 151 -6.94 -14.57 52.02
N PHE F 152 -6.27 -14.90 50.93
CA PHE F 152 -5.13 -14.12 50.43
C PHE F 152 -4.89 -14.37 48.94
N PRO F 153 -4.62 -13.30 48.18
CA PRO F 153 -4.76 -11.93 48.66
C PRO F 153 -6.10 -11.33 48.23
N GLU F 154 -6.17 -10.00 48.20
CA GLU F 154 -7.33 -9.29 47.68
C GLU F 154 -7.46 -9.56 46.17
N PRO F 155 -8.67 -9.47 45.62
CA PRO F 155 -9.92 -9.34 46.37
C PRO F 155 -10.77 -10.61 46.37
N VAL F 156 -11.97 -10.53 46.97
CA VAL F 156 -13.04 -11.47 46.66
C VAL F 156 -14.17 -10.67 46.00
N THR F 157 -15.22 -11.37 45.56
CA THR F 157 -16.41 -10.72 45.02
C THR F 157 -17.66 -11.47 45.47
N VAL F 158 -18.45 -10.80 46.31
CA VAL F 158 -19.66 -11.40 46.84
C VAL F 158 -20.89 -10.91 46.07
N SER F 159 -21.56 -11.83 45.39
CA SER F 159 -22.86 -11.58 44.80
C SER F 159 -23.87 -12.52 45.48
N TRP F 160 -25.15 -12.17 45.43
CA TRP F 160 -26.19 -12.97 46.07
C TRP F 160 -27.20 -13.46 45.04
N ASN F 161 -27.62 -14.72 45.20
CA ASN F 161 -28.60 -15.36 44.32
C ASN F 161 -28.22 -15.21 42.85
N SER F 162 -27.02 -15.70 42.51
CA SER F 162 -26.43 -15.58 41.17
C SER F 162 -26.26 -14.13 40.67
N GLY F 163 -26.84 -13.16 41.38
CA GLY F 163 -26.73 -11.75 41.03
C GLY F 163 -28.05 -11.00 40.90
N ALA F 164 -29.13 -11.61 41.41
CA ALA F 164 -30.47 -10.99 41.32
C ALA F 164 -30.74 -10.00 42.46
N LEU F 165 -30.40 -10.39 43.69
CA LEU F 165 -30.60 -9.52 44.85
C LEU F 165 -29.46 -8.53 45.00
N THR F 166 -29.82 -7.25 45.21
CA THR F 166 -28.83 -6.18 45.37
C THR F 166 -29.24 -5.19 46.47
N SER F 167 -30.54 -5.12 46.75
CA SER F 167 -31.11 -4.14 47.69
C SER F 167 -30.97 -4.60 49.14
N GLY F 168 -30.37 -3.73 49.96
CA GLY F 168 -30.16 -4.02 51.38
C GLY F 168 -28.81 -4.63 51.65
N VAL F 169 -28.11 -4.96 50.57
CA VAL F 169 -26.79 -5.59 50.62
C VAL F 169 -25.70 -4.61 51.06
N HIS F 170 -24.67 -5.13 51.70
CA HIS F 170 -23.52 -4.35 52.18
C HIS F 170 -22.30 -5.25 52.22
N THR F 171 -21.50 -5.23 51.16
CA THR F 171 -20.29 -6.03 51.13
C THR F 171 -19.14 -5.19 51.66
N PHE F 172 -18.78 -5.47 52.92
CA PHE F 172 -17.77 -4.67 53.64
C PHE F 172 -16.38 -4.72 53.02
N PRO F 173 -15.57 -3.69 53.26
CA PRO F 173 -14.15 -3.76 52.94
C PRO F 173 -13.51 -4.86 53.76
N ALA F 174 -12.52 -5.56 53.21
CA ALA F 174 -11.82 -6.59 53.98
C ALA F 174 -10.93 -5.97 55.05
N VAL F 175 -10.61 -6.75 56.07
CA VAL F 175 -9.59 -6.40 57.06
C VAL F 175 -8.50 -7.44 57.06
N LEU F 176 -7.27 -7.00 56.92
CA LEU F 176 -6.12 -7.89 57.01
C LEU F 176 -5.95 -8.24 58.48
N GLN F 177 -6.06 -9.52 58.79
CA GLN F 177 -6.04 -10.01 60.18
C GLN F 177 -4.59 -10.12 60.71
N SER F 178 -4.44 -10.63 61.93
CA SER F 178 -3.11 -10.84 62.49
C SER F 178 -2.36 -11.91 61.73
N SER F 179 -3.11 -12.88 61.22
CA SER F 179 -2.55 -14.06 60.56
C SER F 179 -1.87 -13.75 59.22
N GLY F 180 -2.02 -12.51 58.77
CA GLY F 180 -1.53 -12.10 57.46
C GLY F 180 -2.60 -12.25 56.39
N LEU F 181 -3.80 -12.68 56.79
CA LEU F 181 -4.89 -12.97 55.85
C LEU F 181 -6.07 -12.00 55.99
N TYR F 182 -6.83 -11.85 54.91
CA TYR F 182 -7.96 -10.92 54.87
C TYR F 182 -9.23 -11.63 55.24
N SER F 183 -10.28 -10.86 55.53
CA SER F 183 -11.59 -11.39 55.92
C SER F 183 -12.67 -10.31 55.98
N LEU F 184 -13.63 -10.40 55.07
CA LEU F 184 -14.80 -9.53 55.11
C LEU F 184 -16.04 -10.36 55.34
N SER F 185 -17.16 -9.68 55.58
CA SER F 185 -18.45 -10.31 55.48
C SER F 185 -19.32 -9.43 54.58
N SER F 186 -20.43 -9.98 54.12
CA SER F 186 -21.39 -9.23 53.35
C SER F 186 -22.79 -9.53 53.86
N VAL F 187 -23.41 -8.52 54.45
CA VAL F 187 -24.75 -8.68 55.01
C VAL F 187 -25.79 -8.15 54.05
N VAL F 188 -27.05 -8.52 54.31
CA VAL F 188 -28.20 -8.02 53.56
C VAL F 188 -29.45 -8.00 54.46
N THR F 189 -30.26 -6.96 54.31
CA THR F 189 -31.51 -6.86 55.04
C THR F 189 -32.68 -7.28 54.16
N VAL F 190 -33.52 -8.16 54.70
CA VAL F 190 -34.69 -8.66 54.00
C VAL F 190 -35.91 -8.72 54.93
N PRO F 191 -37.10 -8.51 54.38
CA PRO F 191 -38.35 -8.68 55.13
C PRO F 191 -38.56 -10.09 55.69
N SER F 192 -39.19 -10.17 56.87
CA SER F 192 -39.46 -11.43 57.56
C SER F 192 -40.72 -12.13 57.03
N SER F 193 -41.46 -11.44 56.17
CA SER F 193 -42.62 -12.01 55.49
C SER F 193 -42.19 -13.01 54.40
N SER F 194 -40.99 -12.84 53.89
CA SER F 194 -40.40 -13.78 52.93
C SER F 194 -39.06 -14.34 53.43
N LEU F 195 -39.09 -14.89 54.65
CA LEU F 195 -37.93 -15.56 55.23
C LEU F 195 -38.03 -17.07 55.04
N GLY F 196 -39.17 -17.64 55.42
CA GLY F 196 -39.41 -19.07 55.25
C GLY F 196 -39.81 -19.45 53.84
N THR F 197 -39.53 -18.58 52.86
CA THR F 197 -39.84 -18.86 51.45
C THR F 197 -38.66 -18.63 50.49
N GLN F 198 -37.92 -17.55 50.68
CA GLN F 198 -36.83 -17.21 49.77
C GLN F 198 -35.50 -17.86 50.17
N THR F 199 -34.90 -18.55 49.22
CA THR F 199 -33.57 -19.15 49.37
C THR F 199 -32.50 -18.08 49.11
N TYR F 200 -31.51 -17.98 50.00
CA TYR F 200 -30.46 -16.95 49.86
C TYR F 200 -29.03 -17.49 49.76
N ILE F 201 -28.59 -17.86 48.55
CA ILE F 201 -27.21 -18.27 48.33
C ILE F 201 -26.32 -17.05 48.10
N CYS F 202 -25.15 -17.05 48.73
CA CYS F 202 -24.14 -16.05 48.38
C CYS F 202 -23.08 -16.68 47.50
N ASN F 203 -22.84 -16.05 46.36
CA ASN F 203 -21.76 -16.46 45.47
C ASN F 203 -20.47 -15.75 45.87
N VAL F 204 -19.67 -16.42 46.68
CA VAL F 204 -18.35 -15.92 47.00
C VAL F 204 -17.39 -16.41 45.92
N ASN F 205 -16.68 -15.47 45.31
CA ASN F 205 -15.68 -15.78 44.31
C ASN F 205 -14.27 -15.38 44.77
N HIS F 206 -13.27 -16.06 44.20
CA HIS F 206 -11.88 -15.83 44.54
C HIS F 206 -11.00 -16.20 43.35
N LYS F 207 -10.60 -15.19 42.59
CA LYS F 207 -9.86 -15.39 41.34
C LYS F 207 -8.42 -15.93 41.51
N PRO F 208 -7.64 -15.41 42.46
CA PRO F 208 -6.26 -15.87 42.65
C PRO F 208 -6.11 -17.31 43.14
N SER F 209 -7.17 -17.90 43.69
CA SER F 209 -7.13 -19.30 44.12
C SER F 209 -8.15 -20.18 43.39
N ASN F 210 -8.83 -19.58 42.40
CA ASN F 210 -9.81 -20.27 41.54
C ASN F 210 -10.99 -20.89 42.29
N THR F 211 -11.44 -20.23 43.36
CA THR F 211 -12.54 -20.78 44.18
C THR F 211 -13.90 -20.12 43.94
N LYS F 212 -14.87 -20.96 43.57
CA LYS F 212 -16.25 -20.54 43.39
C LYS F 212 -17.10 -21.19 44.48
N VAL F 213 -17.06 -20.62 45.68
CA VAL F 213 -17.70 -21.20 46.85
C VAL F 213 -19.18 -20.81 46.94
N ASP F 214 -20.05 -21.82 47.01
CA ASP F 214 -21.50 -21.63 47.16
C ASP F 214 -21.98 -22.11 48.52
N LYS F 215 -22.08 -21.21 49.48
CA LYS F 215 -22.67 -21.53 50.78
C LYS F 215 -24.03 -20.82 50.96
N LYS F 216 -25.02 -21.61 51.38
CA LYS F 216 -26.42 -21.20 51.45
C LYS F 216 -26.83 -20.80 52.87
N VAL F 217 -27.59 -19.71 52.97
CA VAL F 217 -27.91 -19.12 54.27
C VAL F 217 -29.31 -19.49 54.79
N GLU F 218 -29.33 -20.12 55.96
CA GLU F 218 -30.58 -20.54 56.61
C GLU F 218 -30.61 -20.09 58.06
N PRO F 219 -31.80 -20.08 58.68
CA PRO F 219 -31.90 -19.92 60.14
C PRO F 219 -31.53 -21.22 60.86
N LYS F 220 -31.04 -21.10 62.10
CA LYS F 220 -30.74 -22.27 62.93
C LYS F 220 -31.83 -22.48 63.99
N SER F 221 -31.86 -23.67 64.59
CA SER F 221 -32.92 -24.07 65.53
C SER F 221 -32.73 -23.50 66.96
N CYS F 222 -32.61 -22.18 67.07
CA CYS F 222 -32.51 -21.49 68.36
C CYS F 222 -33.79 -21.62 69.19
#